data_9FQB
# 
_entry.id   9FQB 
# 
_audit_conform.dict_name       mmcif_pdbx.dic 
_audit_conform.dict_version    5.404 
_audit_conform.dict_location   http://mmcif.pdb.org/dictionaries/ascii/mmcif_pdbx.dic 
# 
loop_
_database_2.database_id 
_database_2.database_code 
_database_2.pdbx_database_accession 
_database_2.pdbx_DOI 
PDB   9FQB         pdb_00009fqb 10.2210/pdb9fqb/pdb 
WWPDB D_1292139343 ?            ?                   
# 
_pdbx_audit_revision_history.ordinal             1 
_pdbx_audit_revision_history.data_content_type   'Structure model' 
_pdbx_audit_revision_history.major_revision      1 
_pdbx_audit_revision_history.minor_revision      0 
_pdbx_audit_revision_history.revision_date       2025-06-25 
_pdbx_audit_revision_history.part_number         ? 
# 
_pdbx_audit_revision_details.ordinal             1 
_pdbx_audit_revision_details.revision_ordinal    1 
_pdbx_audit_revision_details.data_content_type   'Structure model' 
_pdbx_audit_revision_details.provider            repository 
_pdbx_audit_revision_details.type                'Initial release' 
_pdbx_audit_revision_details.description         ? 
_pdbx_audit_revision_details.details             ? 
# 
_pdbx_database_status.status_code                     REL 
_pdbx_database_status.status_code_sf                  REL 
_pdbx_database_status.status_code_mr                  ? 
_pdbx_database_status.entry_id                        9FQB 
_pdbx_database_status.recvd_initial_deposition_date   2024-06-14 
_pdbx_database_status.SG_entry                        N 
_pdbx_database_status.deposit_site                    PDBE 
_pdbx_database_status.process_site                    PDBE 
_pdbx_database_status.status_code_cs                  ? 
_pdbx_database_status.status_code_nmr_data            ? 
_pdbx_database_status.methods_development_category    ? 
_pdbx_database_status.pdb_format_compatible           Y 
# 
_pdbx_contact_author.id                 2 
_pdbx_contact_author.email              sabe@mpinat.mpg.de 
_pdbx_contact_author.name_first         Stefan 
_pdbx_contact_author.name_last          Becker 
_pdbx_contact_author.name_mi            ? 
_pdbx_contact_author.role               'principal investigator/group leader' 
_pdbx_contact_author.identifier_ORCID   0000-0003-2041-5740 
# 
_audit_author.name               'Becker, S.' 
_audit_author.pdbx_ordinal       1 
_audit_author.identifier_ORCID   ? 
# 
_citation.abstract                  ? 
_citation.abstract_id_CAS           ? 
_citation.book_id_ISBN              ? 
_citation.book_publisher            ? 
_citation.book_publisher_city       ? 
_citation.book_title                ? 
_citation.coordinate_linkage        ? 
_citation.country                   ? 
_citation.database_id_Medline       ? 
_citation.details                   ? 
_citation.id                        primary 
_citation.journal_abbrev            'To Be Published' 
_citation.journal_id_ASTM           ? 
_citation.journal_id_CSD            0353 
_citation.journal_id_ISSN           ? 
_citation.journal_full              ? 
_citation.journal_issue             ? 
_citation.journal_volume            ? 
_citation.language                  ? 
_citation.page_first                ? 
_citation.page_last                 ? 
_citation.title                     'crystal structure of ClY21-HNP1' 
_citation.year                      ? 
_citation.database_id_CSD           ? 
_citation.pdbx_database_id_DOI      ? 
_citation.pdbx_database_id_PubMed   ? 
_citation.pdbx_database_id_patent   ? 
_citation.unpublished_flag          ? 
# 
_citation_author.citation_id        primary 
_citation_author.name               'Becker, S.' 
_citation_author.ordinal            1 
_citation_author.identifier_ORCID   ? 
# 
loop_
_entity.id 
_entity.type 
_entity.src_method 
_entity.pdbx_description 
_entity.formula_weight 
_entity.pdbx_number_of_molecules 
_entity.pdbx_ec 
_entity.pdbx_mutation 
_entity.pdbx_fragment 
_entity.details 
1 polymer     syn 'Neutrophil defensin 1' 3486.556 2  ? ? ? '3-chlorotyrosine at position 21' 
2 non-polymer syn 'ACETATE ION'           59.044   4  ? ? ? ?                                 
3 water       nat water                   18.015   84 ? ? ? ?                                 
# 
_entity_name_com.entity_id   1 
_entity_name_com.name        'Defensin,alpha 1,HNP-1,HP-1,HP1' 
# 
_entity_poly.entity_id                      1 
_entity_poly.type                           'polypeptide(L)' 
_entity_poly.nstd_linkage                   no 
_entity_poly.nstd_monomer                   yes 
_entity_poly.pdbx_seq_one_letter_code       'ACYCRIPACIAGERRYGTCI(3CT)QGRLWAFCC' 
_entity_poly.pdbx_seq_one_letter_code_can   ACYCRIPACIAGERRYGTCIXQGRLWAFCC 
_entity_poly.pdbx_strand_id                 A,B 
_entity_poly.pdbx_target_identifier         ? 
# 
loop_
_pdbx_entity_nonpoly.entity_id 
_pdbx_entity_nonpoly.name 
_pdbx_entity_nonpoly.comp_id 
2 'ACETATE ION' ACT 
3 water         HOH 
# 
loop_
_entity_poly_seq.entity_id 
_entity_poly_seq.num 
_entity_poly_seq.mon_id 
_entity_poly_seq.hetero 
1 1  ALA n 
1 2  CYS n 
1 3  TYR n 
1 4  CYS n 
1 5  ARG n 
1 6  ILE n 
1 7  PRO n 
1 8  ALA n 
1 9  CYS n 
1 10 ILE n 
1 11 ALA n 
1 12 GLY n 
1 13 GLU n 
1 14 ARG n 
1 15 ARG n 
1 16 TYR n 
1 17 GLY n 
1 18 THR n 
1 19 CYS n 
1 20 ILE n 
1 21 3CT n 
1 22 GLN n 
1 23 GLY n 
1 24 ARG n 
1 25 LEU n 
1 26 TRP n 
1 27 ALA n 
1 28 PHE n 
1 29 CYS n 
1 30 CYS n 
# 
_pdbx_entity_src_syn.entity_id              1 
_pdbx_entity_src_syn.pdbx_src_id            1 
_pdbx_entity_src_syn.pdbx_alt_source_flag   sample 
_pdbx_entity_src_syn.pdbx_beg_seq_num       1 
_pdbx_entity_src_syn.pdbx_end_seq_num       30 
_pdbx_entity_src_syn.organism_scientific    'Homo sapiens' 
_pdbx_entity_src_syn.organism_common_name   human 
_pdbx_entity_src_syn.ncbi_taxonomy_id       9606 
_pdbx_entity_src_syn.details                ? 
# 
loop_
_chem_comp.id 
_chem_comp.type 
_chem_comp.mon_nstd_flag 
_chem_comp.name 
_chem_comp.pdbx_synonyms 
_chem_comp.formula 
_chem_comp.formula_weight 
3CT 'L-peptide linking' n 3-chloro-L-tyrosine ? 'C9 H10 Cl N O3' 215.634 
ACT non-polymer         . 'ACETATE ION'       ? 'C2 H3 O2 -1'    59.044  
ALA 'L-peptide linking' y ALANINE             ? 'C3 H7 N O2'     89.093  
ARG 'L-peptide linking' y ARGININE            ? 'C6 H15 N4 O2 1' 175.209 
CYS 'L-peptide linking' y CYSTEINE            ? 'C3 H7 N O2 S'   121.158 
GLN 'L-peptide linking' y GLUTAMINE           ? 'C5 H10 N2 O3'   146.144 
GLU 'L-peptide linking' y 'GLUTAMIC ACID'     ? 'C5 H9 N O4'     147.129 
GLY 'peptide linking'   y GLYCINE             ? 'C2 H5 N O2'     75.067  
HOH non-polymer         . WATER               ? 'H2 O'           18.015  
ILE 'L-peptide linking' y ISOLEUCINE          ? 'C6 H13 N O2'    131.173 
LEU 'L-peptide linking' y LEUCINE             ? 'C6 H13 N O2'    131.173 
PHE 'L-peptide linking' y PHENYLALANINE       ? 'C9 H11 N O2'    165.189 
PRO 'L-peptide linking' y PROLINE             ? 'C5 H9 N O2'     115.130 
THR 'L-peptide linking' y THREONINE           ? 'C4 H9 N O3'     119.119 
TRP 'L-peptide linking' y TRYPTOPHAN          ? 'C11 H12 N2 O2'  204.225 
TYR 'L-peptide linking' y TYROSINE            ? 'C9 H11 N O3'    181.189 
# 
loop_
_pdbx_poly_seq_scheme.asym_id 
_pdbx_poly_seq_scheme.entity_id 
_pdbx_poly_seq_scheme.seq_id 
_pdbx_poly_seq_scheme.mon_id 
_pdbx_poly_seq_scheme.ndb_seq_num 
_pdbx_poly_seq_scheme.pdb_seq_num 
_pdbx_poly_seq_scheme.auth_seq_num 
_pdbx_poly_seq_scheme.pdb_mon_id 
_pdbx_poly_seq_scheme.auth_mon_id 
_pdbx_poly_seq_scheme.pdb_strand_id 
_pdbx_poly_seq_scheme.pdb_ins_code 
_pdbx_poly_seq_scheme.hetero 
A 1 1  ALA 1  1  1  ALA ALA A . n 
A 1 2  CYS 2  2  2  CYS CYS A . n 
A 1 3  TYR 3  3  3  TYR TYR A . n 
A 1 4  CYS 4  4  4  CYS CYS A . n 
A 1 5  ARG 5  5  5  ARG ARG A . n 
A 1 6  ILE 6  6  6  ILE ILE A . n 
A 1 7  PRO 7  7  7  PRO PRO A . n 
A 1 8  ALA 8  8  8  ALA ALA A . n 
A 1 9  CYS 9  9  9  CYS CYS A . n 
A 1 10 ILE 10 10 10 ILE ILE A . n 
A 1 11 ALA 11 11 11 ALA ALA A . n 
A 1 12 GLY 12 12 12 GLY GLY A . n 
A 1 13 GLU 13 13 13 GLU GLU A . n 
A 1 14 ARG 14 14 14 ARG ARG A . n 
A 1 15 ARG 15 15 15 ARG ARG A . n 
A 1 16 TYR 16 16 16 TYR TYR A . n 
A 1 17 GLY 17 17 17 GLY GLY A . n 
A 1 18 THR 18 18 18 THR THR A . n 
A 1 19 CYS 19 19 19 CYS CYS A . n 
A 1 20 ILE 20 20 20 ILE ILE A . n 
A 1 21 3CT 21 21 21 3CT 3CT A . n 
A 1 22 GLN 22 22 22 GLN GLN A . n 
A 1 23 GLY 23 23 23 GLY GLY A . n 
A 1 24 ARG 24 24 24 ARG ARG A . n 
A 1 25 LEU 25 25 25 LEU LEU A . n 
A 1 26 TRP 26 26 26 TRP TRP A . n 
A 1 27 ALA 27 27 27 ALA ALA A . n 
A 1 28 PHE 28 28 28 PHE PHE A . n 
A 1 29 CYS 29 29 29 CYS CYS A . n 
A 1 30 CYS 30 30 30 CYS CYS A . n 
B 1 1  ALA 1  1  1  ALA ALA B . n 
B 1 2  CYS 2  2  2  CYS CYS B . n 
B 1 3  TYR 3  3  3  TYR TYR B . n 
B 1 4  CYS 4  4  4  CYS CYS B . n 
B 1 5  ARG 5  5  5  ARG ARG B . n 
B 1 6  ILE 6  6  6  ILE ILE B . n 
B 1 7  PRO 7  7  7  PRO PRO B . n 
B 1 8  ALA 8  8  8  ALA ALA B . n 
B 1 9  CYS 9  9  9  CYS CYS B . n 
B 1 10 ILE 10 10 10 ILE ILE B . n 
B 1 11 ALA 11 11 11 ALA ALA B . n 
B 1 12 GLY 12 12 12 GLY GLY B . n 
B 1 13 GLU 13 13 13 GLU GLU B . n 
B 1 14 ARG 14 14 14 ARG ARG B . n 
B 1 15 ARG 15 15 15 ARG ARG B . n 
B 1 16 TYR 16 16 16 TYR TYR B . n 
B 1 17 GLY 17 17 17 GLY GLY B . n 
B 1 18 THR 18 18 18 THR THR B . n 
B 1 19 CYS 19 19 19 CYS CYS B . n 
B 1 20 ILE 20 20 20 ILE ILE B . n 
B 1 21 3CT 21 21 21 3CT 3CT B . n 
B 1 22 GLN 22 22 22 GLN GLN B . n 
B 1 23 GLY 23 23 23 GLY GLY B . n 
B 1 24 ARG 24 24 24 ARG ARG B . n 
B 1 25 LEU 25 25 25 LEU LEU B . n 
B 1 26 TRP 26 26 26 TRP TRP B . n 
B 1 27 ALA 27 27 27 ALA ALA B . n 
B 1 28 PHE 28 28 28 PHE PHE B . n 
B 1 29 CYS 29 29 29 CYS CYS B . n 
B 1 30 CYS 30 30 30 CYS CYS B . n 
# 
_pdbx_entity_instance_feature.ordinal        1 
_pdbx_entity_instance_feature.comp_id        3CT 
_pdbx_entity_instance_feature.asym_id        ? 
_pdbx_entity_instance_feature.seq_num        ? 
_pdbx_entity_instance_feature.auth_comp_id   3CT 
_pdbx_entity_instance_feature.auth_asym_id   ? 
_pdbx_entity_instance_feature.auth_seq_num   ? 
_pdbx_entity_instance_feature.feature_type   'SUBJECT OF INVESTIGATION' 
_pdbx_entity_instance_feature.details        ? 
# 
loop_
_pdbx_nonpoly_scheme.asym_id 
_pdbx_nonpoly_scheme.entity_id 
_pdbx_nonpoly_scheme.mon_id 
_pdbx_nonpoly_scheme.ndb_seq_num 
_pdbx_nonpoly_scheme.pdb_seq_num 
_pdbx_nonpoly_scheme.auth_seq_num 
_pdbx_nonpoly_scheme.pdb_mon_id 
_pdbx_nonpoly_scheme.auth_mon_id 
_pdbx_nonpoly_scheme.pdb_strand_id 
_pdbx_nonpoly_scheme.pdb_ins_code 
C 2 ACT 1  101 101 ACT ACT A . 
D 2 ACT 1  102 102 ACT ACT A . 
E 2 ACT 1  101 101 ACT ACT B . 
F 2 ACT 1  102 102 ACT ACT B . 
G 3 HOH 1  201 79  HOH HOH A . 
G 3 HOH 2  202 45  HOH HOH A . 
G 3 HOH 3  203 13  HOH HOH A . 
G 3 HOH 4  204 21  HOH HOH A . 
G 3 HOH 5  205 12  HOH HOH A . 
G 3 HOH 6  206 65  HOH HOH A . 
G 3 HOH 7  207 35  HOH HOH A . 
G 3 HOH 8  208 62  HOH HOH A . 
G 3 HOH 9  209 6   HOH HOH A . 
G 3 HOH 10 210 75  HOH HOH A . 
G 3 HOH 11 211 9   HOH HOH A . 
G 3 HOH 12 212 8   HOH HOH A . 
G 3 HOH 13 213 10  HOH HOH A . 
G 3 HOH 14 214 64  HOH HOH A . 
G 3 HOH 15 215 23  HOH HOH A . 
G 3 HOH 16 216 78  HOH HOH A . 
G 3 HOH 17 217 36  HOH HOH A . 
G 3 HOH 18 218 49  HOH HOH A . 
G 3 HOH 19 219 26  HOH HOH A . 
G 3 HOH 20 220 16  HOH HOH A . 
G 3 HOH 21 221 61  HOH HOH A . 
G 3 HOH 22 222 11  HOH HOH A . 
G 3 HOH 23 223 70  HOH HOH A . 
G 3 HOH 24 224 7   HOH HOH A . 
G 3 HOH 25 225 50  HOH HOH A . 
G 3 HOH 26 226 29  HOH HOH A . 
G 3 HOH 27 227 77  HOH HOH A . 
G 3 HOH 28 228 81  HOH HOH A . 
G 3 HOH 29 229 33  HOH HOH A . 
G 3 HOH 30 230 72  HOH HOH A . 
G 3 HOH 31 231 53  HOH HOH A . 
G 3 HOH 32 232 63  HOH HOH A . 
G 3 HOH 33 233 54  HOH HOH A . 
G 3 HOH 34 234 66  HOH HOH A . 
G 3 HOH 35 235 82  HOH HOH A . 
G 3 HOH 36 236 69  HOH HOH A . 
G 3 HOH 37 237 25  HOH HOH A . 
G 3 HOH 38 238 55  HOH HOH A . 
G 3 HOH 39 239 68  HOH HOH A . 
G 3 HOH 40 240 58  HOH HOH A . 
H 3 HOH 1  201 39  HOH HOH B . 
H 3 HOH 2  202 56  HOH HOH B . 
H 3 HOH 3  203 57  HOH HOH B . 
H 3 HOH 4  204 5   HOH HOH B . 
H 3 HOH 5  205 2   HOH HOH B . 
H 3 HOH 6  206 46  HOH HOH B . 
H 3 HOH 7  207 31  HOH HOH B . 
H 3 HOH 8  208 27  HOH HOH B . 
H 3 HOH 9  209 48  HOH HOH B . 
H 3 HOH 10 210 15  HOH HOH B . 
H 3 HOH 11 211 14  HOH HOH B . 
H 3 HOH 12 212 37  HOH HOH B . 
H 3 HOH 13 213 28  HOH HOH B . 
H 3 HOH 14 214 83  HOH HOH B . 
H 3 HOH 15 215 24  HOH HOH B . 
H 3 HOH 16 216 60  HOH HOH B . 
H 3 HOH 17 217 3   HOH HOH B . 
H 3 HOH 18 218 17  HOH HOH B . 
H 3 HOH 19 219 4   HOH HOH B . 
H 3 HOH 20 220 59  HOH HOH B . 
H 3 HOH 21 221 73  HOH HOH B . 
H 3 HOH 22 222 47  HOH HOH B . 
H 3 HOH 23 223 20  HOH HOH B . 
H 3 HOH 24 224 22  HOH HOH B . 
H 3 HOH 25 225 18  HOH HOH B . 
H 3 HOH 26 226 30  HOH HOH B . 
H 3 HOH 27 227 44  HOH HOH B . 
H 3 HOH 28 228 1   HOH HOH B . 
H 3 HOH 29 229 38  HOH HOH B . 
H 3 HOH 30 230 76  HOH HOH B . 
H 3 HOH 31 231 67  HOH HOH B . 
H 3 HOH 32 232 71  HOH HOH B . 
H 3 HOH 33 233 40  HOH HOH B . 
H 3 HOH 34 234 74  HOH HOH B . 
H 3 HOH 35 235 41  HOH HOH B . 
H 3 HOH 36 236 19  HOH HOH B . 
H 3 HOH 37 237 32  HOH HOH B . 
H 3 HOH 38 238 34  HOH HOH B . 
H 3 HOH 39 239 52  HOH HOH B . 
H 3 HOH 40 240 51  HOH HOH B . 
H 3 HOH 41 241 84  HOH HOH B . 
H 3 HOH 42 242 80  HOH HOH B . 
H 3 HOH 43 243 43  HOH HOH B . 
H 3 HOH 44 244 42  HOH HOH B . 
# 
loop_
_pdbx_unobs_or_zero_occ_atoms.id 
_pdbx_unobs_or_zero_occ_atoms.PDB_model_num 
_pdbx_unobs_or_zero_occ_atoms.polymer_flag 
_pdbx_unobs_or_zero_occ_atoms.occupancy_flag 
_pdbx_unobs_or_zero_occ_atoms.auth_asym_id 
_pdbx_unobs_or_zero_occ_atoms.auth_comp_id 
_pdbx_unobs_or_zero_occ_atoms.auth_seq_id 
_pdbx_unobs_or_zero_occ_atoms.PDB_ins_code 
_pdbx_unobs_or_zero_occ_atoms.auth_atom_id 
_pdbx_unobs_or_zero_occ_atoms.label_alt_id 
_pdbx_unobs_or_zero_occ_atoms.label_asym_id 
_pdbx_unobs_or_zero_occ_atoms.label_comp_id 
_pdbx_unobs_or_zero_occ_atoms.label_seq_id 
_pdbx_unobs_or_zero_occ_atoms.label_atom_id 
1 1 Y 1 A ARG 14 ? NE  ? A ARG 14 NE  
2 1 Y 1 A ARG 14 ? CZ  ? A ARG 14 CZ  
3 1 Y 1 A ARG 14 ? NH1 ? A ARG 14 NH1 
4 1 Y 1 A ARG 14 ? NH2 ? A ARG 14 NH2 
# 
loop_
_software.citation_id 
_software.classification 
_software.compiler_name 
_software.compiler_version 
_software.contact_author 
_software.contact_author_email 
_software.date 
_software.description 
_software.dependencies 
_software.hardware 
_software.language 
_software.location 
_software.mods 
_software.name 
_software.os 
_software.os_version 
_software.type 
_software.version 
_software.pdbx_ordinal 
? refinement       ? ? ? ? ? ? ? ? ? ? ? PHENIX ? ? ? 1.20.1_4487 1 
? 'data scaling'   ? ? ? ? ? ? ? ? ? ? ? XDS    ? ? ? .           2 
? 'data reduction' ? ? ? ? ? ? ? ? ? ? ? XDS    ? ? ? .           3 
? phasing          ? ? ? ? ? ? ? ? ? ? ? PHASER ? ? ? .           4 
# 
_cell.angle_alpha                  90.000 
_cell.angle_alpha_esd              ? 
_cell.angle_beta                   90.000 
_cell.angle_beta_esd               ? 
_cell.angle_gamma                  120.000 
_cell.angle_gamma_esd              ? 
_cell.entry_id                     9FQB 
_cell.details                      ? 
_cell.formula_units_Z              ? 
_cell.length_a                     46.075 
_cell.length_a_esd                 ? 
_cell.length_b                     46.075 
_cell.length_b_esd                 ? 
_cell.length_c                     51.282 
_cell.length_c_esd                 ? 
_cell.volume                       94281.454 
_cell.volume_esd                   ? 
_cell.Z_PDB                        12 
_cell.reciprocal_angle_alpha       ? 
_cell.reciprocal_angle_beta        ? 
_cell.reciprocal_angle_gamma       ? 
_cell.reciprocal_angle_alpha_esd   ? 
_cell.reciprocal_angle_beta_esd    ? 
_cell.reciprocal_angle_gamma_esd   ? 
_cell.reciprocal_length_a          ? 
_cell.reciprocal_length_b          ? 
_cell.reciprocal_length_c          ? 
_cell.reciprocal_length_a_esd      ? 
_cell.reciprocal_length_b_esd      ? 
_cell.reciprocal_length_c_esd      ? 
_cell.pdbx_unique_axis             ? 
_cell.pdbx_esd_method              ? 
# 
_symmetry.entry_id                         9FQB 
_symmetry.cell_setting                     ? 
_symmetry.Int_Tables_number                152 
_symmetry.space_group_name_Hall            
;P 31 2"
;
_symmetry.space_group_name_H-M             'P 31 2 1' 
_symmetry.pdbx_full_space_group_name_H-M   ? 
# 
_exptl.absorpt_coefficient_mu     ? 
_exptl.absorpt_correction_T_max   ? 
_exptl.absorpt_correction_T_min   ? 
_exptl.absorpt_correction_type    ? 
_exptl.absorpt_process_details    ? 
_exptl.entry_id                   9FQB 
_exptl.crystals_number            1 
_exptl.details                    ? 
_exptl.method                     'X-RAY DIFFRACTION' 
_exptl.method_details             ? 
# 
_exptl_crystal.colour                       ? 
_exptl_crystal.density_diffrn               ? 
_exptl_crystal.density_Matthews             2.25 
_exptl_crystal.density_method               ? 
_exptl_crystal.density_percent_sol          45.42 
_exptl_crystal.description                  ? 
_exptl_crystal.F_000                        ? 
_exptl_crystal.id                           1 
_exptl_crystal.preparation                  ? 
_exptl_crystal.size_max                     ? 
_exptl_crystal.size_mid                     ? 
_exptl_crystal.size_min                     ? 
_exptl_crystal.size_rad                     ? 
_exptl_crystal.colour_lustre                ? 
_exptl_crystal.colour_modifier              ? 
_exptl_crystal.colour_primary               ? 
_exptl_crystal.density_meas                 ? 
_exptl_crystal.density_meas_esd             ? 
_exptl_crystal.density_meas_gt              ? 
_exptl_crystal.density_meas_lt              ? 
_exptl_crystal.density_meas_temp            ? 
_exptl_crystal.density_meas_temp_esd        ? 
_exptl_crystal.density_meas_temp_gt         ? 
_exptl_crystal.density_meas_temp_lt         ? 
_exptl_crystal.pdbx_crystal_image_url       ? 
_exptl_crystal.pdbx_crystal_image_format    ? 
_exptl_crystal.pdbx_mosaicity               ? 
_exptl_crystal.pdbx_mosaicity_esd           ? 
_exptl_crystal.pdbx_mosaic_method           ? 
_exptl_crystal.pdbx_mosaic_block_size       ? 
_exptl_crystal.pdbx_mosaic_block_size_esd   ? 
# 
_exptl_crystal_grow.apparatus       ? 
_exptl_crystal_grow.atmosphere      ? 
_exptl_crystal_grow.crystal_id      1 
_exptl_crystal_grow.details         ? 
_exptl_crystal_grow.method          'VAPOR DIFFUSION, SITTING DROP' 
_exptl_crystal_grow.method_ref      ? 
_exptl_crystal_grow.pH              ? 
_exptl_crystal_grow.pressure        ? 
_exptl_crystal_grow.pressure_esd    ? 
_exptl_crystal_grow.seeding         ? 
_exptl_crystal_grow.seeding_ref     ? 
_exptl_crystal_grow.temp_details    ? 
_exptl_crystal_grow.temp_esd        ? 
_exptl_crystal_grow.time            ? 
_exptl_crystal_grow.pdbx_details    '0.1 M imidazole, 1.0 M sodium acetate, pH 6.5' 
_exptl_crystal_grow.pdbx_pH_range   ? 
_exptl_crystal_grow.temp            293 
# 
_diffrn.ambient_environment              ? 
_diffrn.ambient_temp                     100 
_diffrn.ambient_temp_details             ? 
_diffrn.ambient_temp_esd                 ? 
_diffrn.crystal_id                       1 
_diffrn.crystal_support                  ? 
_diffrn.crystal_treatment                ? 
_diffrn.details                          ? 
_diffrn.id                               1 
_diffrn.ambient_pressure                 ? 
_diffrn.ambient_pressure_esd             ? 
_diffrn.ambient_pressure_gt              ? 
_diffrn.ambient_pressure_lt              ? 
_diffrn.ambient_temp_gt                  ? 
_diffrn.ambient_temp_lt                  ? 
_diffrn.pdbx_serial_crystal_experiment   N 
# 
_diffrn_detector.details                      ? 
_diffrn_detector.detector                     PIXEL 
_diffrn_detector.diffrn_id                    1 
_diffrn_detector.type                         'DECTRIS EIGER X 16M' 
_diffrn_detector.area_resol_mean              ? 
_diffrn_detector.dtime                        ? 
_diffrn_detector.pdbx_frames_total            ? 
_diffrn_detector.pdbx_collection_time_total   ? 
_diffrn_detector.pdbx_collection_date         2024-02-29 
_diffrn_detector.pdbx_frequency               ? 
_diffrn_detector.id                           ? 
_diffrn_detector.number_of_axes               ? 
# 
_diffrn_radiation.collimation                      ? 
_diffrn_radiation.diffrn_id                        1 
_diffrn_radiation.filter_edge                      ? 
_diffrn_radiation.inhomogeneity                    ? 
_diffrn_radiation.monochromator                    ? 
_diffrn_radiation.polarisn_norm                    ? 
_diffrn_radiation.polarisn_ratio                   ? 
_diffrn_radiation.probe                            ? 
_diffrn_radiation.type                             ? 
_diffrn_radiation.xray_symbol                      ? 
_diffrn_radiation.wavelength_id                    1 
_diffrn_radiation.pdbx_monochromatic_or_laue_m_l   M 
_diffrn_radiation.pdbx_wavelength_list             ? 
_diffrn_radiation.pdbx_wavelength                  ? 
_diffrn_radiation.pdbx_diffrn_protocol             'SINGLE WAVELENGTH' 
_diffrn_radiation.pdbx_analyzer                    ? 
_diffrn_radiation.pdbx_scattering_type             x-ray 
# 
_diffrn_radiation_wavelength.id           1 
_diffrn_radiation_wavelength.wavelength   0.97625 
_diffrn_radiation_wavelength.wt           1.0 
# 
_diffrn_source.current                     ? 
_diffrn_source.details                     ? 
_diffrn_source.diffrn_id                   1 
_diffrn_source.power                       ? 
_diffrn_source.size                        ? 
_diffrn_source.source                      SYNCHROTRON 
_diffrn_source.target                      ? 
_diffrn_source.type                        'PETRA III, EMBL c/o DESY BEAMLINE P14 (MX2)' 
_diffrn_source.voltage                     ? 
_diffrn_source.take-off_angle              ? 
_diffrn_source.pdbx_wavelength_list        0.97625 
_diffrn_source.pdbx_wavelength             ? 
_diffrn_source.pdbx_synchrotron_beamline   'P14 (MX2)' 
_diffrn_source.pdbx_synchrotron_site       'PETRA III, EMBL c/o DESY' 
# 
_reflns.B_iso_Wilson_estimate                          9.98 
_reflns.entry_id                                       9FQB 
_reflns.data_reduction_details                         ? 
_reflns.data_reduction_method                          ? 
_reflns.d_resolution_high                              1.09 
_reflns.d_resolution_low                               31.492 
_reflns.details                                        ? 
_reflns.limit_h_max                                    ? 
_reflns.limit_h_min                                    ? 
_reflns.limit_k_max                                    ? 
_reflns.limit_k_min                                    ? 
_reflns.limit_l_max                                    ? 
_reflns.limit_l_min                                    ? 
_reflns.number_all                                     ? 
_reflns.number_obs                                     26621 
_reflns.observed_criterion                             ? 
_reflns.observed_criterion_F_max                       ? 
_reflns.observed_criterion_F_min                       ? 
_reflns.observed_criterion_I_max                       ? 
_reflns.observed_criterion_I_min                       ? 
_reflns.observed_criterion_sigma_F                     ? 
_reflns.observed_criterion_sigma_I                     ? 
_reflns.percent_possible_obs                           99.6 
_reflns.R_free_details                                 ? 
_reflns.Rmerge_F_all                                   ? 
_reflns.Rmerge_F_obs                                   ? 
_reflns.Friedel_coverage                               ? 
_reflns.number_gt                                      ? 
_reflns.threshold_expression                           ? 
_reflns.pdbx_redundancy                                17.6 
_reflns.pdbx_netI_over_av_sigmaI                       ? 
_reflns.pdbx_netI_over_sigmaI                          18.9 
_reflns.pdbx_res_netI_over_av_sigmaI_2                 ? 
_reflns.pdbx_res_netI_over_sigmaI_2                    ? 
_reflns.pdbx_chi_squared                               ? 
_reflns.pdbx_scaling_rejects                           ? 
_reflns.pdbx_d_res_high_opt                            ? 
_reflns.pdbx_d_res_low_opt                             ? 
_reflns.pdbx_d_res_opt_method                          ? 
_reflns.phase_calculation_details                      ? 
_reflns.pdbx_Rrim_I_all                                ? 
_reflns.pdbx_Rpim_I_all                                ? 
_reflns.pdbx_d_opt                                     ? 
_reflns.pdbx_number_measured_all                       ? 
_reflns.pdbx_diffrn_id                                 1 
_reflns.pdbx_ordinal                                   1 
_reflns.pdbx_CC_half                                   0.999 
_reflns.pdbx_CC_star                                   ? 
_reflns.pdbx_R_split                                   ? 
_reflns.pdbx_Rmerge_I_obs                              0.079 
_reflns.pdbx_Rmerge_I_all                              ? 
_reflns.pdbx_Rsym_value                                ? 
_reflns.pdbx_CC_split_method                           ? 
_reflns.pdbx_aniso_diffraction_limit_axis_1_ortho[1]   ? 
_reflns.pdbx_aniso_diffraction_limit_axis_1_ortho[2]   ? 
_reflns.pdbx_aniso_diffraction_limit_axis_1_ortho[3]   ? 
_reflns.pdbx_aniso_diffraction_limit_axis_2_ortho[1]   ? 
_reflns.pdbx_aniso_diffraction_limit_axis_2_ortho[2]   ? 
_reflns.pdbx_aniso_diffraction_limit_axis_2_ortho[3]   ? 
_reflns.pdbx_aniso_diffraction_limit_axis_3_ortho[1]   ? 
_reflns.pdbx_aniso_diffraction_limit_axis_3_ortho[2]   ? 
_reflns.pdbx_aniso_diffraction_limit_axis_3_ortho[3]   ? 
_reflns.pdbx_aniso_diffraction_limit_1                 ? 
_reflns.pdbx_aniso_diffraction_limit_2                 ? 
_reflns.pdbx_aniso_diffraction_limit_3                 ? 
_reflns.pdbx_aniso_B_tensor_eigenvector_1_ortho[1]     ? 
_reflns.pdbx_aniso_B_tensor_eigenvector_1_ortho[2]     ? 
_reflns.pdbx_aniso_B_tensor_eigenvector_1_ortho[3]     ? 
_reflns.pdbx_aniso_B_tensor_eigenvector_2_ortho[1]     ? 
_reflns.pdbx_aniso_B_tensor_eigenvector_2_ortho[2]     ? 
_reflns.pdbx_aniso_B_tensor_eigenvector_2_ortho[3]     ? 
_reflns.pdbx_aniso_B_tensor_eigenvector_3_ortho[1]     ? 
_reflns.pdbx_aniso_B_tensor_eigenvector_3_ortho[2]     ? 
_reflns.pdbx_aniso_B_tensor_eigenvector_3_ortho[3]     ? 
_reflns.pdbx_aniso_B_tensor_eigenvalue_1               ? 
_reflns.pdbx_aniso_B_tensor_eigenvalue_2               ? 
_reflns.pdbx_aniso_B_tensor_eigenvalue_3               ? 
_reflns.pdbx_orthogonalization_convention              ? 
_reflns.pdbx_percent_possible_ellipsoidal              ? 
_reflns.pdbx_percent_possible_spherical                ? 
_reflns.pdbx_percent_possible_ellipsoidal_anomalous    ? 
_reflns.pdbx_percent_possible_spherical_anomalous      ? 
_reflns.pdbx_redundancy_anomalous                      ? 
_reflns.pdbx_CC_half_anomalous                         ? 
_reflns.pdbx_absDiff_over_sigma_anomalous              ? 
_reflns.pdbx_percent_possible_anomalous                ? 
_reflns.pdbx_observed_signal_threshold                 ? 
_reflns.pdbx_signal_type                               ? 
_reflns.pdbx_signal_details                            ? 
_reflns.pdbx_signal_software_id                        ? 
# 
_reflns_shell.d_res_high                                    1.09 
_reflns_shell.d_res_low                                     1.109 
_reflns_shell.meanI_over_sigI_all                           ? 
_reflns_shell.meanI_over_sigI_obs                           ? 
_reflns_shell.number_measured_all                           ? 
_reflns_shell.number_measured_obs                           ? 
_reflns_shell.number_possible                               ? 
_reflns_shell.number_unique_all                             ? 
_reflns_shell.number_unique_obs                             1252 
_reflns_shell.percent_possible_obs                          ? 
_reflns_shell.Rmerge_F_all                                  ? 
_reflns_shell.Rmerge_F_obs                                  ? 
_reflns_shell.meanI_over_sigI_gt                            ? 
_reflns_shell.meanI_over_uI_all                             ? 
_reflns_shell.meanI_over_uI_gt                              ? 
_reflns_shell.number_measured_gt                            ? 
_reflns_shell.number_unique_gt                              ? 
_reflns_shell.percent_possible_gt                           ? 
_reflns_shell.Rmerge_F_gt                                   ? 
_reflns_shell.Rmerge_I_gt                                   ? 
_reflns_shell.pdbx_redundancy                               ? 
_reflns_shell.pdbx_chi_squared                              ? 
_reflns_shell.pdbx_netI_over_sigmaI_all                     ? 
_reflns_shell.pdbx_netI_over_sigmaI_obs                     ? 
_reflns_shell.pdbx_Rrim_I_all                               ? 
_reflns_shell.pdbx_Rpim_I_all                               ? 
_reflns_shell.pdbx_rejects                                  ? 
_reflns_shell.pdbx_ordinal                                  1 
_reflns_shell.pdbx_diffrn_id                                1 
_reflns_shell.pdbx_CC_half                                  0.909 
_reflns_shell.pdbx_CC_star                                  ? 
_reflns_shell.pdbx_R_split                                  ? 
_reflns_shell.percent_possible_all                          ? 
_reflns_shell.Rmerge_I_all                                  ? 
_reflns_shell.Rmerge_I_obs                                  ? 
_reflns_shell.pdbx_Rsym_value                               ? 
_reflns_shell.pdbx_percent_possible_ellipsoidal             ? 
_reflns_shell.pdbx_percent_possible_spherical               ? 
_reflns_shell.pdbx_percent_possible_ellipsoidal_anomalous   ? 
_reflns_shell.pdbx_percent_possible_spherical_anomalous     ? 
_reflns_shell.pdbx_redundancy_anomalous                     ? 
_reflns_shell.pdbx_CC_half_anomalous                        ? 
_reflns_shell.pdbx_absDiff_over_sigma_anomalous             ? 
_reflns_shell.pdbx_percent_possible_anomalous               ? 
# 
_refine.aniso_B[1][1]                            ? 
_refine.aniso_B[1][2]                            ? 
_refine.aniso_B[1][3]                            ? 
_refine.aniso_B[2][2]                            ? 
_refine.aniso_B[2][3]                            ? 
_refine.aniso_B[3][3]                            ? 
_refine.B_iso_max                                ? 
_refine.B_iso_mean                               14.24 
_refine.B_iso_min                                ? 
_refine.correlation_coeff_Fo_to_Fc               ? 
_refine.correlation_coeff_Fo_to_Fc_free          ? 
_refine.details                                  ? 
_refine.diff_density_max                         ? 
_refine.diff_density_max_esd                     ? 
_refine.diff_density_min                         ? 
_refine.diff_density_min_esd                     ? 
_refine.diff_density_rms                         ? 
_refine.diff_density_rms_esd                     ? 
_refine.entry_id                                 9FQB 
_refine.pdbx_refine_id                           'X-RAY DIFFRACTION' 
_refine.ls_abs_structure_details                 ? 
_refine.ls_abs_structure_Flack                   ? 
_refine.ls_abs_structure_Flack_esd               ? 
_refine.ls_abs_structure_Rogers                  ? 
_refine.ls_abs_structure_Rogers_esd              ? 
_refine.ls_d_res_high                            1.09 
_refine.ls_d_res_low                             31.49 
_refine.ls_extinction_coef                       ? 
_refine.ls_extinction_coef_esd                   ? 
_refine.ls_extinction_expression                 ? 
_refine.ls_extinction_method                     ? 
_refine.ls_goodness_of_fit_all                   ? 
_refine.ls_goodness_of_fit_all_esd               ? 
_refine.ls_goodness_of_fit_obs                   ? 
_refine.ls_goodness_of_fit_obs_esd               ? 
_refine.ls_hydrogen_treatment                    ? 
_refine.ls_matrix_type                           ? 
_refine.ls_number_constraints                    ? 
_refine.ls_number_parameters                     ? 
_refine.ls_number_reflns_all                     ? 
_refine.ls_number_reflns_obs                     26577 
_refine.ls_number_reflns_R_free                  1264 
_refine.ls_number_reflns_R_work                  25313 
_refine.ls_number_restraints                     ? 
_refine.ls_percent_reflns_obs                    99.39 
_refine.ls_percent_reflns_R_free                 4.76 
_refine.ls_R_factor_all                          ? 
_refine.ls_R_factor_obs                          0.1115 
_refine.ls_R_factor_R_free                       0.1218 
_refine.ls_R_factor_R_free_error                 ? 
_refine.ls_R_factor_R_free_error_details         ? 
_refine.ls_R_factor_R_work                       0.1110 
_refine.ls_R_Fsqd_factor_obs                     ? 
_refine.ls_R_I_factor_obs                        ? 
_refine.ls_redundancy_reflns_all                 ? 
_refine.ls_redundancy_reflns_obs                 ? 
_refine.ls_restrained_S_all                      ? 
_refine.ls_restrained_S_obs                      ? 
_refine.ls_shift_over_esd_max                    ? 
_refine.ls_shift_over_esd_mean                   ? 
_refine.ls_structure_factor_coef                 ? 
_refine.ls_weighting_details                     ? 
_refine.ls_weighting_scheme                      ? 
_refine.ls_wR_factor_all                         ? 
_refine.ls_wR_factor_obs                         ? 
_refine.ls_wR_factor_R_free                      ? 
_refine.ls_wR_factor_R_work                      ? 
_refine.occupancy_max                            ? 
_refine.occupancy_min                            ? 
_refine.solvent_model_details                    'FLAT BULK SOLVENT MODEL' 
_refine.solvent_model_param_bsol                 ? 
_refine.solvent_model_param_ksol                 ? 
_refine.pdbx_R_complete                          ? 
_refine.ls_R_factor_gt                           ? 
_refine.ls_goodness_of_fit_gt                    ? 
_refine.ls_goodness_of_fit_ref                   ? 
_refine.ls_shift_over_su_max                     ? 
_refine.ls_shift_over_su_max_lt                  ? 
_refine.ls_shift_over_su_mean                    ? 
_refine.ls_shift_over_su_mean_lt                 ? 
_refine.pdbx_ls_sigma_I                          ? 
_refine.pdbx_ls_sigma_F                          1.36 
_refine.pdbx_ls_sigma_Fsqd                       ? 
_refine.pdbx_data_cutoff_high_absF               ? 
_refine.pdbx_data_cutoff_high_rms_absF           ? 
_refine.pdbx_data_cutoff_low_absF                ? 
_refine.pdbx_isotropic_thermal_model             ? 
_refine.pdbx_ls_cross_valid_method               'FREE R-VALUE' 
_refine.pdbx_method_to_determine_struct          'MOLECULAR REPLACEMENT' 
_refine.pdbx_starting_model                      ? 
_refine.pdbx_stereochemistry_target_values       'GeoStd + Monomer Library + CDL v1.2' 
_refine.pdbx_R_Free_selection_details            ? 
_refine.pdbx_stereochem_target_val_spec_case     ? 
_refine.pdbx_overall_ESU_R                       ? 
_refine.pdbx_overall_ESU_R_Free                  ? 
_refine.pdbx_solvent_vdw_probe_radii             1.1000 
_refine.pdbx_solvent_ion_probe_radii             ? 
_refine.pdbx_solvent_shrinkage_radii             0.9000 
_refine.pdbx_real_space_R                        ? 
_refine.pdbx_density_correlation                 ? 
_refine.pdbx_pd_number_of_powder_patterns        ? 
_refine.pdbx_pd_number_of_points                 ? 
_refine.pdbx_pd_meas_number_of_points            ? 
_refine.pdbx_pd_proc_ls_prof_R_factor            ? 
_refine.pdbx_pd_proc_ls_prof_wR_factor           ? 
_refine.pdbx_pd_Marquardt_correlation_coeff      ? 
_refine.pdbx_pd_Fsqrd_R_factor                   ? 
_refine.pdbx_pd_ls_matrix_band_width             ? 
_refine.pdbx_overall_phase_error                 14.9970 
_refine.pdbx_overall_SU_R_free_Cruickshank_DPI   ? 
_refine.pdbx_overall_SU_R_free_Blow_DPI          ? 
_refine.pdbx_overall_SU_R_Blow_DPI               ? 
_refine.pdbx_TLS_residual_ADP_flag               ? 
_refine.pdbx_diffrn_id                           1 
_refine.overall_SU_B                             ? 
_refine.overall_SU_ML                            0.0749 
_refine.overall_SU_R_Cruickshank_DPI             ? 
_refine.overall_SU_R_free                        ? 
_refine.overall_FOM_free_R_set                   ? 
_refine.overall_FOM_work_R_set                   ? 
_refine.pdbx_average_fsc_overall                 ? 
_refine.pdbx_average_fsc_work                    ? 
_refine.pdbx_average_fsc_free                    ? 
# 
_refine_hist.pdbx_refine_id                   'X-RAY DIFFRACTION' 
_refine_hist.cycle_id                         LAST 
_refine_hist.details                          ? 
_refine_hist.d_res_high                       1.09 
_refine_hist.d_res_low                        31.49 
_refine_hist.number_atoms_solvent             84 
_refine_hist.number_atoms_total               574 
_refine_hist.number_reflns_all                ? 
_refine_hist.number_reflns_obs                ? 
_refine_hist.number_reflns_R_free             ? 
_refine_hist.number_reflns_R_work             ? 
_refine_hist.R_factor_all                     ? 
_refine_hist.R_factor_obs                     ? 
_refine_hist.R_factor_R_free                  ? 
_refine_hist.R_factor_R_work                  ? 
_refine_hist.pdbx_number_residues_total       ? 
_refine_hist.pdbx_B_iso_mean_ligand           ? 
_refine_hist.pdbx_B_iso_mean_solvent          ? 
_refine_hist.pdbx_number_atoms_protein        474 
_refine_hist.pdbx_number_atoms_nucleic_acid   0 
_refine_hist.pdbx_number_atoms_ligand         16 
_refine_hist.pdbx_number_atoms_lipid          ? 
_refine_hist.pdbx_number_atoms_carb           ? 
_refine_hist.pdbx_pseudo_atom_details         ? 
# 
loop_
_refine_ls_restr.pdbx_refine_id 
_refine_ls_restr.criterion 
_refine_ls_restr.dev_ideal 
_refine_ls_restr.dev_ideal_target 
_refine_ls_restr.number 
_refine_ls_restr.rejects 
_refine_ls_restr.type 
_refine_ls_restr.weight 
_refine_ls_restr.pdbx_restraint_function 
'X-RAY DIFFRACTION' ? 0.0152 ? 537 ? f_bond_d           ? ? 
'X-RAY DIFFRACTION' ? 1.5949 ? 726 ? f_angle_d          ? ? 
'X-RAY DIFFRACTION' ? 0.1106 ? 67  ? f_chiral_restr     ? ? 
'X-RAY DIFFRACTION' ? 0.0213 ? 96  ? f_plane_restr      ? ? 
'X-RAY DIFFRACTION' ? 9.4548 ? 82  ? f_dihedral_angle_d ? ? 
# 
loop_
_refine_ls_shell.pdbx_refine_id 
_refine_ls_shell.d_res_high 
_refine_ls_shell.d_res_low 
_refine_ls_shell.number_reflns_all 
_refine_ls_shell.number_reflns_obs 
_refine_ls_shell.number_reflns_R_free 
_refine_ls_shell.number_reflns_R_work 
_refine_ls_shell.percent_reflns_obs 
_refine_ls_shell.percent_reflns_R_free 
_refine_ls_shell.R_factor_all 
_refine_ls_shell.R_factor_obs 
_refine_ls_shell.R_factor_R_free_error 
_refine_ls_shell.R_factor_R_work 
_refine_ls_shell.redundancy_reflns_all 
_refine_ls_shell.redundancy_reflns_obs 
_refine_ls_shell.wR_factor_all 
_refine_ls_shell.wR_factor_obs 
_refine_ls_shell.wR_factor_R_free 
_refine_ls_shell.wR_factor_R_work 
_refine_ls_shell.pdbx_R_complete 
_refine_ls_shell.pdbx_total_number_of_bins_used 
_refine_ls_shell.pdbx_phase_error 
_refine_ls_shell.pdbx_fsc_work 
_refine_ls_shell.pdbx_fsc_free 
_refine_ls_shell.R_factor_R_free 
'X-RAY DIFFRACTION' 1.09 1.13  . . 125 2665 96.01  . . . . 0.1741 . . . . . . . . . . . 0.2097 
'X-RAY DIFFRACTION' 1.13 1.19  . . 127 2796 99.39  . . . . 0.1305 . . . . . . . . . . . 0.1622 
'X-RAY DIFFRACTION' 1.19 1.25  . . 157 2775 99.76  . . . . 0.1182 . . . . . . . . . . . 0.1541 
'X-RAY DIFFRACTION' 1.25 1.33  . . 159 2780 99.76  . . . . 0.1148 . . . . . . . . . . . 0.1476 
'X-RAY DIFFRACTION' 1.33 1.43  . . 149 2779 99.97  . . . . 0.1010 . . . . . . . . . . . 0.1240 
'X-RAY DIFFRACTION' 1.43 1.57  . . 102 2856 99.97  . . . . 0.0961 . . . . . . . . . . . 0.1070 
'X-RAY DIFFRACTION' 1.57 1.80  . . 177 2786 99.93  . . . . 0.0998 . . . . . . . . . . . 0.1213 
'X-RAY DIFFRACTION' 1.80 2.27  . . 132 2884 100.00 . . . . 0.1014 . . . . . . . . . . . 0.0944 
'X-RAY DIFFRACTION' 2.27 31.49 . . 136 2992 99.68  . . . . 0.1172 . . . . . . . . . . . 0.1200 
# 
_struct.entry_id                     9FQB 
_struct.title                        'crystal structure of ClY21-HNP1' 
_struct.pdbx_model_details           ? 
_struct.pdbx_formula_weight          ? 
_struct.pdbx_formula_weight_method   ? 
_struct.pdbx_model_type_details      ? 
_struct.pdbx_CASP_flag               N 
# 
_struct_keywords.entry_id        9FQB 
_struct_keywords.text            
;3-chloro-tyrosine modified human alpha-defensin, cationic immune peptide, cystein-rich peptide, tyrosine halogenated HNP1, ANTIMICROBIAL PROTEIN
;
_struct_keywords.pdbx_keywords   'ANTIMICROBIAL PROTEIN' 
# 
loop_
_struct_asym.id 
_struct_asym.pdbx_blank_PDB_chainid_flag 
_struct_asym.pdbx_modified 
_struct_asym.entity_id 
_struct_asym.details 
A N N 1 ? 
B N N 1 ? 
C N N 2 ? 
D N N 2 ? 
E N N 2 ? 
F N N 2 ? 
G N N 3 ? 
H N N 3 ? 
# 
_struct_ref.id                         1 
_struct_ref.db_name                    UNP 
_struct_ref.db_code                    DEF1_HUMAN 
_struct_ref.pdbx_db_accession          P59665 
_struct_ref.pdbx_db_isoform            ? 
_struct_ref.entity_id                  1 
_struct_ref.pdbx_seq_one_letter_code   ACYCRIPACIAGERRYGTCIYQGRLWAFCC 
_struct_ref.pdbx_align_begin           65 
# 
loop_
_struct_ref_seq.align_id 
_struct_ref_seq.ref_id 
_struct_ref_seq.pdbx_PDB_id_code 
_struct_ref_seq.pdbx_strand_id 
_struct_ref_seq.seq_align_beg 
_struct_ref_seq.pdbx_seq_align_beg_ins_code 
_struct_ref_seq.seq_align_end 
_struct_ref_seq.pdbx_seq_align_end_ins_code 
_struct_ref_seq.pdbx_db_accession 
_struct_ref_seq.db_align_beg 
_struct_ref_seq.pdbx_db_align_beg_ins_code 
_struct_ref_seq.db_align_end 
_struct_ref_seq.pdbx_db_align_end_ins_code 
_struct_ref_seq.pdbx_auth_seq_align_beg 
_struct_ref_seq.pdbx_auth_seq_align_end 
1 1 9FQB A 1 ? 30 ? P59665 65 ? 94 ? 1 30 
2 1 9FQB B 1 ? 30 ? P59665 65 ? 94 ? 1 30 
# 
_pdbx_struct_assembly.id                   1 
_pdbx_struct_assembly.details              software_defined_assembly 
_pdbx_struct_assembly.method_details       PISA 
_pdbx_struct_assembly.oligomeric_details   dimeric 
_pdbx_struct_assembly.oligomeric_count     2 
# 
loop_
_pdbx_struct_assembly_prop.biol_id 
_pdbx_struct_assembly_prop.type 
_pdbx_struct_assembly_prop.value 
_pdbx_struct_assembly_prop.details 
1 'ABSA (A^2)' 810  ? 
1 MORE         -7   ? 
1 'SSA (A^2)'  4290 ? 
# 
_pdbx_struct_assembly_gen.assembly_id       1 
_pdbx_struct_assembly_gen.oper_expression   1 
_pdbx_struct_assembly_gen.asym_id_list      A,B,C,D,E,F,G,H 
# 
_pdbx_struct_assembly_auth_evidence.id                     1 
_pdbx_struct_assembly_auth_evidence.assembly_id            1 
_pdbx_struct_assembly_auth_evidence.experimental_support   none 
_pdbx_struct_assembly_auth_evidence.details                ? 
# 
_pdbx_struct_oper_list.id                   1 
_pdbx_struct_oper_list.type                 'identity operation' 
_pdbx_struct_oper_list.name                 1_555 
_pdbx_struct_oper_list.symmetry_operation   x,y,z 
_pdbx_struct_oper_list.matrix[1][1]         1.0000000000 
_pdbx_struct_oper_list.matrix[1][2]         0.0000000000 
_pdbx_struct_oper_list.matrix[1][3]         0.0000000000 
_pdbx_struct_oper_list.vector[1]            0.0000000000 
_pdbx_struct_oper_list.matrix[2][1]         0.0000000000 
_pdbx_struct_oper_list.matrix[2][2]         1.0000000000 
_pdbx_struct_oper_list.matrix[2][3]         0.0000000000 
_pdbx_struct_oper_list.vector[2]            0.0000000000 
_pdbx_struct_oper_list.matrix[3][1]         0.0000000000 
_pdbx_struct_oper_list.matrix[3][2]         0.0000000000 
_pdbx_struct_oper_list.matrix[3][3]         1.0000000000 
_pdbx_struct_oper_list.vector[3]            0.0000000000 
# 
loop_
_struct_conn.id 
_struct_conn.conn_type_id 
_struct_conn.pdbx_leaving_atom_flag 
_struct_conn.pdbx_PDB_id 
_struct_conn.ptnr1_label_asym_id 
_struct_conn.ptnr1_label_comp_id 
_struct_conn.ptnr1_label_seq_id 
_struct_conn.ptnr1_label_atom_id 
_struct_conn.pdbx_ptnr1_label_alt_id 
_struct_conn.pdbx_ptnr1_PDB_ins_code 
_struct_conn.pdbx_ptnr1_standard_comp_id 
_struct_conn.ptnr1_symmetry 
_struct_conn.ptnr2_label_asym_id 
_struct_conn.ptnr2_label_comp_id 
_struct_conn.ptnr2_label_seq_id 
_struct_conn.ptnr2_label_atom_id 
_struct_conn.pdbx_ptnr2_label_alt_id 
_struct_conn.pdbx_ptnr2_PDB_ins_code 
_struct_conn.ptnr1_auth_asym_id 
_struct_conn.ptnr1_auth_comp_id 
_struct_conn.ptnr1_auth_seq_id 
_struct_conn.ptnr2_auth_asym_id 
_struct_conn.ptnr2_auth_comp_id 
_struct_conn.ptnr2_auth_seq_id 
_struct_conn.ptnr2_symmetry 
_struct_conn.pdbx_ptnr3_label_atom_id 
_struct_conn.pdbx_ptnr3_label_seq_id 
_struct_conn.pdbx_ptnr3_label_comp_id 
_struct_conn.pdbx_ptnr3_label_asym_id 
_struct_conn.pdbx_ptnr3_label_alt_id 
_struct_conn.pdbx_ptnr3_PDB_ins_code 
_struct_conn.details 
_struct_conn.pdbx_dist_value 
_struct_conn.pdbx_value_order 
_struct_conn.pdbx_role 
disulf1 disulf ?    ? A CYS 2  SG ? ? ? 1_555 A CYS 30 SG ? ? A CYS 2  A CYS 30 1_555 ? ? ? ? ? ? ? 2.041 ? ? 
disulf2 disulf ?    ? A CYS 4  SG ? ? ? 1_555 A CYS 19 SG ? ? A CYS 4  A CYS 19 1_555 ? ? ? ? ? ? ? 2.032 ? ? 
disulf3 disulf ?    ? A CYS 9  SG ? ? ? 1_555 A CYS 29 SG ? ? A CYS 9  A CYS 29 1_555 ? ? ? ? ? ? ? 2.040 ? ? 
disulf4 disulf ?    ? B CYS 2  SG ? ? ? 1_555 B CYS 30 SG ? ? B CYS 2  B CYS 30 1_555 ? ? ? ? ? ? ? 2.038 ? ? 
disulf5 disulf ?    ? B CYS 4  SG ? ? ? 1_555 B CYS 19 SG ? ? B CYS 4  B CYS 19 1_555 ? ? ? ? ? ? ? 2.039 ? ? 
disulf6 disulf ?    ? B CYS 9  SG ? ? ? 1_555 B CYS 29 SG ? ? B CYS 9  B CYS 29 1_555 ? ? ? ? ? ? ? 2.035 ? ? 
covale1 covale both ? A ILE 20 C  ? ? ? 1_555 A 3CT 21 N  B ? A ILE 20 A 3CT 21 1_555 ? ? ? ? ? ? ? 1.339 ? ? 
covale2 covale both ? A ILE 20 C  ? ? ? 1_555 A 3CT 21 N  D ? A ILE 20 A 3CT 21 1_555 ? ? ? ? ? ? ? 1.331 ? ? 
covale3 covale both ? A 3CT 21 C  B ? ? 1_555 A GLN 22 N  ? ? A 3CT 21 A GLN 22 1_555 ? ? ? ? ? ? ? 1.335 ? ? 
covale4 covale both ? A 3CT 21 C  D ? ? 1_555 A GLN 22 N  ? ? A 3CT 21 A GLN 22 1_555 ? ? ? ? ? ? ? 1.315 ? ? 
covale5 covale both ? B ILE 20 C  ? ? ? 1_555 B 3CT 21 N  ? ? B ILE 20 B 3CT 21 1_555 ? ? ? ? ? ? ? 1.339 ? ? 
covale6 covale both ? B 3CT 21 C  ? ? ? 1_555 B GLN 22 N  ? ? B 3CT 21 B GLN 22 1_555 ? ? ? ? ? ? ? 1.326 ? ? 
# 
loop_
_struct_conn_type.id 
_struct_conn_type.criteria 
_struct_conn_type.reference 
disulf ? ? 
covale ? ? 
# 
loop_
_pdbx_modification_feature.ordinal 
_pdbx_modification_feature.label_comp_id 
_pdbx_modification_feature.label_asym_id 
_pdbx_modification_feature.label_seq_id 
_pdbx_modification_feature.label_alt_id 
_pdbx_modification_feature.modified_residue_label_comp_id 
_pdbx_modification_feature.modified_residue_label_asym_id 
_pdbx_modification_feature.modified_residue_label_seq_id 
_pdbx_modification_feature.modified_residue_label_alt_id 
_pdbx_modification_feature.auth_comp_id 
_pdbx_modification_feature.auth_asym_id 
_pdbx_modification_feature.auth_seq_id 
_pdbx_modification_feature.PDB_ins_code 
_pdbx_modification_feature.symmetry 
_pdbx_modification_feature.modified_residue_auth_comp_id 
_pdbx_modification_feature.modified_residue_auth_asym_id 
_pdbx_modification_feature.modified_residue_auth_seq_id 
_pdbx_modification_feature.modified_residue_PDB_ins_code 
_pdbx_modification_feature.modified_residue_symmetry 
_pdbx_modification_feature.comp_id_linking_atom 
_pdbx_modification_feature.modified_residue_id_linking_atom 
_pdbx_modification_feature.modified_residue_id 
_pdbx_modification_feature.ref_pcm_id 
_pdbx_modification_feature.ref_comp_id 
_pdbx_modification_feature.type 
_pdbx_modification_feature.category 
1 3CT A 21 B .   . .  . 3CT A 21 ? 1_555 .   . .  . .     .  .  TYR 1 3CT Chlorination 'Named protein modification' 
2 3CT A 21 D .   . .  . 3CT A 21 ? 1_555 .   . .  . .     .  .  TYR 1 3CT Chlorination 'Named protein modification' 
3 3CT B 21 ? .   . .  . 3CT B 21 ? 1_555 .   . .  . .     .  .  TYR 1 3CT Chlorination 'Named protein modification' 
4 CYS A 2  ? CYS A 30 ? CYS A 2  ? 1_555 CYS A 30 ? 1_555 SG SG .   . .   None         'Disulfide bridge'           
5 CYS A 4  ? CYS A 19 ? CYS A 4  ? 1_555 CYS A 19 ? 1_555 SG SG .   . .   None         'Disulfide bridge'           
6 CYS A 9  ? CYS A 29 ? CYS A 9  ? 1_555 CYS A 29 ? 1_555 SG SG .   . .   None         'Disulfide bridge'           
7 CYS B 2  ? CYS B 30 ? CYS B 2  ? 1_555 CYS B 30 ? 1_555 SG SG .   . .   None         'Disulfide bridge'           
8 CYS B 4  ? CYS B 19 ? CYS B 4  ? 1_555 CYS B 19 ? 1_555 SG SG .   . .   None         'Disulfide bridge'           
9 CYS B 9  ? CYS B 29 ? CYS B 9  ? 1_555 CYS B 29 ? 1_555 SG SG .   . .   None         'Disulfide bridge'           
# 
loop_
_struct_mon_prot_cis.pdbx_id 
_struct_mon_prot_cis.label_comp_id 
_struct_mon_prot_cis.label_seq_id 
_struct_mon_prot_cis.label_asym_id 
_struct_mon_prot_cis.label_alt_id 
_struct_mon_prot_cis.pdbx_PDB_ins_code 
_struct_mon_prot_cis.auth_comp_id 
_struct_mon_prot_cis.auth_seq_id 
_struct_mon_prot_cis.auth_asym_id 
_struct_mon_prot_cis.pdbx_label_comp_id_2 
_struct_mon_prot_cis.pdbx_label_seq_id_2 
_struct_mon_prot_cis.pdbx_label_asym_id_2 
_struct_mon_prot_cis.pdbx_PDB_ins_code_2 
_struct_mon_prot_cis.pdbx_auth_comp_id_2 
_struct_mon_prot_cis.pdbx_auth_seq_id_2 
_struct_mon_prot_cis.pdbx_auth_asym_id_2 
_struct_mon_prot_cis.pdbx_PDB_model_num 
_struct_mon_prot_cis.pdbx_omega_angle 
1 ILE 6 A . ? ILE 6 A PRO 7 A ? PRO 7 A 1 2.20 
2 ILE 6 B . ? ILE 6 B PRO 7 B ? PRO 7 B 1 2.03 
# 
_struct_sheet.id               AA1 
_struct_sheet.type             ? 
_struct_sheet.number_strands   6 
_struct_sheet.details          ? 
# 
loop_
_struct_sheet_order.sheet_id 
_struct_sheet_order.range_id_1 
_struct_sheet_order.range_id_2 
_struct_sheet_order.offset 
_struct_sheet_order.sense 
AA1 1 2 ? anti-parallel 
AA1 2 3 ? anti-parallel 
AA1 3 4 ? anti-parallel 
AA1 4 5 ? anti-parallel 
AA1 5 6 ? anti-parallel 
# 
loop_
_struct_sheet_range.sheet_id 
_struct_sheet_range.id 
_struct_sheet_range.beg_label_comp_id 
_struct_sheet_range.beg_label_asym_id 
_struct_sheet_range.beg_label_seq_id 
_struct_sheet_range.pdbx_beg_PDB_ins_code 
_struct_sheet_range.end_label_comp_id 
_struct_sheet_range.end_label_asym_id 
_struct_sheet_range.end_label_seq_id 
_struct_sheet_range.pdbx_end_PDB_ins_code 
_struct_sheet_range.beg_auth_comp_id 
_struct_sheet_range.beg_auth_asym_id 
_struct_sheet_range.beg_auth_seq_id 
_struct_sheet_range.end_auth_comp_id 
_struct_sheet_range.end_auth_asym_id 
_struct_sheet_range.end_auth_seq_id 
AA1 1 TYR A 3  ? ARG A 5  ? TYR A 3  ARG A 5  
AA1 2 TRP A 26 ? CYS A 30 ? TRP A 26 CYS A 30 
AA1 3 ARG A 14 ? ILE A 20 ? ARG A 14 ILE A 20 
AA1 4 ARG B 14 ? 3CT B 21 ? ARG B 14 3CT B 21 
AA1 5 ARG B 24 ? CYS B 30 ? ARG B 24 CYS B 30 
AA1 6 TYR B 3  ? ARG B 5  ? TYR B 3  ARG B 5  
# 
loop_
_pdbx_struct_sheet_hbond.sheet_id 
_pdbx_struct_sheet_hbond.range_id_1 
_pdbx_struct_sheet_hbond.range_id_2 
_pdbx_struct_sheet_hbond.range_1_label_atom_id 
_pdbx_struct_sheet_hbond.range_1_label_comp_id 
_pdbx_struct_sheet_hbond.range_1_label_asym_id 
_pdbx_struct_sheet_hbond.range_1_label_seq_id 
_pdbx_struct_sheet_hbond.range_1_PDB_ins_code 
_pdbx_struct_sheet_hbond.range_1_auth_atom_id 
_pdbx_struct_sheet_hbond.range_1_auth_comp_id 
_pdbx_struct_sheet_hbond.range_1_auth_asym_id 
_pdbx_struct_sheet_hbond.range_1_auth_seq_id 
_pdbx_struct_sheet_hbond.range_2_label_atom_id 
_pdbx_struct_sheet_hbond.range_2_label_comp_id 
_pdbx_struct_sheet_hbond.range_2_label_asym_id 
_pdbx_struct_sheet_hbond.range_2_label_seq_id 
_pdbx_struct_sheet_hbond.range_2_PDB_ins_code 
_pdbx_struct_sheet_hbond.range_2_auth_atom_id 
_pdbx_struct_sheet_hbond.range_2_auth_comp_id 
_pdbx_struct_sheet_hbond.range_2_auth_asym_id 
_pdbx_struct_sheet_hbond.range_2_auth_seq_id 
AA1 1 2 N TYR A 3  ? N TYR A 3  O CYS A 29 ? O CYS A 29 
AA1 2 3 O PHE A 28 ? O PHE A 28 N TYR A 16 ? N TYR A 16 
AA1 3 4 N THR A 18 ? N THR A 18 O ILE B 20 ? O ILE B 20 
AA1 4 5 N TYR B 16 ? N TYR B 16 O PHE B 28 ? O PHE B 28 
AA1 5 6 O ALA B 27 ? O ALA B 27 N ARG B 5  ? N ARG B 5  
# 
_pdbx_entry_details.entry_id                   9FQB 
_pdbx_entry_details.nonpolymer_details         ? 
_pdbx_entry_details.sequence_details           ? 
_pdbx_entry_details.compound_details           ? 
_pdbx_entry_details.source_details             ? 
_pdbx_entry_details.has_ligand_of_interest     Y 
_pdbx_entry_details.has_protein_modification   Y 
# 
_pdbx_validate_torsion.id              1 
_pdbx_validate_torsion.PDB_model_num   1 
_pdbx_validate_torsion.auth_comp_id    ALA 
_pdbx_validate_torsion.auth_asym_id    B 
_pdbx_validate_torsion.auth_seq_id     11 
_pdbx_validate_torsion.PDB_ins_code    ? 
_pdbx_validate_torsion.label_alt_id    ? 
_pdbx_validate_torsion.phi             54.53 
_pdbx_validate_torsion.psi             -128.19 
# 
loop_
_pdbx_struct_mod_residue.id 
_pdbx_struct_mod_residue.label_asym_id 
_pdbx_struct_mod_residue.label_comp_id 
_pdbx_struct_mod_residue.label_seq_id 
_pdbx_struct_mod_residue.auth_asym_id 
_pdbx_struct_mod_residue.auth_comp_id 
_pdbx_struct_mod_residue.auth_seq_id 
_pdbx_struct_mod_residue.PDB_ins_code 
_pdbx_struct_mod_residue.parent_comp_id 
_pdbx_struct_mod_residue.details 
1 A 3CT 21 A 3CT 21 ? TYR 'modified residue' 
2 B 3CT 21 B 3CT 21 ? TYR 'modified residue' 
# 
loop_
_pdbx_distant_solvent_atoms.id 
_pdbx_distant_solvent_atoms.PDB_model_num 
_pdbx_distant_solvent_atoms.auth_atom_id 
_pdbx_distant_solvent_atoms.label_alt_id 
_pdbx_distant_solvent_atoms.auth_asym_id 
_pdbx_distant_solvent_atoms.auth_comp_id 
_pdbx_distant_solvent_atoms.auth_seq_id 
_pdbx_distant_solvent_atoms.PDB_ins_code 
_pdbx_distant_solvent_atoms.neighbor_macromolecule_distance 
_pdbx_distant_solvent_atoms.neighbor_ligand_distance 
1 1 O ? A HOH 239 ? 6.22 . 
2 1 O ? A HOH 240 ? 6.26 . 
3 1 O ? B HOH 242 ? 5.85 . 
4 1 O ? B HOH 243 ? 6.00 . 
5 1 O ? B HOH 244 ? 6.19 . 
# 
loop_
_chem_comp_atom.comp_id 
_chem_comp_atom.atom_id 
_chem_comp_atom.type_symbol 
_chem_comp_atom.pdbx_aromatic_flag 
_chem_comp_atom.pdbx_stereo_config 
_chem_comp_atom.pdbx_ordinal 
3CT N    N  N N 1   
3CT CA   C  N S 2   
3CT CB   C  N N 3   
3CT CG   C  Y N 4   
3CT CD2  C  Y N 5   
3CT CE2  C  Y N 6   
3CT CL   CL N N 7   
3CT CZ   C  Y N 8   
3CT OH   O  N N 9   
3CT CE1  C  Y N 10  
3CT CD1  C  Y N 11  
3CT C    C  N N 12  
3CT O    O  N N 13  
3CT OXT  O  N N 14  
3CT H    H  N N 15  
3CT H2   H  N N 16  
3CT HA   H  N N 17  
3CT HB2  H  N N 18  
3CT HB3  H  N N 19  
3CT HD2  H  N N 20  
3CT HH   H  N N 21  
3CT HE1  H  N N 22  
3CT HD1  H  N N 23  
3CT HXT  H  N N 24  
ACT C    C  N N 25  
ACT O    O  N N 26  
ACT OXT  O  N N 27  
ACT CH3  C  N N 28  
ACT H1   H  N N 29  
ACT H2   H  N N 30  
ACT H3   H  N N 31  
ALA N    N  N N 32  
ALA CA   C  N S 33  
ALA C    C  N N 34  
ALA O    O  N N 35  
ALA CB   C  N N 36  
ALA OXT  O  N N 37  
ALA H    H  N N 38  
ALA H2   H  N N 39  
ALA HA   H  N N 40  
ALA HB1  H  N N 41  
ALA HB2  H  N N 42  
ALA HB3  H  N N 43  
ALA HXT  H  N N 44  
ARG N    N  N N 45  
ARG CA   C  N S 46  
ARG C    C  N N 47  
ARG O    O  N N 48  
ARG CB   C  N N 49  
ARG CG   C  N N 50  
ARG CD   C  N N 51  
ARG NE   N  N N 52  
ARG CZ   C  N N 53  
ARG NH1  N  N N 54  
ARG NH2  N  N N 55  
ARG OXT  O  N N 56  
ARG H    H  N N 57  
ARG H2   H  N N 58  
ARG HA   H  N N 59  
ARG HB2  H  N N 60  
ARG HB3  H  N N 61  
ARG HG2  H  N N 62  
ARG HG3  H  N N 63  
ARG HD2  H  N N 64  
ARG HD3  H  N N 65  
ARG HE   H  N N 66  
ARG HH11 H  N N 67  
ARG HH12 H  N N 68  
ARG HH21 H  N N 69  
ARG HH22 H  N N 70  
ARG HXT  H  N N 71  
CYS N    N  N N 72  
CYS CA   C  N R 73  
CYS C    C  N N 74  
CYS O    O  N N 75  
CYS CB   C  N N 76  
CYS SG   S  N N 77  
CYS OXT  O  N N 78  
CYS H    H  N N 79  
CYS H2   H  N N 80  
CYS HA   H  N N 81  
CYS HB2  H  N N 82  
CYS HB3  H  N N 83  
CYS HG   H  N N 84  
CYS HXT  H  N N 85  
GLN N    N  N N 86  
GLN CA   C  N S 87  
GLN C    C  N N 88  
GLN O    O  N N 89  
GLN CB   C  N N 90  
GLN CG   C  N N 91  
GLN CD   C  N N 92  
GLN OE1  O  N N 93  
GLN NE2  N  N N 94  
GLN OXT  O  N N 95  
GLN H    H  N N 96  
GLN H2   H  N N 97  
GLN HA   H  N N 98  
GLN HB2  H  N N 99  
GLN HB3  H  N N 100 
GLN HG2  H  N N 101 
GLN HG3  H  N N 102 
GLN HE21 H  N N 103 
GLN HE22 H  N N 104 
GLN HXT  H  N N 105 
GLU N    N  N N 106 
GLU CA   C  N S 107 
GLU C    C  N N 108 
GLU O    O  N N 109 
GLU CB   C  N N 110 
GLU CG   C  N N 111 
GLU CD   C  N N 112 
GLU OE1  O  N N 113 
GLU OE2  O  N N 114 
GLU OXT  O  N N 115 
GLU H    H  N N 116 
GLU H2   H  N N 117 
GLU HA   H  N N 118 
GLU HB2  H  N N 119 
GLU HB3  H  N N 120 
GLU HG2  H  N N 121 
GLU HG3  H  N N 122 
GLU HE2  H  N N 123 
GLU HXT  H  N N 124 
GLY N    N  N N 125 
GLY CA   C  N N 126 
GLY C    C  N N 127 
GLY O    O  N N 128 
GLY OXT  O  N N 129 
GLY H    H  N N 130 
GLY H2   H  N N 131 
GLY HA2  H  N N 132 
GLY HA3  H  N N 133 
GLY HXT  H  N N 134 
HOH O    O  N N 135 
HOH H1   H  N N 136 
HOH H2   H  N N 137 
ILE N    N  N N 138 
ILE CA   C  N S 139 
ILE C    C  N N 140 
ILE O    O  N N 141 
ILE CB   C  N S 142 
ILE CG1  C  N N 143 
ILE CG2  C  N N 144 
ILE CD1  C  N N 145 
ILE OXT  O  N N 146 
ILE H    H  N N 147 
ILE H2   H  N N 148 
ILE HA   H  N N 149 
ILE HB   H  N N 150 
ILE HG12 H  N N 151 
ILE HG13 H  N N 152 
ILE HG21 H  N N 153 
ILE HG22 H  N N 154 
ILE HG23 H  N N 155 
ILE HD11 H  N N 156 
ILE HD12 H  N N 157 
ILE HD13 H  N N 158 
ILE HXT  H  N N 159 
LEU N    N  N N 160 
LEU CA   C  N S 161 
LEU C    C  N N 162 
LEU O    O  N N 163 
LEU CB   C  N N 164 
LEU CG   C  N N 165 
LEU CD1  C  N N 166 
LEU CD2  C  N N 167 
LEU OXT  O  N N 168 
LEU H    H  N N 169 
LEU H2   H  N N 170 
LEU HA   H  N N 171 
LEU HB2  H  N N 172 
LEU HB3  H  N N 173 
LEU HG   H  N N 174 
LEU HD11 H  N N 175 
LEU HD12 H  N N 176 
LEU HD13 H  N N 177 
LEU HD21 H  N N 178 
LEU HD22 H  N N 179 
LEU HD23 H  N N 180 
LEU HXT  H  N N 181 
PHE N    N  N N 182 
PHE CA   C  N S 183 
PHE C    C  N N 184 
PHE O    O  N N 185 
PHE CB   C  N N 186 
PHE CG   C  Y N 187 
PHE CD1  C  Y N 188 
PHE CD2  C  Y N 189 
PHE CE1  C  Y N 190 
PHE CE2  C  Y N 191 
PHE CZ   C  Y N 192 
PHE OXT  O  N N 193 
PHE H    H  N N 194 
PHE H2   H  N N 195 
PHE HA   H  N N 196 
PHE HB2  H  N N 197 
PHE HB3  H  N N 198 
PHE HD1  H  N N 199 
PHE HD2  H  N N 200 
PHE HE1  H  N N 201 
PHE HE2  H  N N 202 
PHE HZ   H  N N 203 
PHE HXT  H  N N 204 
PRO N    N  N N 205 
PRO CA   C  N S 206 
PRO C    C  N N 207 
PRO O    O  N N 208 
PRO CB   C  N N 209 
PRO CG   C  N N 210 
PRO CD   C  N N 211 
PRO OXT  O  N N 212 
PRO H    H  N N 213 
PRO HA   H  N N 214 
PRO HB2  H  N N 215 
PRO HB3  H  N N 216 
PRO HG2  H  N N 217 
PRO HG3  H  N N 218 
PRO HD2  H  N N 219 
PRO HD3  H  N N 220 
PRO HXT  H  N N 221 
THR N    N  N N 222 
THR CA   C  N S 223 
THR C    C  N N 224 
THR O    O  N N 225 
THR CB   C  N R 226 
THR OG1  O  N N 227 
THR CG2  C  N N 228 
THR OXT  O  N N 229 
THR H    H  N N 230 
THR H2   H  N N 231 
THR HA   H  N N 232 
THR HB   H  N N 233 
THR HG1  H  N N 234 
THR HG21 H  N N 235 
THR HG22 H  N N 236 
THR HG23 H  N N 237 
THR HXT  H  N N 238 
TRP N    N  N N 239 
TRP CA   C  N S 240 
TRP C    C  N N 241 
TRP O    O  N N 242 
TRP CB   C  N N 243 
TRP CG   C  Y N 244 
TRP CD1  C  Y N 245 
TRP CD2  C  Y N 246 
TRP NE1  N  Y N 247 
TRP CE2  C  Y N 248 
TRP CE3  C  Y N 249 
TRP CZ2  C  Y N 250 
TRP CZ3  C  Y N 251 
TRP CH2  C  Y N 252 
TRP OXT  O  N N 253 
TRP H    H  N N 254 
TRP H2   H  N N 255 
TRP HA   H  N N 256 
TRP HB2  H  N N 257 
TRP HB3  H  N N 258 
TRP HD1  H  N N 259 
TRP HE1  H  N N 260 
TRP HE3  H  N N 261 
TRP HZ2  H  N N 262 
TRP HZ3  H  N N 263 
TRP HH2  H  N N 264 
TRP HXT  H  N N 265 
TYR N    N  N N 266 
TYR CA   C  N S 267 
TYR C    C  N N 268 
TYR O    O  N N 269 
TYR CB   C  N N 270 
TYR CG   C  Y N 271 
TYR CD1  C  Y N 272 
TYR CD2  C  Y N 273 
TYR CE1  C  Y N 274 
TYR CE2  C  Y N 275 
TYR CZ   C  Y N 276 
TYR OH   O  N N 277 
TYR OXT  O  N N 278 
TYR H    H  N N 279 
TYR H2   H  N N 280 
TYR HA   H  N N 281 
TYR HB2  H  N N 282 
TYR HB3  H  N N 283 
TYR HD1  H  N N 284 
TYR HD2  H  N N 285 
TYR HE1  H  N N 286 
TYR HE2  H  N N 287 
TYR HH   H  N N 288 
TYR HXT  H  N N 289 
# 
loop_
_chem_comp_bond.comp_id 
_chem_comp_bond.atom_id_1 
_chem_comp_bond.atom_id_2 
_chem_comp_bond.value_order 
_chem_comp_bond.pdbx_aromatic_flag 
_chem_comp_bond.pdbx_stereo_config 
_chem_comp_bond.pdbx_ordinal 
3CT OH  CZ   sing N N 1   
3CT CE1 CZ   doub Y N 2   
3CT CE1 CD1  sing Y N 3   
3CT CZ  CE2  sing Y N 4   
3CT CD1 CG   doub Y N 5   
3CT CE2 CD2  doub Y N 6   
3CT CE2 CL   sing N N 7   
3CT CG  CD2  sing Y N 8   
3CT CG  CB   sing N N 9   
3CT CB  CA   sing N N 10  
3CT N   CA   sing N N 11  
3CT CA  C    sing N N 12  
3CT C   O    doub N N 13  
3CT C   OXT  sing N N 14  
3CT N   H    sing N N 15  
3CT N   H2   sing N N 16  
3CT CA  HA   sing N N 17  
3CT CB  HB2  sing N N 18  
3CT CB  HB3  sing N N 19  
3CT CD2 HD2  sing N N 20  
3CT OH  HH   sing N N 21  
3CT CE1 HE1  sing N N 22  
3CT CD1 HD1  sing N N 23  
3CT OXT HXT  sing N N 24  
ACT C   O    doub N N 25  
ACT C   OXT  sing N N 26  
ACT C   CH3  sing N N 27  
ACT CH3 H1   sing N N 28  
ACT CH3 H2   sing N N 29  
ACT CH3 H3   sing N N 30  
ALA N   CA   sing N N 31  
ALA N   H    sing N N 32  
ALA N   H2   sing N N 33  
ALA CA  C    sing N N 34  
ALA CA  CB   sing N N 35  
ALA CA  HA   sing N N 36  
ALA C   O    doub N N 37  
ALA C   OXT  sing N N 38  
ALA CB  HB1  sing N N 39  
ALA CB  HB2  sing N N 40  
ALA CB  HB3  sing N N 41  
ALA OXT HXT  sing N N 42  
ARG N   CA   sing N N 43  
ARG N   H    sing N N 44  
ARG N   H2   sing N N 45  
ARG CA  C    sing N N 46  
ARG CA  CB   sing N N 47  
ARG CA  HA   sing N N 48  
ARG C   O    doub N N 49  
ARG C   OXT  sing N N 50  
ARG CB  CG   sing N N 51  
ARG CB  HB2  sing N N 52  
ARG CB  HB3  sing N N 53  
ARG CG  CD   sing N N 54  
ARG CG  HG2  sing N N 55  
ARG CG  HG3  sing N N 56  
ARG CD  NE   sing N N 57  
ARG CD  HD2  sing N N 58  
ARG CD  HD3  sing N N 59  
ARG NE  CZ   sing N N 60  
ARG NE  HE   sing N N 61  
ARG CZ  NH1  sing N N 62  
ARG CZ  NH2  doub N N 63  
ARG NH1 HH11 sing N N 64  
ARG NH1 HH12 sing N N 65  
ARG NH2 HH21 sing N N 66  
ARG NH2 HH22 sing N N 67  
ARG OXT HXT  sing N N 68  
CYS N   CA   sing N N 69  
CYS N   H    sing N N 70  
CYS N   H2   sing N N 71  
CYS CA  C    sing N N 72  
CYS CA  CB   sing N N 73  
CYS CA  HA   sing N N 74  
CYS C   O    doub N N 75  
CYS C   OXT  sing N N 76  
CYS CB  SG   sing N N 77  
CYS CB  HB2  sing N N 78  
CYS CB  HB3  sing N N 79  
CYS SG  HG   sing N N 80  
CYS OXT HXT  sing N N 81  
GLN N   CA   sing N N 82  
GLN N   H    sing N N 83  
GLN N   H2   sing N N 84  
GLN CA  C    sing N N 85  
GLN CA  CB   sing N N 86  
GLN CA  HA   sing N N 87  
GLN C   O    doub N N 88  
GLN C   OXT  sing N N 89  
GLN CB  CG   sing N N 90  
GLN CB  HB2  sing N N 91  
GLN CB  HB3  sing N N 92  
GLN CG  CD   sing N N 93  
GLN CG  HG2  sing N N 94  
GLN CG  HG3  sing N N 95  
GLN CD  OE1  doub N N 96  
GLN CD  NE2  sing N N 97  
GLN NE2 HE21 sing N N 98  
GLN NE2 HE22 sing N N 99  
GLN OXT HXT  sing N N 100 
GLU N   CA   sing N N 101 
GLU N   H    sing N N 102 
GLU N   H2   sing N N 103 
GLU CA  C    sing N N 104 
GLU CA  CB   sing N N 105 
GLU CA  HA   sing N N 106 
GLU C   O    doub N N 107 
GLU C   OXT  sing N N 108 
GLU CB  CG   sing N N 109 
GLU CB  HB2  sing N N 110 
GLU CB  HB3  sing N N 111 
GLU CG  CD   sing N N 112 
GLU CG  HG2  sing N N 113 
GLU CG  HG3  sing N N 114 
GLU CD  OE1  doub N N 115 
GLU CD  OE2  sing N N 116 
GLU OE2 HE2  sing N N 117 
GLU OXT HXT  sing N N 118 
GLY N   CA   sing N N 119 
GLY N   H    sing N N 120 
GLY N   H2   sing N N 121 
GLY CA  C    sing N N 122 
GLY CA  HA2  sing N N 123 
GLY CA  HA3  sing N N 124 
GLY C   O    doub N N 125 
GLY C   OXT  sing N N 126 
GLY OXT HXT  sing N N 127 
HOH O   H1   sing N N 128 
HOH O   H2   sing N N 129 
ILE N   CA   sing N N 130 
ILE N   H    sing N N 131 
ILE N   H2   sing N N 132 
ILE CA  C    sing N N 133 
ILE CA  CB   sing N N 134 
ILE CA  HA   sing N N 135 
ILE C   O    doub N N 136 
ILE C   OXT  sing N N 137 
ILE CB  CG1  sing N N 138 
ILE CB  CG2  sing N N 139 
ILE CB  HB   sing N N 140 
ILE CG1 CD1  sing N N 141 
ILE CG1 HG12 sing N N 142 
ILE CG1 HG13 sing N N 143 
ILE CG2 HG21 sing N N 144 
ILE CG2 HG22 sing N N 145 
ILE CG2 HG23 sing N N 146 
ILE CD1 HD11 sing N N 147 
ILE CD1 HD12 sing N N 148 
ILE CD1 HD13 sing N N 149 
ILE OXT HXT  sing N N 150 
LEU N   CA   sing N N 151 
LEU N   H    sing N N 152 
LEU N   H2   sing N N 153 
LEU CA  C    sing N N 154 
LEU CA  CB   sing N N 155 
LEU CA  HA   sing N N 156 
LEU C   O    doub N N 157 
LEU C   OXT  sing N N 158 
LEU CB  CG   sing N N 159 
LEU CB  HB2  sing N N 160 
LEU CB  HB3  sing N N 161 
LEU CG  CD1  sing N N 162 
LEU CG  CD2  sing N N 163 
LEU CG  HG   sing N N 164 
LEU CD1 HD11 sing N N 165 
LEU CD1 HD12 sing N N 166 
LEU CD1 HD13 sing N N 167 
LEU CD2 HD21 sing N N 168 
LEU CD2 HD22 sing N N 169 
LEU CD2 HD23 sing N N 170 
LEU OXT HXT  sing N N 171 
PHE N   CA   sing N N 172 
PHE N   H    sing N N 173 
PHE N   H2   sing N N 174 
PHE CA  C    sing N N 175 
PHE CA  CB   sing N N 176 
PHE CA  HA   sing N N 177 
PHE C   O    doub N N 178 
PHE C   OXT  sing N N 179 
PHE CB  CG   sing N N 180 
PHE CB  HB2  sing N N 181 
PHE CB  HB3  sing N N 182 
PHE CG  CD1  doub Y N 183 
PHE CG  CD2  sing Y N 184 
PHE CD1 CE1  sing Y N 185 
PHE CD1 HD1  sing N N 186 
PHE CD2 CE2  doub Y N 187 
PHE CD2 HD2  sing N N 188 
PHE CE1 CZ   doub Y N 189 
PHE CE1 HE1  sing N N 190 
PHE CE2 CZ   sing Y N 191 
PHE CE2 HE2  sing N N 192 
PHE CZ  HZ   sing N N 193 
PHE OXT HXT  sing N N 194 
PRO N   CA   sing N N 195 
PRO N   CD   sing N N 196 
PRO N   H    sing N N 197 
PRO CA  C    sing N N 198 
PRO CA  CB   sing N N 199 
PRO CA  HA   sing N N 200 
PRO C   O    doub N N 201 
PRO C   OXT  sing N N 202 
PRO CB  CG   sing N N 203 
PRO CB  HB2  sing N N 204 
PRO CB  HB3  sing N N 205 
PRO CG  CD   sing N N 206 
PRO CG  HG2  sing N N 207 
PRO CG  HG3  sing N N 208 
PRO CD  HD2  sing N N 209 
PRO CD  HD3  sing N N 210 
PRO OXT HXT  sing N N 211 
THR N   CA   sing N N 212 
THR N   H    sing N N 213 
THR N   H2   sing N N 214 
THR CA  C    sing N N 215 
THR CA  CB   sing N N 216 
THR CA  HA   sing N N 217 
THR C   O    doub N N 218 
THR C   OXT  sing N N 219 
THR CB  OG1  sing N N 220 
THR CB  CG2  sing N N 221 
THR CB  HB   sing N N 222 
THR OG1 HG1  sing N N 223 
THR CG2 HG21 sing N N 224 
THR CG2 HG22 sing N N 225 
THR CG2 HG23 sing N N 226 
THR OXT HXT  sing N N 227 
TRP N   CA   sing N N 228 
TRP N   H    sing N N 229 
TRP N   H2   sing N N 230 
TRP CA  C    sing N N 231 
TRP CA  CB   sing N N 232 
TRP CA  HA   sing N N 233 
TRP C   O    doub N N 234 
TRP C   OXT  sing N N 235 
TRP CB  CG   sing N N 236 
TRP CB  HB2  sing N N 237 
TRP CB  HB3  sing N N 238 
TRP CG  CD1  doub Y N 239 
TRP CG  CD2  sing Y N 240 
TRP CD1 NE1  sing Y N 241 
TRP CD1 HD1  sing N N 242 
TRP CD2 CE2  doub Y N 243 
TRP CD2 CE3  sing Y N 244 
TRP NE1 CE2  sing Y N 245 
TRP NE1 HE1  sing N N 246 
TRP CE2 CZ2  sing Y N 247 
TRP CE3 CZ3  doub Y N 248 
TRP CE3 HE3  sing N N 249 
TRP CZ2 CH2  doub Y N 250 
TRP CZ2 HZ2  sing N N 251 
TRP CZ3 CH2  sing Y N 252 
TRP CZ3 HZ3  sing N N 253 
TRP CH2 HH2  sing N N 254 
TRP OXT HXT  sing N N 255 
TYR N   CA   sing N N 256 
TYR N   H    sing N N 257 
TYR N   H2   sing N N 258 
TYR CA  C    sing N N 259 
TYR CA  CB   sing N N 260 
TYR CA  HA   sing N N 261 
TYR C   O    doub N N 262 
TYR C   OXT  sing N N 263 
TYR CB  CG   sing N N 264 
TYR CB  HB2  sing N N 265 
TYR CB  HB3  sing N N 266 
TYR CG  CD1  doub Y N 267 
TYR CG  CD2  sing Y N 268 
TYR CD1 CE1  sing Y N 269 
TYR CD1 HD1  sing N N 270 
TYR CD2 CE2  doub Y N 271 
TYR CD2 HD2  sing N N 272 
TYR CE1 CZ   doub Y N 273 
TYR CE1 HE1  sing N N 274 
TYR CE2 CZ   sing Y N 275 
TYR CE2 HE2  sing N N 276 
TYR CZ  OH   sing N N 277 
TYR OH  HH   sing N N 278 
TYR OXT HXT  sing N N 279 
# 
_pdbx_audit_support.funding_organization   'Not funded' 
_pdbx_audit_support.country                ? 
_pdbx_audit_support.grant_number           ? 
_pdbx_audit_support.ordinal                1 
# 
_pdbx_initial_refinement_model.id               1 
_pdbx_initial_refinement_model.entity_id_list   ? 
_pdbx_initial_refinement_model.type             'experimental model' 
_pdbx_initial_refinement_model.source_name      PDB 
_pdbx_initial_refinement_model.accession_code   3GNY 
_pdbx_initial_refinement_model.details          ? 
# 
_atom_sites.entry_id                    9FQB 
_atom_sites.Cartn_transf_matrix[1][1]   ? 
_atom_sites.Cartn_transf_matrix[1][2]   ? 
_atom_sites.Cartn_transf_matrix[1][3]   ? 
_atom_sites.Cartn_transf_matrix[2][1]   ? 
_atom_sites.Cartn_transf_matrix[2][2]   ? 
_atom_sites.Cartn_transf_matrix[2][3]   ? 
_atom_sites.Cartn_transf_matrix[3][1]   ? 
_atom_sites.Cartn_transf_matrix[3][2]   ? 
_atom_sites.Cartn_transf_matrix[3][3]   ? 
_atom_sites.Cartn_transf_vector[1]      ? 
_atom_sites.Cartn_transf_vector[2]      ? 
_atom_sites.Cartn_transf_vector[3]      ? 
_atom_sites.Cartn_transform_axes        ? 
_atom_sites.fract_transf_matrix[1][1]   0.00771601 
_atom_sites.fract_transf_matrix[1][2]   0.01966355 
_atom_sites.fract_transf_matrix[1][3]   0.01348694 
_atom_sites.fract_transf_matrix[2][1]   -0.01487435 
_atom_sites.fract_transf_matrix[2][2]   0.00966522 
_atom_sites.fract_transf_matrix[2][3]   0.01770286 
_atom_sites.fract_transf_matrix[3][1]   0.00780635 
_atom_sites.fract_transf_matrix[3][2]   -0.01208900 
_atom_sites.fract_transf_matrix[3][3]   0.01315930 
_atom_sites.fract_transf_vector[1]      -0.451302 
_atom_sites.fract_transf_vector[2]      0.259319 
_atom_sites.fract_transf_vector[3]      0.291619 
_atom_sites.solution_primary            ? 
_atom_sites.solution_secondary          ? 
_atom_sites.solution_hydrogens          ? 
_atom_sites.special_details             ? 
# 
loop_
_atom_type.symbol 
C  
CL 
H  
N  
O  
S  
# 
loop_
_atom_site.group_PDB 
_atom_site.id 
_atom_site.type_symbol 
_atom_site.label_atom_id 
_atom_site.label_alt_id 
_atom_site.label_comp_id 
_atom_site.label_asym_id 
_atom_site.label_entity_id 
_atom_site.label_seq_id 
_atom_site.pdbx_PDB_ins_code 
_atom_site.Cartn_x 
_atom_site.Cartn_y 
_atom_site.Cartn_z 
_atom_site.occupancy 
_atom_site.B_iso_or_equiv 
_atom_site.pdbx_formal_charge 
_atom_site.auth_seq_id 
_atom_site.auth_comp_id 
_atom_site.auth_asym_id 
_atom_site.auth_atom_id 
_atom_site.pdbx_PDB_model_num 
ATOM   1    N  N    . ALA A 1 1  ? -1.44994  7.32943   8.81310   1.000 10.09644 ? 1   ALA A N    1 
ATOM   2    C  CA   . ALA A 1 1  ? -1.23217  6.03348   8.13007   1.000 9.24841  ? 1   ALA A CA   1 
ATOM   3    C  C    . ALA A 1 1  ? -0.35294  6.30481   6.90810   1.000 9.42548  ? 1   ALA A C    1 
ATOM   4    O  O    . ALA A 1 1  ? 0.06076   7.42901   6.65971   1.000 10.76505 ? 1   ALA A O    1 
ATOM   5    C  CB   . ALA A 1 1  ? -2.55544  5.40138   7.78920   1.000 10.30492 ? 1   ALA A CB   1 
ATOM   6    H  H1   . ALA A 1 1  ? -1.75273  7.18326   9.63714   1.000 12.13043 ? 1   ALA A H1   1 
ATOM   7    H  H2   . ALA A 1 1  ? -0.68113  7.77589   8.85436   1.000 12.13043 ? 1   ALA A H2   1 
ATOM   8    H  H3   . ALA A 1 1  ? -2.04681  7.80789   8.35822   1.000 12.13043 ? 1   ALA A H3   1 
ATOM   9    H  HA   . ALA A 1 1  ? -0.78225  5.38397   8.69276   1.000 11.11279 ? 1   ALA A HA   1 
ATOM   10   H  HB1  . ALA A 1 1  ? -2.39578  4.54521   7.36216   1.000 12.38061 ? 1   ALA A HB1  1 
ATOM   11   H  HB2  . ALA A 1 1  ? -3.06423  5.27425   8.60521   1.000 12.38061 ? 1   ALA A HB2  1 
ATOM   12   H  HB3  . ALA A 1 1  ? -3.03901  5.98695   7.18573   1.000 12.38061 ? 1   ALA A HB3  1 
ATOM   13   N  N    . CYS A 1 2  ? -0.06750  5.24239   6.18951   1.000 9.60911  ? 2   CYS A N    1 
ATOM   14   C  CA   . CYS A 1 2  ? 0.68569   5.28986   4.94950   1.000 9.85952  ? 2   CYS A CA   1 
ATOM   15   C  C    . CYS A 1 2  ? -0.26438  5.14441   3.75271   1.000 10.15502 ? 2   CYS A C    1 
ATOM   16   O  O    . CYS A 1 2  ? -1.36935  4.60959   3.85400   1.000 11.07272 ? 2   CYS A O    1 
ATOM   17   C  CB   . CYS A 1 2  ? 1.76013   4.18525   4.93328   1.000 10.60900 ? 2   CYS A CB   1 
ATOM   18   S  SG   . CYS A 1 2  ? 2.85551   4.27785   6.36719   1.000 11.75160 ? 2   CYS A SG   1 
ATOM   19   H  H    . CYS A 1 2  ? -0.30801  4.44548   6.40556   1.000 11.54563 ? 2   CYS A H    1 
ATOM   20   H  HA   . CYS A 1 2  ? 1.13958   6.14316   4.86716   1.000 11.84613 ? 2   CYS A HA   1 
ATOM   21   H  HB2  . CYS A 1 2  ? 1.32484   3.31842   4.94012   1.000 12.74550 ? 2   CYS A HB2  1 
ATOM   22   H  HB3  . CYS A 1 2  ? 2.30019   4.27899   4.13301   1.000 12.74550 ? 2   CYS A HB3  1 
ATOM   23   N  N    . TYR A 1 3  ? 0.18319   5.64775   2.59898   1.000 9.12921  ? 3   TYR A N    1 
ATOM   24   C  CA   . TYR A 1 3  ? -0.64423  5.83436   1.42711   1.000 9.31089  ? 3   TYR A CA   1 
ATOM   25   C  C    . TYR A 1 3  ? 0.07060   5.28702   0.19827   1.000 8.73203  ? 3   TYR A C    1 
ATOM   26   O  O    . TYR A 1 3  ? 1.28694   5.20308   0.13971   1.000 10.11568 ? 3   TYR A O    1 
ATOM   27   C  CB   . TYR A 1 3  ? -0.92779  7.32037   1.15256   1.000 9.63246  ? 3   TYR A CB   1 
ATOM   28   C  CG   . TYR A 1 3  ? -1.27363  8.09436   2.37400   1.000 9.35569  ? 3   TYR A CG   1 
ATOM   29   C  CD1  . TYR A 1 3  ? -2.30208  7.70025   3.21279   1.000 9.91874  ? 3   TYR A CD1  1 
ATOM   30   C  CD2  . TYR A 1 3  ? -0.56548  9.23549   2.71485   1.000 9.57547  ? 3   TYR A CD2  1 
ATOM   31   C  CE1  . TYR A 1 3  ? -2.59641  8.41744   4.36996   1.000 9.76944  ? 3   TYR A CE1  1 
ATOM   32   C  CE2  . TYR A 1 3  ? -0.86544  9.94554   3.87839   1.000 9.30882  ? 3   TYR A CE2  1 
ATOM   33   C  CZ   . TYR A 1 3  ? -1.88162  9.54299   4.69993   1.000 9.36874  ? 3   TYR A CZ   1 
ATOM   34   O  OH   . TYR A 1 3  ? -2.16015  10.24964  5.83133   1.000 9.98457  ? 3   TYR A OH   1 
ATOM   35   H  H    . TYR A 1 3  ? 0.99730   5.89573   2.47518   1.000 10.96975 ? 3   TYR A H    1 
ATOM   36   H  HA   . TYR A 1 3  ? -1.47661  5.35806   1.57270   1.000 11.18777 ? 3   TYR A HA   1 
ATOM   37   H  HB2  . TYR A 1 3  ? -0.13698  7.72233   0.76021   1.000 11.57366 ? 3   TYR A HB2  1 
ATOM   38   H  HB3  . TYR A 1 3  ? -1.67438  7.38772   0.53695   1.000 11.57366 ? 3   TYR A HB3  1 
ATOM   39   H  HD1  . TYR A 1 3  ? -2.80338  6.94618   3.00068   1.000 11.91719 ? 3   TYR A HD1  1 
ATOM   40   H  HD2  . TYR A 1 3  ? 0.11951   9.53254   2.16038   1.000 11.50526 ? 3   TYR A HD2  1 
ATOM   41   H  HE1  . TYR A 1 3  ? -3.28489  8.13089   4.92564   1.000 11.73803 ? 3   TYR A HE1  1 
ATOM   42   H  HE2  . TYR A 1 3  ? -0.36874  10.70068  4.09731   1.000 11.18528 ? 3   TYR A HE2  1 
ATOM   43   H  HH   . TYR A 1 3  ? -1.75788  10.98689  5.81592   1.000 11.99618 ? 3   TYR A HH   1 
ATOM   44   N  N    . CYS A 1 4  ? -0.70235  4.98555   -0.84031  1.000 8.92699  ? 4   CYS A N    1 
ATOM   45   C  CA   . CYS A 1 4  ? -0.16026  4.69055   -2.16000  1.000 8.94168  ? 4   CYS A CA   1 
ATOM   46   C  C    . CYS A 1 4  ? -0.43143  5.89806   -3.05945  1.000 9.49193  ? 4   CYS A C    1 
ATOM   47   O  O    . CYS A 1 4  ? -1.58681  6.33161   -3.19025  1.000 10.49085 ? 4   CYS A O    1 
ATOM   48   C  CB   . CYS A 1 4  ? -0.77777  3.42543   -2.73898  1.000 9.73480  ? 4   CYS A CB   1 
ATOM   49   S  SG   . CYS A 1 4  ? -0.48935  1.94350   -1.73590  0.970 9.52878  ? 4   CYS A SG   1 
ATOM   50   H  H    . CYS A 1 4  ? -1.56060  4.94521   -0.80294  1.000 10.72709 ? 4   CYS A H    1 
ATOM   51   H  HA   . CYS A 1 4  ? 0.79724   4.54302   -2.11189  1.000 10.74472 ? 4   CYS A HA   1 
ATOM   52   H  HB2  . CYS A 1 4  ? -1.73680  3.55188   -2.81092  1.000 11.69647 ? 4   CYS A HB2  1 
ATOM   53   H  HB3  . CYS A 1 4  ? -0.39724  3.26696   -3.61703  1.000 11.69647 ? 4   CYS A HB3  1 
ATOM   54   N  N    . ARG A 1 5  ? 0.62428   6.42177   -3.68797  1.000 8.99392  ? 5   ARG A N    1 
ATOM   55   C  CA   . ARG A 1 5  ? 0.50508   7.61359   -4.52294  1.000 9.28193  ? 5   ARG A CA   1 
ATOM   56   C  C    . ARG A 1 5  ? 1.24150   7.46047   -5.84438  1.000 9.44289  ? 5   ARG A C    1 
ATOM   57   O  O    . ARG A 1 5  ? 2.28208   6.79264   -5.92264  1.000 10.06788 ? 5   ARG A O    1 
ATOM   58   C  CB   . ARG A 1 5  ? 1.12147   8.84773   -3.81589  1.000 10.05088 ? 5   ARG A CB   1 
ATOM   59   C  CG   . ARG A 1 5  ? 0.43922   9.27113   -2.53475  1.000 10.21749 ? 5   ARG A CG   1 
ATOM   60   C  CD   . ARG A 1 5  ? 0.96002   10.59444  -2.09540  1.000 10.97880 ? 5   ARG A CD   1 
ATOM   61   N  NE   . ARG A 1 5  ? 0.48593   11.06113  -0.79335  1.000 10.67764 ? 5   ARG A NE   1 
ATOM   62   C  CZ   . ARG A 1 5  ? -0.63474  11.75186  -0.59797  1.000 10.31191 ? 5   ARG A CZ   1 
ATOM   63   N  NH1  . ARG A 1 5  ? -1.48988  11.99292  -1.59336  1.000 10.72815 ? 5   ARG A NH1  1 
ATOM   64   N  NH2  . ARG A 1 5  ? -0.90720  12.19405  0.62155   1.000 10.44635 ? 5   ARG A NH2  1 
ATOM   65   H  H    . ARG A 1 5  ? 1.42121   6.10147   -3.64415  1.000 10.80740 ? 5   ARG A H    1 
ATOM   66   H  HA   . ARG A 1 5  ? -0.43861  7.74121   -4.70748  1.000 11.15302 ? 5   ARG A HA   1 
ATOM   67   H  HB2  . ARG A 1 5  ? 2.04473   8.64511   -3.59810  1.000 12.07576 ? 5   ARG A HB2  1 
ATOM   68   H  HB3  . ARG A 1 5  ? 1.08212   9.60045   -4.42644  1.000 12.07576 ? 5   ARG A HB3  1 
ATOM   69   H  HG2  . ARG A 1 5  ? -0.51654  9.34608   -2.68235  1.000 12.27568 ? 5   ARG A HG2  1 
ATOM   70   H  HG3  . ARG A 1 5  ? 0.61731   8.61968   -1.83847  1.000 12.27568 ? 5   ARG A HG3  1 
ATOM   71   H  HD2  . ARG A 1 5  ? 1.92729   10.54062  -2.04649  1.000 13.18926 ? 5   ARG A HD2  1 
ATOM   72   H  HD3  . ARG A 1 5  ? 0.69748   11.25874  -2.75167  1.000 13.18926 ? 5   ARG A HD3  1 
ATOM   73   H  HE   . ARG A 1 5  ? 0.96582   10.87594  -0.10413  1.000 12.82787 ? 5   ARG A HE   1 
ATOM   74   H  HH11 . ARG A 1 5  ? -1.32279  11.69955  -2.38432  1.000 12.88848 ? 5   ARG A HH11 1 
ATOM   75   H  HH12 . ARG A 1 5  ? -2.20815  12.44166  -1.44400  1.000 12.88848 ? 5   ARG A HH12 1 
ATOM   76   H  HH21 . ARG A 1 5  ? -0.36417  12.03293  1.26866   1.000 12.55032 ? 5   ARG A HH21 1 
ATOM   77   H  HH22 . ARG A 1 5  ? -1.62700  12.64206  0.76567   1.000 12.55032 ? 5   ARG A HH22 1 
ATOM   78   N  N    . ILE A 1 6  ? 0.72006   8.15665   -6.86051  1.000 9.56518  ? 6   ILE A N    1 
ATOM   79   C  CA   . ILE A 1 6  ? 1.45478   8.39805   -8.09715  1.000 10.77128 ? 6   ILE A CA   1 
ATOM   80   C  C    . ILE A 1 6  ? 1.43383   9.87576   -8.43353  1.000 10.97044 ? 6   ILE A C    1 
ATOM   81   O  O    . ILE A 1 6  ? 0.40413   10.54167  -8.23384  1.000 11.96317 ? 6   ILE A O    1 
ATOM   82   C  CB   . ILE A 1 6  ? 0.93455   7.55865   -9.27854  1.000 10.69951 ? 6   ILE A CB   1 
ATOM   83   C  CG1  . ILE A 1 6  ? -0.57371  7.71715   -9.49993  1.000 11.28261 ? 6   ILE A CG1  1 
ATOM   84   C  CG2  . ILE A 1 6  ? 1.34687   6.08464   -9.08611  1.000 10.47250 ? 6   ILE A CG2  1 
ATOM   85   C  CD1  . ILE A 1 6  ? -1.03998  6.92666   -10.69208 1.000 12.86316 ? 6   ILE A CD1  1 
ATOM   86   H  H    . ILE A 1 6  ? -0.06760  8.50186   -6.85335  1.000 11.49292 ? 6   ILE A H    1 
ATOM   87   H  HA   . ILE A 1 6  ? 2.37439   8.13653   -7.93331  1.000 12.94024 ? 6   ILE A HA   1 
ATOM   88   H  HB   . ILE A 1 6  ? 1.34709   7.89508   -10.08942 1.000 12.85412 ? 6   ILE A HB   1 
ATOM   89   H  HG12 . ILE A 1 6  ? -1.04833  7.39792   -8.71651  1.000 13.55383 ? 6   ILE A HG12 1 
ATOM   90   H  HG13 . ILE A 1 6  ? -0.77890  8.65262   -9.65383  1.000 13.55383 ? 6   ILE A HG13 1 
ATOM   91   H  HG21 . ILE A 1 6  ? 1.05071   5.57108   -9.85386  1.000 12.58170 ? 6   ILE A HG21 1 
ATOM   92   H  HG22 . ILE A 1 6  ? 2.31234   6.03453   -9.00709  1.000 12.58170 ? 6   ILE A HG22 1 
ATOM   93   H  HG23 . ILE A 1 6  ? 0.93076   5.74309   -8.27921  1.000 12.58170 ? 6   ILE A HG23 1 
ATOM   94   H  HD11 . ILE A 1 6  ? -1.94410  7.19717   -10.91636 1.000 15.45050 ? 6   ILE A HD11 1 
ATOM   95   H  HD12 . ILE A 1 6  ? -0.44705  7.10276   -11.43929 1.000 15.45050 ? 6   ILE A HD12 1 
ATOM   96   H  HD13 . ILE A 1 6  ? -1.02242  5.98229   -10.47131 1.000 15.45050 ? 6   ILE A HD13 1 
ATOM   97   N  N    . PRO A 1 7  ? 2.52055   10.43491  -8.93809  1.000 10.81900 ? 7   PRO A N    1 
ATOM   98   C  CA   . PRO A 1 7  ? 3.77662   9.71663   -9.25443  1.000 11.35976 ? 7   PRO A CA   1 
ATOM   99   C  C    . PRO A 1 7  ? 4.67266   9.43050   -8.05930  1.000 11.60353 ? 7   PRO A C    1 
ATOM   100  O  O    . PRO A 1 7  ? 5.57025   8.59891   -8.18711  1.000 12.64145 ? 7   PRO A O    1 
ATOM   101  C  CB   . PRO A 1 7  ? 4.51241   10.71285  -10.16603 1.000 12.82451 ? 7   PRO A CB   1 
ATOM   102  C  CG   . PRO A 1 7  ? 4.03840   12.05174  -9.70043  1.000 13.05448 ? 7   PRO A CG   1 
ATOM   103  C  CD   . PRO A 1 7  ? 2.57462   11.85633  -9.34483  1.000 11.69693 ? 7   PRO A CD   1 
ATOM   104  H  HA   . PRO A 1 7  ? 3.53287   8.89030   -9.70014  1.000 13.64641 ? 7   PRO A HA   1 
ATOM   105  H  HB2  . PRO A 1 7  ? 5.47160   10.62210  -10.05370 1.000 15.40411 ? 7   PRO A HB2  1 
ATOM   106  H  HB3  . PRO A 1 7  ? 4.27080   10.55828  -11.09266 1.000 15.40411 ? 7   PRO A HB3  1 
ATOM   107  H  HG2  . PRO A 1 7  ? 4.54883   12.33008  -8.92396  1.000 15.68008 ? 7   PRO A HG2  1 
ATOM   108  H  HG3  . PRO A 1 7  ? 4.13737   12.70226  -10.41313 1.000 15.68008 ? 7   PRO A HG3  1 
ATOM   109  H  HD2  . PRO A 1 7  ? 2.31531   12.43674  -8.61217  1.000 14.05102 ? 7   PRO A HD2  1 
ATOM   110  H  HD3  . PRO A 1 7  ? 2.00627   12.01879  -10.11391 1.000 14.05102 ? 7   PRO A HD3  1 
ATOM   111  N  N    . ALA A 1 8  ? 4.48718   10.11746  -6.93680  1.000 10.96427 ? 8   ALA A N    1 
ATOM   112  C  CA   . ALA A 1 8  ? 5.48935   10.14560  -5.87278  1.000 11.33566 ? 8   ALA A CA   1 
ATOM   113  C  C    . ALA A 1 8  ? 4.87477   10.48930  -4.52292  1.000 11.27162 ? 8   ALA A C    1 
ATOM   114  O  O    . ALA A 1 8  ? 3.76465   11.01991  -4.42390  1.000 11.15843 ? 8   ALA A O    1 
ATOM   115  C  CB   . ALA A 1 8  ? 6.55276   11.18330  -6.21724  1.000 13.06997 ? 8   ALA A CB   1 
ATOM   116  H  H    . ALA A 1 8  ? 3.78336   10.58043  -6.76387  1.000 13.17182 ? 8   ALA A H    1 
ATOM   117  H  HA   . ALA A 1 8  ? 5.86512   9.25589   -5.78280  1.000 13.61749 ? 8   ALA A HA   1 
ATOM   118  H  HB1  . ALA A 1 8  ? 7.22244   11.19410  -5.51558  1.000 15.69867 ? 8   ALA A HB1  1 
ATOM   119  H  HB2  . ALA A 1 8  ? 6.96373   10.94554  -7.06310  1.000 15.69867 ? 8   ALA A HB2  1 
ATOM   120  H  HB3  . ALA A 1 8  ? 6.13266   12.05483  -6.28699  1.000 15.69867 ? 8   ALA A HB3  1 
ATOM   121  N  N    . CYS A 1 9  ? 5.62033   10.16452  -3.46728  1.000 11.23643 ? 9   CYS A N    1 
ATOM   122  C  CA   . CYS A 1 9  ? 5.25987   10.67810  -2.15741  1.000 11.49401 ? 9   CYS A CA   1 
ATOM   123  C  C    . CYS A 1 9  ? 5.34773   12.19385  -2.18963  1.000 13.02572 ? 9   CYS A C    1 
ATOM   124  O  O    . CYS A 1 9  ? 6.11299   12.77137  -2.97370  1.000 15.53903 ? 9   CYS A O    1 
ATOM   125  C  CB   . CYS A 1 9  ? 6.20469   10.12686  -1.10767  1.000 12.23370 ? 9   CYS A CB   1 
ATOM   126  S  SG   . CYS A 1 9  ? 6.19567   8.32244   -1.07039  1.000 11.62180 ? 9   CYS A SG   1 
ATOM   127  H  H    . CYS A 1 9  ? 6.31860   9.66288   -3.48664  1.000 13.49842 ? 9   CYS A H    1 
ATOM   128  H  HA   . CYS A 1 9  ? 4.35899   10.41068  -1.91696  1.000 13.80752 ? 9   CYS A HA   1 
ATOM   129  H  HB2  . CYS A 1 9  ? 7.10734   10.42198  -1.30519  1.000 14.69514 ? 9   CYS A HB2  1 
ATOM   130  H  HB3  . CYS A 1 9  ? 5.93368   10.44998  -0.23414  1.000 14.69514 ? 9   CYS A HB3  1 
ATOM   131  N  N    . ILE A 1 10 ? 4.54182   12.84288  -1.36052  1.000 13.03628 ? 10  ILE A N    1 
ATOM   132  C  CA   . ILE A 1 10 ? 4.46437   14.27234  -1.35899  1.000 14.19001 ? 10  ILE A CA   1 
ATOM   133  C  C    . ILE A 1 10 ? 5.23913   14.85805  -0.17658  1.000 13.57479 ? 10  ILE A C    1 
ATOM   134  O  O    . ILE A 1 10 ? 5.67488   14.15518  0.73500   1.000 13.79876 ? 10  ILE A O    1 
ATOM   135  C  CB   . ILE A 1 10 ? 3.02929   14.82064  -1.39080  1.000 14.75842 ? 10  ILE A CB   1 
ATOM   136  C  CG1  . ILE A 1 10 ? 2.27401   14.56520  -0.08018  1.000 14.93600 ? 10  ILE A CG1  1 
ATOM   137  C  CG2  . ILE A 1 10 ? 2.28629   14.17484  -2.59671  1.000 15.96978 ? 10  ILE A CG2  1 
ATOM   138  C  CD1  . ILE A 1 10 ? 0.85145   15.11960  -0.10797  1.000 15.83818 ? 10  ILE A CD1  1 
ATOM   139  H  H    . ILE A 1 10 ? 4.02773   12.46152  -0.78617  1.000 15.65823 ? 10  ILE A H    1 
ATOM   140  H  HA   . ILE A 1 10 ? 4.90282   14.55440  -2.17697  1.000 17.04271 ? 10  ILE A HA   1 
ATOM   141  H  HB   . ILE A 1 10 ? 3.06887   15.78443  -1.49295  1.000 17.72480 ? 10  ILE A HB   1 
ATOM   142  H  HG12 . ILE A 1 10 ? 2.22186   13.60897  0.07415   1.000 17.93790 ? 10  ILE A HG12 1 
ATOM   143  H  HG13 . ILE A 1 10 ? 2.75017   14.99334  0.64842   1.000 17.93790 ? 10  ILE A HG13 1 
ATOM   144  H  HG21 . ILE A 1 10 ? 1.37616   14.50934  -2.62276  1.000 19.17844 ? 10  ILE A HG21 1 
ATOM   145  H  HG22 . ILE A 1 10 ? 2.74902   14.41087  -3.41588  1.000 19.17844 ? 10  ILE A HG22 1 
ATOM   146  H  HG23 . ILE A 1 10 ? 2.28148   13.21125  -2.48538  1.000 19.17844 ? 10  ILE A HG23 1 
ATOM   147  H  HD11 . ILE A 1 10 ? 0.41888   14.92187  0.73741   1.000 19.02052 ? 10  ILE A HD11 1 
ATOM   148  H  HD12 . ILE A 1 10 ? 0.88914   16.07932  -0.24375  1.000 19.02052 ? 10  ILE A HD12 1 
ATOM   149  H  HD13 . ILE A 1 10 ? 0.36375   14.70160  -0.83484  1.000 19.02052 ? 10  ILE A HD13 1 
ATOM   150  N  N    . ALA A 1 11 ? 5.42157   16.18864  -0.18973  1.000 14.36989 ? 11  ALA A N    1 
ATOM   151  C  CA   . ALA A 1 11 ? 6.17272   16.85234  0.87533   1.000 14.17210 ? 11  ALA A CA   1 
ATOM   152  C  C    . ALA A 1 11 ? 5.50492   16.60533  2.21872   1.000 13.59525 ? 11  ALA A C    1 
ATOM   153  O  O    . ALA A 1 11 ? 4.29103   16.79072  2.38353   1.000 14.62236 ? 11  ALA A O    1 
ATOM   154  C  CB   . ALA A 1 11 ? 6.27303   18.34995  0.57868   1.000 15.63183 ? 11  ALA A CB   1 
ATOM   155  H  H    . ALA A 1 11 ? 5.12281   16.71832  -0.79782  1.000 17.25857 ? 11  ALA A H    1 
ATOM   156  H  HA   . ALA A 1 11 ? 7.07361   16.49556  0.92007   1.000 17.02121 ? 11  ALA A HA   1 
ATOM   157  H  HB1  . ALA A 1 11 ? 6.83824   18.76720  1.24750   1.000 18.77290 ? 11  ALA A HB1  1 
ATOM   158  H  HB2  . ALA A 1 11 ? 6.65849   18.47210  -0.30303  1.000 18.77290 ? 11  ALA A HB2  1 
ATOM   159  H  HB3  . ALA A 1 11 ? 5.38445   18.73787  0.60787   1.000 18.77290 ? 11  ALA A HB3  1 
ATOM   160  N  N    . GLY A 1 12 ? 6.31003   16.13980  3.15713   1.000 13.32505 ? 12  GLY A N    1 
ATOM   161  C  CA   . GLY A 1 12 ? 5.86117   15.66198  4.44492   1.000 13.37376 ? 12  GLY A CA   1 
ATOM   162  C  C    . GLY A 1 12 ? 5.92147   14.15888  4.57951   1.000 13.06608 ? 12  GLY A C    1 
ATOM   163  O  O    . GLY A 1 12 ? 5.86468   13.63835  5.70564   1.000 13.70169 ? 12  GLY A O    1 
ATOM   164  H  H    . GLY A 1 12 ? 7.16347   16.08927  3.06400   1.000 16.00477 ? 12  GLY A H    1 
ATOM   165  H  HA2  . GLY A 1 12 ? 6.41755   16.05007  5.13827   1.000 16.06322 ? 12  GLY A HA2  1 
ATOM   166  H  HA3  . GLY A 1 12 ? 4.94269   15.94126  4.58383   1.000 16.06322 ? 12  GLY A HA3  1 
ATOM   167  N  N    . GLU A 1 13 ? 6.10069   13.46198  3.45003   1.000 12.28075 ? 13  GLU A N    1 
ATOM   168  C  CA   . GLU A 1 13 ? 6.12683   12.00905  3.36619   1.000 11.68044 ? 13  GLU A CA   1 
ATOM   169  C  C    . GLU A 1 13 ? 7.45124   11.56268  2.75330   1.000 12.30907 ? 13  GLU A C    1 
ATOM   170  O  O    . GLU A 1 13 ? 8.12964   12.32965  2.05643   1.000 13.07918 ? 13  GLU A O    1 
ATOM   171  C  CB   . GLU A 1 13 ? 4.98369   11.51861  2.47392   1.000 10.92765 ? 13  GLU A CB   1 
ATOM   172  C  CG   . GLU A 1 13 ? 3.61657   11.96102  2.90947   1.000 10.55253 ? 13  GLU A CG   1 
ATOM   173  C  CD   . GLU A 1 13 ? 2.50157   11.66808  1.96020   1.000 9.89834  ? 13  GLU A CD   1 
ATOM   174  O  OE1  . GLU A 1 13 ? 2.76186   11.18433  0.83143   1.000 10.92591 ? 13  GLU A OE1  1 
ATOM   175  O  OE2  . GLU A 1 13 ? 1.33293   11.97486  2.33223   1.000 10.30648 ? 13  GLU A OE2  1 
ATOM   176  H  H    . GLU A 1 13 ? 6.21461   13.83443  2.68328   1.000 14.75160 ? 13  GLU A H    1 
ATOM   177  H  HA   . GLU A 1 13 ? 6.04178   11.62059  4.25094   1.000 14.03122 ? 13  GLU A HA   1 
ATOM   178  H  HB2  . GLU A 1 13 ? 5.12754   11.85490  1.57553   1.000 13.12788 ? 13  GLU A HB2  1 
ATOM   179  H  HB3  . GLU A 1 13 ? 4.98979   10.54863  2.47002   1.000 13.12788 ? 13  GLU A HB3  1 
ATOM   180  H  HG2  . GLU A 1 13 ? 3.40531   11.51621  3.74518   1.000 12.67774 ? 13  GLU A HG2  1 
ATOM   181  H  HG3  . GLU A 1 13 ? 3.63577   12.92191  3.04069   1.000 12.67774 ? 13  GLU A HG3  1 
ATOM   182  N  N    . ARG A 1 14 ? 7.76075   10.28872  2.96059   1.000 12.66151 ? 14  ARG A N    1 
ATOM   183  C  CA   . ARG A 1 14 ? 8.89441   9.63466   2.33940   1.000 12.79536 ? 14  ARG A CA   1 
ATOM   184  C  C    . ARG A 1 14 ? 8.44671   8.26173   1.86036   1.000 11.71512 ? 14  ARG A C    1 
ATOM   185  O  O    . ARG A 1 14 ? 7.46644   7.70121   2.33530   1.000 12.10477 ? 14  ARG A O    1 
ATOM   186  C  CB   . ARG A 1 14 ? 10.08288  9.51495   3.30749   1.000 14.79287 ? 14  ARG A CB   1 
ATOM   187  C  CG   . ARG A 1 14 ? 10.67170  10.83732  3.66890   1.000 17.48791 ? 14  ARG A CG   1 
ATOM   188  C  CD   . ARG A 1 14 ? 11.78680  10.76819  4.67871   1.000 19.69478 ? 14  ARG A CD   1 
ATOM   189  H  H    . ARG A 1 14 ? 7.31105   9.76715   3.47570   1.000 15.20852 ? 14  ARG A H    1 
ATOM   190  H  HA   . ARG A 1 14 ? 9.19598   10.14527  1.57178   1.000 15.36913 ? 14  ARG A HA   1 
ATOM   191  H  HB2  . ARG A 1 14 ? 9.78212   9.08719   4.12447   1.000 17.76614 ? 14  ARG A HB2  1 
ATOM   192  H  HB3  . ARG A 1 14 ? 10.77713  8.98154   2.88989   1.000 17.76614 ? 14  ARG A HB3  1 
ATOM   193  H  HG2  . ARG A 1 14 ? 11.02960  11.24714  2.86587   1.000 21.00019 ? 14  ARG A HG2  1 
ATOM   194  H  HG3  . ARG A 1 14 ? 9.97266   11.39600  4.04322   1.000 21.00019 ? 14  ARG A HG3  1 
ATOM   195  H  HD2  . ARG A 1 14 ? 11.45465  10.38887  5.50890   1.000 23.64844 ? 14  ARG A HD2  1 
ATOM   196  H  HD3  . ARG A 1 14 ? 12.52622  10.23840  4.32673   1.000 23.64844 ? 14  ARG A HD3  1 
ATOM   197  N  N    . ARG A 1 15 ? 9.15691   7.75541   0.86795   1.000 11.55055 ? 15  ARG A N    1 
ATOM   198  C  CA   . ARG A 1 15 ? 8.92602   6.43295   0.29489   1.000 12.14981 ? 15  ARG A CA   1 
ATOM   199  C  C    . ARG A 1 15 ? 9.54479   5.29710   1.05097   1.000 12.18981 ? 15  ARG A C    1 
ATOM   200  O  O    . ARG A 1 15 ? 10.73026  5.30793   1.28375   1.000 12.86102 ? 15  ARG A O    1 
ATOM   201  C  CB   . ARG A 1 15 ? 9.30814   6.40741   -1.16805  1.000 11.96721 ? 15  ARG A CB   1 
ATOM   202  C  CG   . ARG A 1 15 ? 8.85936   5.18521   -1.90500  1.000 11.84654 ? 15  ARG A CG   1 
ATOM   203  C  CD   . ARG A 1 15 ? 9.19806   5.27864   -3.37809  1.000 12.58365 ? 15  ARG A CD   1 
ATOM   204  N  NE   . ARG A 1 15 ? 8.64751   4.10649   -4.01831  1.000 13.61851 ? 15  ARG A NE   1 
ATOM   205  C  CZ   . ARG A 1 15 ? 8.67166   3.89654   -5.30061  1.000 16.87978 ? 15  ARG A CZ   1 
ATOM   206  N  NH1  . ARG A 1 15 ? 9.10634   4.84078   -6.11910  1.000 19.76580 ? 15  ARG A NH1  1 
ATOM   207  N  NH2  . ARG A 1 15 ? 8.07574   2.80974   -5.77806  1.000 17.68369 ? 15  ARG A NH2  1 
ATOM   208  H  H    . ARG A 1 15 ? 9.80703   8.17265   0.48998   1.000 13.87537 ? 15  ARG A H    1 
ATOM   209  H  HA   . ARG A 1 15 ? 7.97420   6.26541   0.37768   1.000 14.59447 ? 15  ARG A HA   1 
ATOM   210  H  HB2  . ARG A 1 15 ? 8.90920   7.17605   -1.60503  1.000 14.37535 ? 15  ARG A HB2  1 
ATOM   211  H  HB3  . ARG A 1 15 ? 10.27474  6.45196   -1.23571  1.000 14.37535 ? 15  ARG A HB3  1 
ATOM   212  H  HG2  . ARG A 1 15 ? 9.30426   4.40555   -1.53747  1.000 14.23055 ? 15  ARG A HG2  1 
ATOM   213  H  HG3  . ARG A 1 15 ? 7.89796   5.09069   -1.81736  1.000 14.23055 ? 15  ARG A HG3  1 
ATOM   214  H  HD2  . ARG A 1 15 ? 8.80142   6.07453   -3.76557  1.000 15.11508 ? 15  ARG A HD2  1 
ATOM   215  H  HD3  . ARG A 1 15 ? 10.15990  5.29293   -3.50280  1.000 15.11508 ? 15  ARG A HD3  1 
ATOM   216  H  HE   . ARG A 1 15 ? 8.28055   3.50988   -3.51931  1.000 16.35691 ? 15  ARG A HE   1 
ATOM   217  H  HH11 . ARG A 1 15 ? 9.37334   5.59459   -5.80274  1.000 23.73366 ? 15  ARG A HH11 1 
ATOM   218  H  HH12 . ARG A 1 15 ? 9.12187   4.70075   -6.96747  1.000 23.73366 ? 15  ARG A HH12 1 
ATOM   219  H  HH21 . ARG A 1 15 ? 7.68497   2.26282   -5.24162  1.000 21.23512 ? 15  ARG A HH21 1 
ATOM   220  H  HH22 . ARG A 1 15 ? 8.08069   2.65298   -6.62364  1.000 21.23512 ? 15  ARG A HH22 1 
ATOM   221  N  N    . TYR A 1 16 ? 8.72099   4.28138   1.35981   1.000 11.82634 ? 16  TYR A N    1 
ATOM   222  C  CA   . TYR A 1 16 ? 9.16914   3.09214   2.09148   1.000 12.47185 ? 16  TYR A CA   1 
ATOM   223  C  C    . TYR A 1 16 ? 8.79174   1.82013   1.36630   1.000 12.77847 ? 16  TYR A C    1 
ATOM   224  O  O    . TYR A 1 16 ? 8.93154   0.72377   1.94646   1.000 14.43325 ? 16  TYR A O    1 
ATOM   225  C  CB   . TYR A 1 16 ? 8.63782   3.07542   3.53161   1.000 13.70877 ? 16  TYR A CB   1 
ATOM   226  C  CG   . TYR A 1 16 ? 9.14148   4.27507   4.28934   1.000 13.93863 ? 16  TYR A CG   1 
ATOM   227  C  CD1  . TYR A 1 16 ? 10.44728  4.32811   4.74661   1.000 14.12371 ? 16  TYR A CD1  1 
ATOM   228  C  CD2  . TYR A 1 16 ? 8.32903   5.38576   4.50379   1.000 14.01511 ? 16  TYR A CD2  1 
ATOM   229  C  CE1  . TYR A 1 16 ? 10.92103  5.42502   5.38016   1.000 14.87195 ? 16  TYR A CE1  1 
ATOM   230  C  CE2  . TYR A 1 16 ? 8.77664   6.47418   5.15646   1.000 14.66997 ? 16  TYR A CE2  1 
ATOM   231  C  CZ   . TYR A 1 16 ? 10.07692  6.49881   5.59501   1.000 15.56565 ? 16  TYR A CZ   1 
ATOM   232  O  OH   . TYR A 1 16 ? 10.54290  7.62104   6.25024   1.000 17.16611 ? 16  TYR A OH   1 
ATOM   233  H  H    . TYR A 1 16 ? 7.88676   4.26079   1.15190   1.000 14.20630 ? 16  TYR A H    1 
ATOM   234  H  HA   . TYR A 1 16 ? 10.13583  3.11961   2.16660   1.000 14.98092 ? 16  TYR A HA   1 
ATOM   235  H  HB2  . TYR A 1 16 ? 7.66820   3.09985   3.52055   1.000 16.46522 ? 16  TYR A HB2  1 
ATOM   236  H  HB3  . TYR A 1 16 ? 8.94435   2.27274   3.98177   1.000 16.46522 ? 16  TYR A HB3  1 
ATOM   237  H  HD1  . TYR A 1 16 ? 11.00772  3.59755   4.61596   1.000 16.96315 ? 16  TYR A HD1  1 
ATOM   238  H  HD2  . TYR A 1 16 ? 7.45446   5.37497   4.18773   1.000 16.83283 ? 16  TYR A HD2  1 
ATOM   239  H  HE1  . TYR A 1 16 ? 11.80476  5.45671   5.66810   1.000 17.86104 ? 16  TYR A HE1  1 
ATOM   240  H  HE2  . TYR A 1 16 ? 8.21348   7.19860   5.30801   1.000 17.61867 ? 16  TYR A HE2  1 
ATOM   241  H  HH   . TYR A 1 16 ? 10.19344  8.31097   5.92242   1.000 20.61404 ? 16  TYR A HH   1 
ATOM   242  N  N    . GLY A 1 17 ? 8.31357   1.90070   0.13200   1.000 12.17613 ? 17  GLY A N    1 
ATOM   243  C  CA   . GLY A 1 17 ? 7.97898   0.69886   -0.59774  1.000 12.48559 ? 17  GLY A CA   1 
ATOM   244  C  C    . GLY A 1 17 ? 7.21444   1.05454   -1.86296  1.000 10.99123 ? 17  GLY A C    1 
ATOM   245  O  O    . GLY A 1 17 ? 7.26235   2.21163   -2.33763  1.000 10.91661 ? 17  GLY A O    1 
ATOM   246  H  H    . GLY A 1 17 ? 8.17660   2.63331   -0.29709  1.000 14.62606 ? 17  GLY A H    1 
ATOM   247  H  HA2  . GLY A 1 17 ? 8.78872   0.22378   -0.84171  1.000 14.99740 ? 17  GLY A HA2  1 
ATOM   248  H  HA3  . GLY A 1 17 ? 7.42720   0.12083   -0.04792  1.000 14.99740 ? 17  GLY A HA3  1 
ATOM   249  N  N    . THR A 1 18 ? 6.50339   0.06557   -2.38847  1.000 10.94037 ? 18  THR A N    1 
ATOM   250  C  CA   . THR A 1 18 ? 5.77072   0.18587   -3.64498  1.000 10.72477 ? 18  THR A CA   1 
ATOM   251  C  C    . THR A 1 18 ? 4.42494   -0.48887  -3.46346  1.000 10.09529 ? 18  THR A C    1 
ATOM   252  O  O    . THR A 1 18 ? 4.34265   -1.49623  -2.74527  1.000 11.73579 ? 18  THR A O    1 
ATOM   253  C  CB   . THR A 1 18 ? 6.58078   -0.49131  -4.75686  1.000 11.71579 ? 18  THR A CB   1 
ATOM   254  O  OG1  . THR A 1 18 ? 7.83670   0.18611   -4.82147  1.000 13.07946 ? 18  THR A OG1  1 
ATOM   255  C  CG2  . THR A 1 18 ? 5.88756   -0.45358  -6.10252  1.000 12.10010 ? 18  THR A CG2  1 
ATOM   256  H  H    . THR A 1 18 ? 6.42635   -0.71035  -2.02569  1.000 13.14314 ? 18  THR A H    1 
ATOM   257  H  HA   . THR A 1 18 ? 5.60741   1.10887   -3.89464  1.000 12.88443 ? 18  THR A HA   1 
ATOM   258  H  HB   . THR A 1 18 ? 6.69435   -1.43448  -4.56078  1.000 14.07365 ? 18  THR A HB   1 
ATOM   259  H  HG1  . THR A 1 18 ? 8.12921   0.17448   -5.60881  1.000 15.71005 ? 18  THR A HG1  1 
ATOM   260  H  HG21 . THR A 1 18 ? 6.48602   -0.77862  -6.79325  1.000 14.53482 ? 18  THR A HG21 1 
ATOM   261  H  HG22 . THR A 1 18 ? 5.09543   -1.01311  -6.08346  1.000 14.53482 ? 18  THR A HG22 1 
ATOM   262  H  HG23 . THR A 1 18 ? 5.62557   0.45579   -6.31537  1.000 14.53482 ? 18  THR A HG23 1 
ATOM   263  N  N    . CYS A 1 19 ? 3.37345   0.05115   -4.06660  1.000 9.55401  ? 19  CYS A N    1 
ATOM   264  C  CA   . CYS A 1 19 ? 2.11348   -0.65362  -4.13022  1.000 9.69947  ? 19  CYS A CA   1 
ATOM   265  C  C    . CYS A 1 19 ? 1.87780   -1.17541  -5.52902  1.000 9.93206  ? 19  CYS A C    1 
ATOM   266  O  O    . CYS A 1 19 ? 2.28651   -0.55640  -6.52264  1.000 11.03640 ? 19  CYS A O    1 
ATOM   267  C  CB   . CYS A 1 19 ? 0.92768   0.21742   -3.75991  1.000 9.65786  ? 19  CYS A CB   1 
ATOM   268  S  SG   . CYS A 1 19 ? 1.33927   1.30029   -2.34558  0.985 9.42461  ? 19  CYS A SG   1 
ATOM   269  H  H    . CYS A 1 19 ? 3.37162   0.82393   -4.44398  1.000 11.47951 ? 19  CYS A H    1 
ATOM   270  H  HA   . CYS A 1 19 ? 2.16157   -1.38876  -3.49922  1.000 11.65406 ? 19  CYS A HA   1 
ATOM   271  H  HB2  . CYS A 1 19 ? 0.68686   0.77481   -4.51635  1.000 11.60413 ? 19  CYS A HB2  1 
ATOM   272  H  HB3  . CYS A 1 19 ? 0.17807   -0.34544  -3.51058  1.000 11.60413 ? 19  CYS A HB3  1 
ATOM   273  N  N    . ILE A 1 20 ? 1.12905   -2.26738  -5.61821  1.000 9.97178  ? 20  ILE A N    1 
ATOM   274  C  CA   . ILE A 1 20 ? 0.59778   -2.77844  -6.88733  1.000 10.99313 ? 20  ILE A CA   1 
ATOM   275  C  C    . ILE A 1 20 ? -0.93889  -2.59989  -6.79905  1.000 11.18838 ? 20  ILE A C    1 
ATOM   276  O  O    . ILE A 1 20 ? -1.55846  -3.14153  -5.87261  1.000 12.05154 ? 20  ILE A O    1 
ATOM   277  C  CB   . ILE A 1 20 ? 0.90840   -4.27159  -7.07829  1.000 12.32064 ? 20  ILE A CB   1 
ATOM   278  C  CG1  . ILE A 1 20 ? 2.40057   -4.56294  -6.97037  1.000 13.67934 ? 20  ILE A CG1  1 
ATOM   279  C  CG2  . ILE A 1 20 ? 0.31035   -4.74227  -8.43670  1.000 14.50936 ? 20  ILE A CG2  1 
ATOM   280  C  CD1  . ILE A 1 20 ? 2.74442   -6.04654  -6.78055  1.000 14.60360 ? 20  ILE A CD1  1 
ATOM   281  H  H    . ILE A 1 20 ? 0.90473   -2.74837  -4.94149  1.000 11.98083 ? 20  ILE A H    1 
ATOM   282  H  HA   . ILE A 1 20 ? 0.99157   -2.30320  -7.63564  1.000 13.20646 ? 20  ILE A HA   1 
ATOM   283  H  HB   . ILE A 1 20 ? 0.49284   -4.77435  -6.36034  1.000 14.79946 ? 20  ILE A HB   1 
ATOM   284  H  HG12 . ILE A 1 20 ? 2.83408   -4.26320  -7.78470  1.000 16.42991 ? 20  ILE A HG12 1 
ATOM   285  H  HG13 . ILE A 1 20 ? 2.75590   -4.07960  -6.20812  1.000 16.42991 ? 20  ILE A HG13 1 
ATOM   286  H  HG21 . ILE A 1 20 ? 0.51653   -5.68152  -8.56401  1.000 17.42594 ? 20  ILE A HG21 1 
ATOM   287  H  HG22 . ILE A 1 20 ? -0.65098  -4.61397  -8.41990  1.000 17.42594 ? 20  ILE A HG22 1 
ATOM   288  H  HG23 . ILE A 1 20 ? 0.70161   -4.21772  -9.15270  1.000 17.42594 ? 20  ILE A HG23 1 
ATOM   289  H  HD11 . ILE A 1 20 ? 3.70887   -6.14593  -6.75109  1.000 17.53902 ? 20  ILE A HD11 1 
ATOM   290  H  HD12 . ILE A 1 20 ? 2.35431   -6.35718  -5.94855  1.000 17.53902 ? 20  ILE A HD12 1 
ATOM   291  H  HD13 . ILE A 1 20 ? 2.38234   -6.55237  -7.52481  1.000 17.53902 ? 20  ILE A HD13 1 
HETATM 292  N  N    B 3CT A 1 21 ? -1.55297  -1.82801  -7.70461  0.295 11.83711 ? 21  3CT A N    1 
HETATM 293  N  N    D 3CT A 1 21 ? -1.52865  -1.89302  -7.76066  0.705 11.28472 ? 21  3CT A N    1 
HETATM 294  C  CA   B 3CT A 1 21 ? -2.99582  -1.48413  -7.63459  0.295 13.08390 ? 21  3CT A CA   1 
HETATM 295  C  CA   D 3CT A 1 21 ? -2.94829  -1.71525  -7.75230  0.705 12.59644 ? 21  3CT A CA   1 
HETATM 296  C  CB   B 3CT A 1 21 ? -3.32637  -0.37630  -6.61383  0.295 13.07881 ? 21  3CT A CB   1 
HETATM 297  C  CB   D 3CT A 1 21 ? -3.37790  -0.71805  -6.70492  0.705 13.15040 ? 21  3CT A CB   1 
HETATM 298  C  CG   B 3CT A 1 21 ? -4.71834  0.17092   -6.42508  0.295 12.97841 ? 21  3CT A CG   1 
HETATM 299  C  CG   D 3CT A 1 21 ? -4.86472  -0.58203  -6.62447  0.705 13.80563 ? 21  3CT A CG   1 
HETATM 300  C  CD2  B 3CT A 1 21 ? -4.92870  1.54810   -6.55803  0.295 13.67762 ? 21  3CT A CD2  1 
HETATM 301  C  CD2  D 3CT A 1 21 ? -5.44700  0.67528   -6.82824  0.705 14.85182 ? 21  3CT A CD2  1 
HETATM 302  C  CE2  B 3CT A 1 21 ? -6.16874  2.14880   -6.33598  0.295 14.14866 ? 21  3CT A CE2  1 
HETATM 303  C  CE2  D 3CT A 1 21 ? -6.83201  0.86551   -6.70607  0.705 16.78061 ? 21  3CT A CE2  1 
HETATM 304  CL CL   B 3CT A 1 21 ? -6.41249  3.84747   -6.43919  0.277 15.24919 ? 21  3CT A CL   1 
HETATM 305  CL CL   D 3CT A 1 21 ? -7.43654  2.45317   -7.02888  0.444 17.14127 ? 21  3CT A CL   1 
HETATM 306  C  CZ   B 3CT A 1 21 ? -7.24092  1.34689   -6.02622  0.295 13.51465 ? 21  3CT A CZ   1 
HETATM 307  C  CZ   D 3CT A 1 21 ? -7.64749  -0.24272  -6.38783  0.705 17.32050 ? 21  3CT A CZ   1 
HETATM 308  O  OH   B 3CT A 1 21 ? -8.48603  1.86659   -5.83639  0.295 13.69384 ? 21  3CT A OH   1 
HETATM 309  O  OH   D 3CT A 1 21 ? -9.02082  -0.13780  -6.24602  0.705 19.11426 ? 21  3CT A OH   1 
HETATM 310  C  CE1  B 3CT A 1 21 ? -7.08896  -0.04633  -5.89939  0.295 12.92633 ? 21  3CT A CE1  1 
HETATM 311  C  CE1  D 3CT A 1 21 ? -7.06736  -1.49943  -6.20736  0.705 15.83194 ? 21  3CT A CE1  1 
HETATM 312  C  CD1  B 3CT A 1 21 ? -5.83382  -0.62387  -6.08511  0.295 12.59311 ? 21  3CT A CD1  1 
HETATM 313  C  CD1  D 3CT A 1 21 ? -5.69776  -1.66026  -6.29530  0.705 14.68140 ? 21  3CT A CD1  1 
HETATM 314  C  C    B 3CT A 1 21 ? -3.50153  -1.10376  -9.07433  0.295 14.40705 ? 21  3CT A C    1 
HETATM 315  C  C    D 3CT A 1 21 ? -3.40104  -1.24387  -9.14165  0.705 13.77455 ? 21  3CT A C    1 
HETATM 316  O  O    B 3CT A 1 21 ? -2.92688  -0.14693  -9.65231  0.295 14.25403 ? 21  3CT A O    1 
HETATM 317  O  O    D 3CT A 1 21 ? -2.75346  -0.37432  -9.75199  0.705 11.86636 ? 21  3CT A O    1 
HETATM 318  H  HA   B 3CT A 1 21 ? -3.52002  -2.23518  -7.31515  0.295 15.71538 ? 21  3CT A HA   1 
HETATM 319  H  HA   D 3CT A 1 21 ? -3.41686  -2.53741  -7.53923  0.705 15.13043 ? 21  3CT A HA   1 
HETATM 320  H  HB2  B 3CT A 1 21 ? -2.76569  0.38371   -6.83502  0.295 15.70927 ? 21  3CT A HB2  1 
HETATM 321  H  HB2  D 3CT A 1 21 ? -2.99258  0.14883   -6.90729  0.705 15.79518 ? 21  3CT A HB2  1 
HETATM 322  H  HB3  B 3CT A 1 21 ? -3.04551  -0.70399  -5.74514  0.295 15.70927 ? 21  3CT A HB3  1 
HETATM 323  H  HB3  D 3CT A 1 21 ? -3.03927  -0.99363  -5.83872  0.705 15.79518 ? 21  3CT A HB3  1 
HETATM 324  H  HD2  B 3CT A 1 21 ? -4.20709  2.08016   -6.80520  0.295 16.42785 ? 21  3CT A HD2  1 
HETATM 325  H  HD2  D 3CT A 1 21 ? -4.89949  1.39403   -7.04857  0.705 17.83688 ? 21  3CT A HD2  1 
HETATM 326  H  HH   B 3CT A 1 21 ? -8.40308  2.58268   -5.39690  0.295 16.44731 ? 21  3CT A HH   1 
HETATM 327  H  HE1  B 3CT A 1 21 ? -7.83286  -0.56458  -5.69221  0.295 15.52630 ? 21  3CT A HE1  1 
HETATM 328  H  HE1  D 3CT A 1 21 ? -7.62201  -2.22385  -6.02711  0.705 19.01303 ? 21  3CT A HE1  1 
HETATM 329  H  HD1  B 3CT A 1 21 ? -5.72692  -1.54224  -5.98471  0.295 15.12643 ? 21  3CT A HD1  1 
HETATM 330  H  HD1  D 3CT A 1 21 ? -5.31982  -2.49462  -6.13438  0.705 17.63238 ? 21  3CT A HD1  1 
ATOM   331  N  N    . GLN A 1 22 ? -4.46780  -1.83182  -9.63851  1.000 15.62709 ? 22  GLN A N    1 
ATOM   332  C  CA   . GLN A 1 22 ? -5.06133  -1.49338  -10.92968 1.000 17.80096 ? 22  GLN A CA   1 
ATOM   333  C  C    . GLN A 1 22 ? -4.04969  -1.41536  -12.03552 1.000 16.59195 ? 22  GLN A C    1 
ATOM   334  O  O    . GLN A 1 22 ? -4.08201  -0.52578  -12.91532 1.000 16.68500 ? 22  GLN A O    1 
ATOM   335  C  CB   . GLN A 1 22 ? -5.88118  -0.23395  -10.79742 1.000 21.19790 ? 22  GLN A CB   1 
ATOM   336  C  CG   . GLN A 1 22 ? -6.86079  -0.30328  -9.67320  1.000 25.53483 ? 22  GLN A CG   1 
ATOM   337  C  CD   . GLN A 1 22 ? -8.23012  0.02772   -10.01543 1.000 28.43226 ? 22  GLN A CD   1 
ATOM   338  O  OE1  . GLN A 1 22 ? -9.14034  -0.65474  -9.58422  1.000 30.35712 ? 22  GLN A OE1  1 
ATOM   339  N  NE2  . GLN A 1 22 ? -8.41430  1.05605   -10.77227 1.000 30.31031 ? 22  GLN A NE2  1 
ATOM   340  H  H    B GLN A 1 22 ? -4.80247  -2.54069  -9.28483  0.295 18.76720 ? 22  GLN A H    1 
ATOM   341  H  H    D GLN A 1 22 ? -4.89281  -2.46090  -9.23451  0.705 18.76720 ? 22  GLN A H    1 
ATOM   342  H  HA   . GLN A 1 22 ? -5.66245  -2.20410  -11.20249 1.000 21.37585 ? 22  GLN A HA   1 
ATOM   343  H  HB2  . GLN A 1 22 ? -5.28669  0.51471   -10.63311 1.000 25.45217 ? 22  GLN A HB2  1 
ATOM   344  H  HB3  . GLN A 1 22 ? -6.37577  -0.09065  -11.61944 1.000 25.45217 ? 22  GLN A HB3  1 
ATOM   345  H  HG2  . GLN A 1 22 ? -6.86189  -1.20850  -9.32466  1.000 30.65650 ? 22  GLN A HG2  1 
ATOM   346  H  HG3  . GLN A 1 22 ? -6.57830  0.31747   -8.98343  1.000 30.65650 ? 22  GLN A HG3  1 
ATOM   347  H  HE21 . GLN A 1 22 ? -7.73994  1.51147   -11.05055 1.000 36.38707 ? 22  GLN A HE21 1 
ATOM   348  H  HE22 . GLN A 1 22 ? -9.21145  1.28617   -10.99855 1.000 36.38707 ? 22  GLN A HE22 1 
ATOM   349  N  N    . GLY A 1 23 ? -3.19569  -2.41463  -12.04794 1.000 17.64781 ? 23  GLY A N    1 
ATOM   350  C  CA   . GLY A 1 23 ? -2.32999  -2.55118  -13.17767 1.000 18.04144 ? 23  GLY A CA   1 
ATOM   351  C  C    . GLY A 1 23 ? -1.18868  -1.58767  -13.21171 1.000 16.55033 ? 23  GLY A C    1 
ATOM   352  O  O    . GLY A 1 23 ? -0.53602  -1.47073  -14.24788 1.000 18.61513 ? 23  GLY A O    1 
ATOM   353  H  H    . GLY A 1 23 ? -3.10542  -3.00600  -11.43010 1.000 21.19207 ? 23  GLY A H    1 
ATOM   354  H  HA2  . GLY A 1 23 ? -1.96062  -3.44809  -13.17977 1.000 21.66443 ? 23  GLY A HA2  1 
ATOM   355  H  HA3  . GLY A 1 23 ? -2.85073  -2.42221  -13.98582 1.000 21.66443 ? 23  GLY A HA3  1 
ATOM   356  N  N    A ARG A 1 24 ? -0.96111  -0.83163  -12.13296 0.460 14.42554 ? 24  ARG A N    1 
ATOM   357  N  N    B ARG A 1 24 ? -0.85816  -0.95340  -12.09877 0.540 14.80317 ? 24  ARG A N    1 
ATOM   358  C  CA   A ARG A 1 24 ? 0.14435   0.10531   -12.02732 0.460 13.02447 ? 24  ARG A CA   1 
ATOM   359  C  CA   B ARG A 1 24 ? 0.27140   -0.07159  -12.13730 0.540 14.00481 ? 24  ARG A CA   1 
ATOM   360  C  C    A ARG A 1 24 ? 0.92788   -0.12733  -10.74764 0.460 11.82677 ? 24  ARG A C    1 
ATOM   361  C  C    B ARG A 1 24 ? 0.88757   -0.02082  -10.73658 0.540 12.30912 ? 24  ARG A C    1 
ATOM   362  O  O    A ARG A 1 24 ? 0.47439   -0.77831  -9.80402  0.460 11.41734 ? 24  ARG A O    1 
ATOM   363  O  O    B ARG A 1 24 ? 0.29775   -0.44662  -9.72640  0.540 11.97007 ? 24  ARG A O    1 
ATOM   364  C  CB   A ARG A 1 24 ? -0.26731  1.59088   -12.07604 0.460 12.58379 ? 24  ARG A CB   1 
ATOM   365  C  CB   B ARG A 1 24 ? -0.12320  1.27071   -12.74245 0.540 13.67555 ? 24  ARG A CB   1 
ATOM   366  C  CG   A ARG A 1 24 ? -1.14090  1.92964   -13.21188 0.460 12.77357 ? 24  ARG A CG   1 
ATOM   367  C  CG   B ARG A 1 24 ? -0.93725  2.09749   -11.80041 0.540 13.82203 ? 24  ARG A CG   1 
ATOM   368  C  CD   A ARG A 1 24 ? -1.62329  3.37597   -13.14725 0.460 13.17721 ? 24  ARG A CD   1 
ATOM   369  C  CD   B ARG A 1 24 ? -1.55234  3.30205   -12.46972 0.540 15.45367 ? 24  ARG A CD   1 
ATOM   370  N  NE   A ARG A 1 24 ? -0.63698  4.38482   -13.53946 0.460 14.87535 ? 24  ARG A NE   1 
ATOM   371  N  NE   B ARG A 1 24 ? -0.54371  4.17516   -13.05305 0.540 15.41741 ? 24  ARG A NE   1 
ATOM   372  C  CZ   A ARG A 1 24 ? -0.95965  5.54630   -14.10232 0.460 16.03888 ? 24  ARG A CZ   1 
ATOM   373  C  CZ   B ARG A 1 24 ? -0.79801  5.29263   -13.73339 0.540 16.11150 ? 24  ARG A CZ   1 
ATOM   374  N  NH1  A ARG A 1 24 ? -2.21657  5.93772   -14.18194 0.460 16.56751 ? 24  ARG A NH1  1 
ATOM   375  N  NH1  B ARG A 1 24 ? -2.04341  5.70293   -13.98338 0.540 16.14813 ? 24  ARG A NH1  1 
ATOM   376  N  NH2  A ARG A 1 24 ? -0.00304  6.34581   -14.57685 0.460 16.75569 ? 24  ARG A NH2  1 
ATOM   377  N  NH2  B ARG A 1 24 ? 0.21987   6.00987   -14.19601 0.540 17.63579 ? 24  ARG A NH2  1 
ATOM   378  H  H    A ARG A 1 24 ? -1.45458  -0.84961  -11.42884 0.460 17.32534 ? 24  ARG A H    1 
ATOM   379  H  H    B ARG A 1 24 ? -1.26239  -1.02055  -11.34266 0.540 17.77850 ? 24  ARG A H    1 
ATOM   380  H  HA   A ARG A 1 24 ? 0.70684   -0.07537  -12.79665 0.460 15.64407 ? 24  ARG A HA   1 
ATOM   381  H  HA   B ARG A 1 24 ? 0.98710   -0.40125  -12.70299 0.540 16.82047 ? 24  ARG A HA   1 
ATOM   382  H  HB2  A ARG A 1 24 ? -0.74496  1.80860   -11.26035 0.460 15.11524 ? 24  ARG A HB2  1 
ATOM   383  H  HB2  B ARG A 1 24 ? 0.67977   1.76742   -12.96478 0.540 16.42536 ? 24  ARG A HB2  1 
ATOM   384  H  HB3  A ARG A 1 24 ? 0.53342   2.13379   -12.14658 0.460 15.11524 ? 24  ARG A HB3  1 
ATOM   385  H  HB3  B ARG A 1 24 ? -0.64985  1.11622   -13.54223 0.540 16.42536 ? 24  ARG A HB3  1 
ATOM   386  H  HG2  A ARG A 1 24 ? -0.64963  1.81061   -14.03977 0.460 15.34298 ? 24  ARG A HG2  1 
ATOM   387  H  HG2  B ARG A 1 24 ? -1.65588  1.55397   -11.44119 0.540 16.60113 ? 24  ARG A HG2  1 
ATOM   388  H  HG3  A ARG A 1 24 ? -1.91852  1.34991   -13.20125 0.460 15.34298 ? 24  ARG A HG3  1 
ATOM   389  H  HG3  B ARG A 1 24 ? -0.36765  2.41194   -11.08098 0.540 16.60113 ? 24  ARG A HG3  1 
ATOM   390  H  HD2  A ARG A 1 24 ? -2.38502  3.47140   -13.74017 0.460 15.82735 ? 24  ARG A HD2  1 
ATOM   391  H  HD2  B ARG A 1 24 ? -2.14382  3.00585   -13.17919 0.540 18.55910 ? 24  ARG A HD2  1 
ATOM   392  H  HD3  A ARG A 1 24 ? -1.88718  3.57015   -12.23425 0.460 15.82735 ? 24  ARG A HD3  1 
ATOM   393  H  HD3  B ARG A 1 24 ? -2.05159  3.81214   -11.81287 0.540 18.55910 ? 24  ARG A HD3  1 
ATOM   394  H  HE   A ARG A 1 24 ? 0.19476   4.21765   -13.39852 0.460 17.86511 ? 24  ARG A HE   1 
ATOM   395  H  HE   B ARG A 1 24 ? 0.28058   3.95238   -12.95059 0.540 18.51559 ? 24  ARG A HE   1 
ATOM   396  H  HH11 A ARG A 1 24 ? -2.40988  6.69123   -14.54864 0.460 19.89571 ? 24  ARG A HH11 1 
ATOM   397  H  HH11 B ARG A 1 24 ? -2.17652  6.42865   -14.42520 0.540 19.39245 ? 24  ARG A HH11 1 
ATOM   398  H  HH12 A ARG A 1 24 ? -2.84287  5.43946   -13.86718 0.460 19.89571 ? 24  ARG A HH12 1 
ATOM   399  H  HH12 B ARG A 1 24 ? -2.71266  5.24155   -13.70261 0.540 19.39245 ? 24  ARG A HH12 1 
ATOM   400  H  HH21 A ARG A 1 24 ? 0.82208   6.11040   -14.51891 0.460 20.12153 ? 24  ARG A HH21 1 
ATOM   401  H  HH21 B ARG A 1 24 ? 1.02769   5.75088   -14.05480 0.540 21.17765 ? 24  ARG A HH21 1 
ATOM   402  H  HH22 A ARG A 1 24 ? -0.21145  7.09664   -14.94073 0.460 20.12153 ? 24  ARG A HH22 1 
ATOM   403  H  HH22 B ARG A 1 24 ? 0.07103   6.73319   -14.63674 0.540 21.17765 ? 24  ARG A HH22 1 
ATOM   404  N  N    . LEU A 1 25 ? 2.11967   0.45702   -10.71444 1.000 11.53709 ? 25  LEU A N    1 
ATOM   405  C  CA   . LEU A 1 25 ? 2.87277   0.59640   -9.48459  1.000 11.07969 ? 25  LEU A CA   1 
ATOM   406  C  C    . LEU A 1 25 ? 2.67765   1.98842   -8.91725  1.000 10.88485 ? 25  LEU A C    1 
ATOM   407  O  O    . LEU A 1 25 ? 2.46004   2.96425   -9.65465  1.000 12.02024 ? 25  LEU A O    1 
ATOM   408  C  CB   . LEU A 1 25 ? 4.35587   0.34684   -9.71623  1.000 12.17423 ? 25  LEU A CB   1 
ATOM   409  C  CG   . LEU A 1 25 ? 4.76355   -1.00494  -10.30037 1.000 12.89303 ? 25  LEU A CG   1 
ATOM   410  C  CD1  . LEU A 1 25 ? 6.28295   -1.12049  -10.32025 1.000 13.65143 ? 25  LEU A CD1  1 
ATOM   411  C  CD2  . LEU A 1 25 ? 4.16869   -2.13585  -9.46768  1.000 13.52130 ? 25  LEU A CD2  1 
ATOM   412  H  H    . LEU A 1 25 ? 2.55261   0.71345   -11.41187 1.000 13.85921 ? 25  LEU A H    1 
ATOM   413  H  HA   . LEU A 1 25 ? 2.55726   -0.05587  -8.83969  1.000 13.31033 ? 25  LEU A HA   1 
ATOM   414  H  HB2  . LEU A 1 25 ? 4.67812   1.02579   -10.32947 1.000 14.62377 ? 25  LEU A HB2  1 
ATOM   415  H  HB3  . LEU A 1 25 ? 4.80720   0.43047   -8.86171  1.000 14.62377 ? 25  LEU A HB3  1 
ATOM   416  H  HG   . LEU A 1 25 ? 4.43022   -1.08040  -11.20817 1.000 15.48634 ? 25  LEU A HG   1 
ATOM   417  H  HD11 . LEU A 1 25 ? 6.53025   -1.96264  -10.73319 1.000 16.39642 ? 25  LEU A HD11 1 
ATOM   418  H  HD12 . LEU A 1 25 ? 6.64920   -0.38156  -10.83088 1.000 16.39642 ? 25  LEU A HD12 1 
ATOM   419  H  HD13 . LEU A 1 25 ? 6.61400   -1.08910  -9.40902  1.000 16.39642 ? 25  LEU A HD13 1 
ATOM   420  H  HD21 . LEU A 1 25 ? 4.47273   -2.98481  -9.82506  1.000 16.24026 ? 25  LEU A HD21 1 
ATOM   421  H  HD22 . LEU A 1 25 ? 4.46280   -2.03956  -8.54838  1.000 16.24026 ? 25  LEU A HD22 1 
ATOM   422  H  HD23 . LEU A 1 25 ? 3.20102   -2.08565  -9.51237  1.000 16.24026 ? 25  LEU A HD23 1 
ATOM   423  N  N    . TRP A 1 26 ? 2.81151   2.07293   -7.58906  1.000 9.85424  ? 26  TRP A N    1 
ATOM   424  C  CA   . TRP A 1 26 ? 2.58477   3.29894   -6.83682  1.000 9.45241  ? 26  TRP A CA   1 
ATOM   425  C  C    . TRP A 1 26 ? 3.67402   3.40700   -5.78472  1.000 9.64487  ? 26  TRP A C    1 
ATOM   426  O  O    . TRP A 1 26 ? 4.19203   2.38881   -5.30123  1.000 10.43252 ? 26  TRP A O    1 
ATOM   427  C  CB   . TRP A 1 26 ? 1.22197   3.26640   -6.04480  1.000 9.53018  ? 26  TRP A CB   1 
ATOM   428  C  CG   . TRP A 1 26 ? 0.04212   2.87757   -6.90768  1.000 9.62839  ? 26  TRP A CG   1 
ATOM   429  C  CD1  . TRP A 1 26 ? -0.13337  1.70533   -7.55211  1.000 10.43275 ? 26  TRP A CD1  1 
ATOM   430  C  CD2  . TRP A 1 26 ? -1.07360  3.69592   -7.25427  1.000 10.18046 ? 26  TRP A CD2  1 
ATOM   431  N  NE1  . TRP A 1 26 ? -1.27674  1.75068   -8.29617  1.000 10.49188 ? 26  TRP A NE1  1 
ATOM   432  C  CE2  . TRP A 1 26 ? -1.87440  2.96087   -8.12617  1.000 10.26082 ? 26  TRP A CE2  1 
ATOM   433  C  CE3  . TRP A 1 26 ? -1.49233  4.98273   -6.88517  1.000 11.33512 ? 26  TRP A CE3  1 
ATOM   434  C  CZ2  . TRP A 1 26 ? -3.04349  3.48584   -8.68249  1.000 11.31722 ? 26  TRP A CZ2  1 
ATOM   435  C  CZ3  . TRP A 1 26 ? -2.66768  5.48065   -7.40964  1.000 11.98156 ? 26  TRP A CZ3  1 
ATOM   436  C  CH2  . TRP A 1 26 ? -3.42037  4.74226   -8.32158  1.000 12.11328 ? 26  TRP A CH2  1 
ATOM   437  H  H    . TRP A 1 26 ? 3.04006   1.41010   -7.09105  1.000 11.83979 ? 26  TRP A H    1 
ATOM   438  H  HA   . TRP A 1 26 ? 2.59459   4.04920   -7.45156  1.000 11.35759 ? 26  TRP A HA   1 
ATOM   439  H  HB2  . TRP A 1 26 ? 1.29187   2.61949   -5.32541  1.000 11.45092 ? 26  TRP A HB2  1 
ATOM   440  H  HB3  . TRP A 1 26 ? 1.04833   4.14894   -5.68163  1.000 11.45092 ? 26  TRP A HB3  1 
ATOM   441  H  HD1  . TRP A 1 26 ? 0.43963   0.97485   -7.49748  1.000 12.53400 ? 26  TRP A HD1  1 
ATOM   442  H  HE1  . TRP A 1 26 ? -1.57257  1.11472   -8.79380  1.000 12.60496 ? 26  TRP A HE1  1 
ATOM   443  H  HE3  . TRP A 1 26 ? -0.98530  5.49291   -6.29564  1.000 13.61684 ? 26  TRP A HE3  1 
ATOM   444  H  HZ2  . TRP A 1 26 ? -3.55068  2.98956   -9.28363  1.000 13.59536 ? 26  TRP A HZ2  1 
ATOM   445  H  HZ3  . TRP A 1 26 ? -2.96279  6.32355   -7.15016  1.000 14.39258 ? 26  TRP A HZ3  1 
ATOM   446  H  HH2  . TRP A 1 26 ? -4.19030  5.11345   -8.68808  1.000 14.55063 ? 26  TRP A HH2  1 
ATOM   447  N  N    . ALA A 1 27 ? 4.03044   4.62181   -5.40651  1.000 9.53602  ? 27  ALA A N    1 
ATOM   448  C  CA   . ALA A 1 27 ? 4.89501   4.79433   -4.23846  1.000 9.92147  ? 27  ALA A CA   1 
ATOM   449  C  C    . ALA A 1 27 ? 4.09633   4.52764   -2.96945  1.000 9.39038  ? 27  ALA A C    1 
ATOM   450  O  O    . ALA A 1 27 ? 2.96122   4.97859   -2.84313  1.000 9.58854  ? 27  ALA A O    1 
ATOM   451  C  CB   . ALA A 1 27 ? 5.44062   6.22462   -4.23902  1.000 10.69143 ? 27  ALA A CB   1 
ATOM   452  H  H    . ALA A 1 27 ? 3.79400   5.35113   -5.79611  1.000 11.45792 ? 27  ALA A H    1 
ATOM   453  H  HA   . ALA A 1 27 ? 5.64253   4.17656   -4.26007  1.000 11.92046 ? 27  ALA A HA   1 
ATOM   454  H  HB1  . ALA A 1 27 ? 6.07945   6.31919   -3.51524  1.000 12.84441 ? 27  ALA A HB1  1 
ATOM   455  H  HB2  . ALA A 1 27 ? 5.87570   6.39631   -5.08879  1.000 12.84441 ? 27  ALA A HB2  1 
ATOM   456  H  HB3  . ALA A 1 27 ? 4.70436   6.84352   -4.11334  1.000 12.84441 ? 27  ALA A HB3  1 
ATOM   457  N  N    . PHE A 1 28 ? 4.72295   3.82375   -2.02252  1.000 9.93491  ? 28  PHE A N    1 
ATOM   458  C  CA   . PHE A 1 28 ? 4.17137   3.60903   -0.68098  1.000 9.94158  ? 28  PHE A CA   1 
ATOM   459  C  C    . PHE A 1 28 ? 4.83326   4.62887   0.24588   1.000 9.90227  ? 28  PHE A C    1 
ATOM   460  O  O    . PHE A 1 28 ? 6.06338   4.65826   0.36995   1.000 10.46719 ? 28  PHE A O    1 
ATOM   461  C  CB   . PHE A 1 28 ? 4.44870   2.18396   -0.21181  1.000 10.15755 ? 28  PHE A CB   1 
ATOM   462  C  CG   . PHE A 1 28 ? 3.85749   1.85332   1.14225   1.000 9.91291  ? 28  PHE A CG   1 
ATOM   463  C  CD1  . PHE A 1 28 ? 2.50125   1.78556   1.32918   1.000 10.02656 ? 28  PHE A CD1  1 
ATOM   464  C  CD2  . PHE A 1 28 ? 4.67488   1.62453   2.24277   1.000 11.27018 ? 28  PHE A CD2  1 
ATOM   465  C  CE1  . PHE A 1 28 ? 1.96187   1.42448   2.56884   1.000 10.22629 ? 28  PHE A CE1  1 
ATOM   466  C  CE2  . PHE A 1 28 ? 4.13921   1.29398   3.48706   1.000 11.18486 ? 28  PHE A CE2  1 
ATOM   467  C  CZ   . PHE A 1 28 ? 2.78982   1.20827   3.63224   1.000 10.25732 ? 28  PHE A CZ   1 
ATOM   468  H  H    . PHE A 1 28 ? 5.48944   3.45075   -2.13641  1.000 11.93659 ? 28  PHE A H    1 
ATOM   469  H  HA   . PHE A 1 28 ? 3.21049   3.74146   -0.67271  1.000 11.94459 ? 28  PHE A HA   1 
ATOM   470  H  HB2  . PHE A 1 28 ? 4.07152   1.56558   -0.85697  1.000 12.20376 ? 28  PHE A HB2  1 
ATOM   471  H  HB3  . PHE A 1 28 ? 5.40863   2.05754   -0.15304  1.000 12.20376 ? 28  PHE A HB3  1 
ATOM   472  H  HD1  . PHE A 1 28 ? 1.93097   1.98252   0.62144   1.000 12.04658 ? 28  PHE A HD1  1 
ATOM   473  H  HD2  . PHE A 1 28 ? 5.59743   1.69328   2.14742   1.000 13.53891 ? 28  PHE A HD2  1 
ATOM   474  H  HE1  . PHE A 1 28 ? 1.04179   1.33206   2.66791   1.000 12.28625 ? 28  PHE A HE1  1 
ATOM   475  H  HE2  . PHE A 1 28 ? 4.69997   1.13350   4.21142   1.000 13.43653 ? 28  PHE A HE2  1 
ATOM   476  H  HZ   . PHE A 1 28 ? 2.42795   1.00053   4.46337   1.000 12.32349 ? 28  PHE A HZ   1 
ATOM   477  N  N    . CYS A 1 29 ? 4.01009   5.48091   0.85715   1.000 9.60692  ? 29  CYS A N    1 
ATOM   478  C  CA   . CYS A 1 29 ? 4.44412   6.73040   1.44394   1.000 9.96748  ? 29  CYS A CA   1 
ATOM   479  C  C    . CYS A 1 29 ? 4.00879   6.81688   2.89639   1.000 10.36052 ? 29  CYS A C    1 
ATOM   480  O  O    . CYS A 1 29 ? 2.83225   6.61998   3.19886   1.000 10.22918 ? 29  CYS A O    1 
ATOM   481  C  CB   . CYS A 1 29 ? 3.78065   7.86662   0.66797   1.000 10.30901 ? 29  CYS A CB   1 
ATOM   482  S  SG   . CYS A 1 29 ? 4.21475   7.83445   -1.08789  0.994 10.39145 ? 29  CYS A SG   1 
ATOM   483  H  H    . CYS A 1 29 ? 3.16535   5.34472   0.94364   1.000 11.54301 ? 29  CYS A H    1 
ATOM   484  H  HA   . CYS A 1 29 ? 5.41199   6.79216   1.42618   1.000 11.97568 ? 29  CYS A HA   1 
ATOM   485  H  HB2  . CYS A 1 29 ? 2.81719   7.78371   0.74389   1.000 12.38551 ? 29  CYS A HB2  1 
ATOM   486  H  HB3  . CYS A 1 29 ? 4.07066   8.71564   1.03670   1.000 12.38551 ? 29  CYS A HB3  1 
ATOM   487  N  N    . CYS A 1 30 ? 4.94376   7.20416   3.77658   1.000 10.72929 ? 30  CYS A N    1 
ATOM   488  C  CA   . CYS A 1 30 ? 4.62603   7.42780   5.17319   1.000 11.40086 ? 30  CYS A CA   1 
ATOM   489  C  C    . CYS A 1 30 ? 5.32163   8.68798   5.66334   1.000 11.98669 ? 30  CYS A C    1 
ATOM   490  O  O    . CYS A 1 30 ? 6.36858   9.08034   5.09224   1.000 14.34803 ? 30  CYS A O    1 
ATOM   491  C  CB   . CYS A 1 30 ? 5.10415   6.29421   6.08327   1.000 12.53902 ? 30  CYS A CB   1 
ATOM   492  S  SG   . CYS A 1 30 ? 4.71406   4.59370   5.58623   0.976 12.40554 ? 30  CYS A SG   1 
ATOM   493  O  OXT  . CYS A 1 30 ? 4.89730   9.26106   6.70263   1.000 12.52670 ? 30  CYS A OXT  1 
ATOM   494  H  H    . CYS A 1 30 ? 5.76922   7.34176   3.57841   1.000 12.88985 ? 30  CYS A H    1 
ATOM   495  H  HA   . CYS A 1 30 ? 3.66014   7.49034   5.23676   1.000 13.69573 ? 30  CYS A HA   1 
ATOM   496  H  HB2  . CYS A 1 30 ? 6.07035   6.35219   6.14634   1.000 15.06153 ? 30  CYS A HB2  1 
ATOM   497  H  HB3  . CYS A 1 30 ? 4.70597   6.42804   6.95760   1.000 15.06153 ? 30  CYS A HB3  1 
ATOM   498  N  N    . ALA B 1 1  ? -8.95781  3.91558   8.04190   1.000 14.43403 ? 1   ALA B N    1 
ATOM   499  C  CA   . ALA B 1 1  ? -7.62324  4.11922   7.40312   1.000 12.28863 ? 1   ALA B CA   1 
ATOM   500  C  C    . ALA B 1 1  ? -7.24491  2.80848   6.73924   1.000 11.70853 ? 1   ALA B C    1 
ATOM   501  O  O    . ALA B 1 1  ? -7.88687  1.78309   6.96090   1.000 12.99530 ? 1   ALA B O    1 
ATOM   502  C  CB   . ALA B 1 1  ? -6.58898  4.56008   8.36929   1.000 13.10715 ? 1   ALA B CB   1 
ATOM   503  H  H1   . ALA B 1 1  ? -9.58074  4.34110   7.56969   1.000 17.33554 ? 1   ALA B H1   1 
ATOM   504  H  H2   . ALA B 1 1  ? -9.14581  3.04599   8.06548   1.000 17.33554 ? 1   ALA B H2   1 
ATOM   505  H  H3   . ALA B 1 1  ? -8.94210  4.23831   8.87118   1.000 17.33554 ? 1   ALA B H3   1 
ATOM   506  H  HA   . ALA B 1 1  ? -7.66365  4.83681   6.75171   1.000 14.76105 ? 1   ALA B HA   1 
ATOM   507  H  HB1  . ALA B 1 1  ? -5.73829  4.63453   7.90920   1.000 15.74328 ? 1   ALA B HB1  1 
ATOM   508  H  HB2  . ALA B 1 1  ? -6.84435  5.42186   8.73397   1.000 15.74328 ? 1   ALA B HB2  1 
ATOM   509  H  HB3  . ALA B 1 1  ? -6.52331  3.90556   9.08217   1.000 15.74328 ? 1   ALA B HB3  1 
ATOM   510  N  N    . CYS B 1 2  ? -6.24492  2.85392   5.87208   1.000 10.55621 ? 2   CYS B N    1 
ATOM   511  C  CA   . CYS B 1 2  ? -5.78323  1.67950   5.17402   1.000 10.18959 ? 2   CYS B CA   1 
ATOM   512  C  C    . CYS B 1 2  ? -4.41889  1.27442   5.70496   1.000 9.69936  ? 2   CYS B C    1 
ATOM   513  O  O    . CYS B 1 2  ? -3.59301  2.12841   6.02066   1.000 10.40400 ? 2   CYS B O    1 
ATOM   514  C  CB   . CYS B 1 2  ? -5.66212  1.92833   3.66757   1.000 11.53061 ? 2   CYS B CB   1 
ATOM   515  S  SG   . CYS B 1 2  ? -7.08729  2.64386   2.90438   1.000 13.32210 ? 2   CYS B SG   1 
ATOM   516  H  H    . CYS B 1 2  ? -5.81375  3.57056   5.67179   1.000 12.68215 ? 2   CYS B H    1 
ATOM   517  H  HA   . CYS B 1 2  ? -6.41771  0.96056   5.32056   1.000 12.24221 ? 2   CYS B HA   1 
ATOM   518  H  HB2  . CYS B 1 2  ? -4.91829  2.53221   3.51611   1.000 13.85143 ? 2   CYS B HB2  1 
ATOM   519  H  HB3  . CYS B 1 2  ? -5.49449  1.07914   3.22977   1.000 13.85143 ? 2   CYS B HB3  1 
ATOM   520  N  N    . TYR B 1 3  ? -4.17646  -0.03836  5.76550   1.000 9.50731  ? 3   TYR B N    1 
ATOM   521  C  CA   . TYR B 1 3  ? -2.92316  -0.56469  6.28205   1.000 9.86185  ? 3   TYR B CA   1 
ATOM   522  C  C    . TYR B 1 3  ? -2.54491  -1.84548  5.54291   1.000 9.24680  ? 3   TYR B C    1 
ATOM   523  O  O    . TYR B 1 3  ? -3.40600  -2.64767  5.15093   1.000 9.81801  ? 3   TYR B O    1 
ATOM   524  C  CB   . TYR B 1 3  ? -3.08128  -0.92896  7.76074   1.000 10.99332 ? 3   TYR B CB   1 
ATOM   525  C  CG   . TYR B 1 3  ? -3.46090  0.26768   8.63010   1.000 11.76766 ? 3   TYR B CG   1 
ATOM   526  C  CD1  . TYR B 1 3  ? -2.54125  1.27808   8.91636   1.000 13.36558 ? 3   TYR B CD1  1 
ATOM   527  C  CD2  . TYR B 1 3  ? -4.73941  0.40067   9.10856   1.000 12.74773 ? 3   TYR B CD2  1 
ATOM   528  C  CE1  . TYR B 1 3  ? -2.86453  2.37743   9.68389   1.000 14.20269 ? 3   TYR B CE1  1 
ATOM   529  C  CE2  . TYR B 1 3  ? -5.08597  1.50643   9.91810   1.000 13.86855 ? 3   TYR B CE2  1 
ATOM   530  C  CZ   . TYR B 1 3  ? -4.14918  2.48892   10.16391  1.000 14.51170 ? 3   TYR B CZ   1 
ATOM   531  O  OH   . TYR B 1 3  ? -4.49438  3.59108   10.92704  1.000 15.97691 ? 3   TYR B OH   1 
ATOM   532  H  H    . TYR B 1 3  ? -4.73026  -0.64468  5.50998   1.000 11.42347 ? 3   TYR B H    1 
ATOM   533  H  HA   . TYR B 1 3  ? -2.22695  0.09698   6.14643   1.000 11.84892 ? 3   TYR B HA   1 
ATOM   534  H  HB2  . TYR B 1 3  ? -3.77971  -1.59640  7.84797   1.000 13.20668 ? 3   TYR B HB2  1 
ATOM   535  H  HB3  . TYR B 1 3  ? -2.24048  -1.28365  8.08961   1.000 13.20668 ? 3   TYR B HB3  1 
ATOM   536  H  HD1  . TYR B 1 3  ? -1.67834  1.20729   8.57685   1.000 16.05339 ? 3   TYR B HD1  1 
ATOM   537  H  HD2  . TYR B 1 3  ? -5.38099  -0.23931  8.89951   1.000 15.31198 ? 3   TYR B HD2  1 
ATOM   538  H  HE1  . TYR B 1 3  ? -2.22832  3.02893   9.87280   1.000 17.05792 ? 3   TYR B HE1  1 
ATOM   539  H  HE2  . TYR B 1 3  ? -5.93921  1.57114   10.28234  1.000 16.65696 ? 3   TYR B HE2  1 
ATOM   540  H  HH   . TYR B 1 3  ? -5.28571  3.51601   11.19866  1.000 19.18699 ? 3   TYR B HH   1 
ATOM   541  N  N    . CYS B 1 4  ? -1.24219  -2.05990  5.44182   1.000 8.94421  ? 4   CYS B N    1 
ATOM   542  C  CA   . CYS B 1 4  ? -0.73498  -3.33369  4.96079   1.000 8.85774  ? 4   CYS B CA   1 
ATOM   543  C  C    . CYS B 1 4  ? -0.92970  -4.39357  6.03601   1.000 8.72156  ? 4   CYS B C    1 
ATOM   544  O  O    . CYS B 1 4  ? -0.53311  -4.18678  7.18750   1.000 9.32959  ? 4   CYS B O    1 
ATOM   545  C  CB   . CYS B 1 4  ? 0.74828   -3.17705  4.63287   1.000 8.99550  ? 4   CYS B CB   1 
ATOM   546  S  SG   . CYS B 1 4  ? 1.13598   -1.84576  3.44615   0.971 9.10274  ? 4   CYS B SG   1 
ATOM   547  H  H    . CYS B 1 4  ? -0.63367  -1.48696  5.64437   1.000 10.74776 ? 4   CYS B H    1 
ATOM   548  H  HA   . CYS B 1 4  ? -1.20732  -3.61656  4.16219   1.000 10.64399 ? 4   CYS B HA   1 
ATOM   549  H  HB2  . CYS B 1 4  ? 1.22589   -2.98319  5.45457   1.000 10.80930 ? 4   CYS B HB2  1 
ATOM   550  H  HB3  . CYS B 1 4  ? 1.06832   -4.00960  4.25164   1.000 10.80930 ? 4   CYS B HB3  1 
ATOM   551  N  N    A ARG B 1 5  ? -1.47432  -5.54476  5.63885   0.481 9.00776  ? 5   ARG B N    1 
ATOM   552  N  N    B ARG B 1 5  ? -1.58217  -5.48922  5.67758   0.519 8.63464  ? 5   ARG B N    1 
ATOM   553  C  CA   A ARG B 1 5  ? -1.83173  -6.64057  6.53994   0.481 9.52558  ? 5   ARG B CA   1 
ATOM   554  C  CA   B ARG B 1 5  ? -1.75804  -6.63623  6.56059   0.519 9.25170  ? 5   ARG B CA   1 
ATOM   555  C  C    A ARG B 1 5  ? -1.54508  -7.98340  5.88356   0.481 9.63337  ? 5   ARG B C    1 
ATOM   556  C  C    B ARG B 1 5  ? -1.32654  -7.90604  5.85150   0.519 9.01667  ? 5   ARG B C    1 
ATOM   557  O  O    A ARG B 1 5  ? -1.85272  -8.17538  4.69768   0.481 9.89372  ? 5   ARG B O    1 
ATOM   558  O  O    B ARG B 1 5  ? -1.37183  -8.00227  4.61703   0.519 8.42000  ? 5   ARG B O    1 
ATOM   559  C  CB   A ARG B 1 5  ? -3.32132  -6.53804  6.95338   0.481 9.86076  ? 5   ARG B CB   1 
ATOM   560  C  CB   B ARG B 1 5  ? -3.22559  -6.83194  6.97662   0.519 9.86011  ? 5   ARG B CB   1 
ATOM   561  C  CG   A ARG B 1 5  ? -3.67622  -7.47057  8.08850   0.481 9.61128  ? 5   ARG B CG   1 
ATOM   562  C  CG   B ARG B 1 5  ? -3.78085  -5.81547  7.95620   0.519 9.91656  ? 5   ARG B CG   1 
ATOM   563  C  CD   A ARG B 1 5  ? -5.14158  -7.50152  8.47650   0.481 9.75555  ? 5   ARG B CD   1 
ATOM   564  C  CD   B ARG B 1 5  ? -5.05575  -6.29639  8.58385   0.519 9.89610  ? 5   ARG B CD   1 
ATOM   565  N  NE   A ARG B 1 5  ? -5.68673  -6.23750  8.97299   0.481 10.62344 ? 5   ARG B NE   1 
ATOM   566  N  NE   B ARG B 1 5  ? -5.77321  -5.33232  9.40440   0.519 9.84776  ? 5   ARG B NE   1 
ATOM   567  C  CZ   A ARG B 1 5  ? -5.65116  -5.82817  10.23590  0.481 10.94135 ? 5   ARG B CZ   1 
ATOM   568  C  CZ   B ARG B 1 5  ? -5.65692  -5.21078  10.72567  0.519 10.29394 ? 5   ARG B CZ   1 
ATOM   569  N  NH1  A ARG B 1 5  ? -4.87404  -6.40678  11.14363  0.481 11.64996 ? 5   ARG B NH1  1 
ATOM   570  N  NH1  B ARG B 1 5  ? -4.72698  -5.86094  11.41731  0.519 9.89827  ? 5   ARG B NH1  1 
ATOM   571  N  NH2  A ARG B 1 5  ? -6.45233  -4.82422  10.59765  0.481 11.62874 ? 5   ARG B NH2  1 
ATOM   572  N  NH2  B ARG B 1 5  ? -6.51983  -4.43018  11.37604  0.519 10.57934 ? 5   ARG B NH2  1 
ATOM   573  H  H    A ARG B 1 5  ? -1.65407  -5.72228  4.81680   0.481 10.82401 ? 5   ARG B H    1 
ATOM   574  H  H    B ARG B 1 5  ? -1.94378  -5.59725  4.90481   0.519 10.37627 ? 5   ARG B H    1 
ATOM   575  H  HA   A ARG B 1 5  ? -1.28298  -6.60071  7.33881   0.481 11.44540 ? 5   ARG B HA   1 
ATOM   576  H  HA   B ARG B 1 5  ? -1.20936  -6.48752  7.34655   0.519 11.11674 ? 5   ARG B HA   1 
ATOM   577  H  HB2  A ARG B 1 5  ? -3.50789  -5.63041  7.24024   0.481 11.84762 ? 5   ARG B HB2  1 
ATOM   578  H  HB2  B ARG B 1 5  ? -3.77498  -6.79013  6.17830   0.519 11.84683 ? 5   ARG B HB2  1 
ATOM   579  H  HB3  A ARG B 1 5  ? -3.87707  -6.76614  6.19179   0.481 11.84762 ? 5   ARG B HB3  1 
ATOM   580  H  HB3  B ARG B 1 5  ? -3.30908  -7.70476  7.39148   0.519 11.84683 ? 5   ARG B HB3  1 
ATOM   581  H  HG2  A ARG B 1 5  ? -3.42767  -8.37247  7.83217   0.481 11.54823 ? 5   ARG B HG2  1 
ATOM   582  H  HG2  B ARG B 1 5  ? -3.13291  -5.66166  8.66147   0.519 11.91457 ? 5   ARG B HG2  1 
ATOM   583  H  HG3  A ARG B 1 5  ? -3.17648  -7.19942  8.87441   0.481 11.54823 ? 5   ARG B HG3  1 
ATOM   584  H  HG3  B ARG B 1 5  ? -3.96529  -4.98595  7.48847   0.519 11.91457 ? 5   ARG B HG3  1 
ATOM   585  H  HD2  A ARG B 1 5  ? -5.65965  -7.75204  7.69564   0.481 11.72136 ? 5   ARG B HD2  1 
ATOM   586  H  HD2  B ARG B 1 5  ? -5.65787  -6.57032  7.87440   0.519 11.89001 ? 5   ARG B HD2  1 
ATOM   587  H  HD3  A ARG B 1 5  ? -5.25854  -8.16127  9.17789   0.481 11.72136 ? 5   ARG B HD3  1 
ATOM   588  H  HD3  B ARG B 1 5  ? -4.84632  -7.05400  9.15224   0.519 11.89001 ? 5   ARG B HD3  1 
ATOM   589  H  HE   A ARG B 1 5  ? -6.06094  -5.71689  8.39980   0.481 12.76282 ? 5   ARG B HE   1 
ATOM   590  H  HE   B ARG B 1 5  ? -6.31572  -4.79832  9.00423   0.519 11.83202 ? 5   ARG B HE   1 
ATOM   591  H  HH11 A ARG B 1 5  ? -4.37235  -7.06886  10.92102  0.481 13.99465 ? 5   ARG B HH11 1 
ATOM   592  H  HH11 B ARG B 1 5  ? -4.17478  -6.38104  11.01212  0.519 11.89263 ? 5   ARG B HH11 1 
ATOM   593  H  HH12 A ARG B 1 5  ? -4.87234  -6.11950  11.95422  0.481 13.99465 ? 5   ARG B HH12 1 
ATOM   594  H  HH12 B ARG B 1 5  ? -4.67734  -5.76160  12.27011  0.519 11.89263 ? 5   ARG B HH12 1 
ATOM   595  H  HH21 A ARG B 1 5  ? -6.97360  -4.46003  10.01864  0.481 13.96918 ? 5   ARG B HH21 1 
ATOM   596  H  HH21 B ARG B 1 5  ? -7.13679  -4.01667  10.94250  0.519 12.70991 ? 5   ARG B HH21 1 
ATOM   597  H  HH22 A ARG B 1 5  ? -6.44739  -4.54138  11.40979  0.481 13.96918 ? 5   ARG B HH22 1 
ATOM   598  H  HH22 B ARG B 1 5  ? -6.45957  -4.34008  12.22919  0.519 12.70991 ? 5   ARG B HH22 1 
ATOM   599  N  N    . ILE B 1 6  ? -0.95482  -8.90652  6.65297   1.000 9.60670  ? 6   ILE B N    1 
ATOM   600  C  CA   . ILE B 1 6  ? -0.59506  -10.23320 6.14247   1.000 9.56353  ? 6   ILE B CA   1 
ATOM   601  C  C    . ILE B 1 6  ? -1.36985  -11.30204 6.89546   1.000 9.83824  ? 6   ILE B C    1 
ATOM   602  O  O    . ILE B 1 6  ? -1.50392  -11.21890 8.12349   1.000 10.41056 ? 6   ILE B O    1 
ATOM   603  C  CB   . ILE B 1 6  ? 0.91046   -10.48312 6.31139   1.000 10.59474 ? 6   ILE B CB   1 
ATOM   604  C  CG1  . ILE B 1 6  ? 1.68541   -9.57372  5.32927   1.000 11.72924 ? 6   ILE B CG1  1 
ATOM   605  C  CG2  . ILE B 1 6  ? 1.31712   -11.95102 6.09753   1.000 11.25753 ? 6   ILE B CG2  1 
ATOM   606  C  CD1  . ILE B 1 6  ? 3.16825   -9.51564  5.53392   1.000 12.19990 ? 6   ILE B CD1  1 
ATOM   607  H  H    A ILE B 1 6  ? -0.75147  -8.78626  7.47988   0.481 11.54275 ? 6   ILE B H    1 
ATOM   608  H  H    B ILE B 1 6  ? -0.90206  -8.84173  7.50889   0.519 11.54275 ? 6   ILE B H    1 
ATOM   609  H  HA   . ILE B 1 6  ? -0.83995  -10.27491 5.20483   1.000 11.49094 ? 6   ILE B HA   1 
ATOM   610  H  HB   . ILE B 1 6  ? 1.13150   -10.26961 7.23142   1.000 12.72838 ? 6   ILE B HB   1 
ATOM   611  H  HG12 . ILE B 1 6  ? 1.53137   -9.89754  4.42799   1.000 14.08979 ? 6   ILE B HG12 1 
ATOM   612  H  HG13 . ILE B 1 6  ? 1.34644   -8.66934  5.41933   1.000 14.08979 ? 6   ILE B HG13 1 
ATOM   613  H  HG21 . ILE B 1 6  ? 2.27537   -12.03469 6.22264   1.000 13.52374 ? 6   ILE B HG21 1 
ATOM   614  H  HG22 . ILE B 1 6  ? 0.84976   -12.50530 6.74193   1.000 13.52374 ? 6   ILE B HG22 1 
ATOM   615  H  HG23 . ILE B 1 6  ? 1.07670   -12.21723 5.19629   1.000 13.52374 ? 6   ILE B HG23 1 
ATOM   616  H  HD11 . ILE B 1 6  ? 3.54483   -8.85659  4.92998   1.000 14.65459 ? 6   ILE B HD11 1 
ATOM   617  H  HD12 . ILE B 1 6  ? 3.35062   -9.26451  6.45293   1.000 14.65459 ? 6   ILE B HD12 1 
ATOM   618  H  HD13 . ILE B 1 6  ? 3.54712   -10.38907 5.34828   1.000 14.65459 ? 6   ILE B HD13 1 
ATOM   619  N  N    . PRO B 1 7  ? -1.87863  -12.32848 6.22044   1.000 10.29069 ? 7   PRO B N    1 
ATOM   620  C  CA   . PRO B 1 7  ? -1.75087  -12.60075 4.77224   1.000 11.01207 ? 7   PRO B CA   1 
ATOM   621  C  C    . PRO B 1 7  ? -2.87254  -12.03415 3.95157   1.000 10.83205 ? 7   PRO B C    1 
ATOM   622  O  O    . PRO B 1 7  ? -2.84074  -12.12354 2.74394   1.000 12.87742 ? 7   PRO B O    1 
ATOM   623  C  CB   . PRO B 1 7  ? -1.76629  -14.12140 4.73432   1.000 11.91947 ? 7   PRO B CB   1 
ATOM   624  C  CG   . PRO B 1 7  ? -2.70985  -14.48782 5.83896   1.000 12.17584 ? 7   PRO B CG   1 
ATOM   625  C  CD   . PRO B 1 7  ? -2.42124  -13.50440 6.94992   1.000 11.49169 ? 7   PRO B CD   1 
ATOM   626  H  HA   . PRO B 1 7  ? -0.90796  -12.24746 4.44727   1.000 13.22918 ? 7   PRO B HA   1 
ATOM   627  H  HB2  . PRO B 1 7  ? -2.09086  -14.43308 3.87501   1.000 14.31806 ? 7   PRO B HB2  1 
ATOM   628  H  HB3  . PRO B 1 7  ? -0.87668  -14.47094 4.89959   1.000 14.31806 ? 7   PRO B HB3  1 
ATOM   629  H  HG2  . PRO B 1 7  ? -3.62592  -14.40341 5.53140   1.000 14.62571 ? 7   PRO B HG2  1 
ATOM   630  H  HG3  . PRO B 1 7  ? -2.53987  -15.39759 6.12931   1.000 14.62571 ? 7   PRO B HG3  1 
ATOM   631  H  HD2  . PRO B 1 7  ? -3.23334  -13.27200 7.42676   1.000 13.80473 ? 7   PRO B HD2  1 
ATOM   632  H  HD3  . PRO B 1 7  ? -1.76464  -13.86226 7.56774   1.000 13.80473 ? 7   PRO B HD3  1 
ATOM   633  N  N    . ALA B 1 8  ? -3.87795  -11.46344 4.60536   1.000 10.81639 ? 8   ALA B N    1 
ATOM   634  C  CA   . ALA B 1 8  ? -5.09669  -11.05210 3.93485   1.000 10.86259 ? 8   ALA B CA   1 
ATOM   635  C  C    . ALA B 1 8  ? -5.80207  -10.00932 4.78421   1.000 10.26168 ? 8   ALA B C    1 
ATOM   636  O  O    . ALA B 1 8  ? -5.60828  -9.93879  5.99263   1.000 11.60939 ? 8   ALA B O    1 
ATOM   637  C  CB   . ALA B 1 8  ? -6.01487  -12.25663 3.73204   1.000 12.41057 ? 8   ALA B CB   1 
ATOM   638  H  H    . ALA B 1 8  ? -3.87549  -11.30258 5.45018   1.000 12.99436 ? 8   ALA B H    1 
ATOM   639  H  HA   . ALA B 1 8  ? -4.88056  -10.65124 3.07839   1.000 13.04980 ? 8   ALA B HA   1 
ATOM   640  H  HB1  . ALA B 1 8  ? -6.77554  -11.98684 3.19398   1.000 14.90738 ? 8   ALA B HB1  1 
ATOM   641  H  HB2  . ALA B 1 8  ? -5.52085  -12.95748 3.27854   1.000 14.90738 ? 8   ALA B HB2  1 
ATOM   642  H  HB3  . ALA B 1 8  ? -6.31748  -12.57237 4.59785   1.000 14.90738 ? 8   ALA B HB3  1 
ATOM   643  N  N    . CYS B 1 9  ? -6.69123  -9.25758  4.13022   1.000 10.47119 ? 9   CYS B N    1 
ATOM   644  C  CA   . CYS B 1 9  ? -7.62420  -8.38388  4.84205   1.000 10.71649 ? 9   CYS B CA   1 
ATOM   645  C  C    . CYS B 1 9  ? -8.58304  -9.22765  5.69127   1.000 10.23304 ? 9   CYS B C    1 
ATOM   646  O  O    . CYS B 1 9  ? -8.83678  -10.40076 5.40890   1.000 11.07310 ? 9   CYS B O    1 
ATOM   647  C  CB   . CYS B 1 9  ? -8.42406  -7.54285  3.85646   1.000 10.84468 ? 9   CYS B CB   1 
ATOM   648  S  SG   . CYS B 1 9  ? -7.39906  -6.51111  2.75930   0.951 10.11766 ? 9   CYS B SG   1 
ATOM   649  H  H    . CYS B 1 9  ? -6.77420  -9.23571  3.27451   1.000 12.58013 ? 9   CYS B H    1 
ATOM   650  H  HA   . CYS B 1 9  ? -7.13168  -7.78226  5.42204   1.000 12.87449 ? 9   CYS B HA   1 
ATOM   651  H  HB2  . CYS B 1 9  ? -8.95010  -8.13584  3.29739   1.000 13.02832 ? 9   CYS B HB2  1 
ATOM   652  H  HB3  . CYS B 1 9  ? -9.00915  -6.95180  4.35568   1.000 13.02832 ? 9   CYS B HB3  1 
ATOM   653  N  N    . ILE B 1 10 ? -9.08890  -8.59844  6.73577   1.000 9.62428  ? 10  ILE B N    1 
ATOM   654  C  CA   . ILE B 1 10 ? -9.99370  -9.24145  7.68975   1.000 9.86740  ? 10  ILE B CA   1 
ATOM   655  C  C    . ILE B 1 10 ? -11.34684 -8.52401  7.70532   1.000 10.10739 ? 10  ILE B C    1 
ATOM   656  O  O    . ILE B 1 10 ? -11.45217 -7.32229  7.44274   1.000 10.25061 ? 10  ILE B O    1 
ATOM   657  C  CB   . ILE B 1 10 ? -9.38731  -9.31150  9.11647   1.000 10.53745 ? 10  ILE B CB   1 
ATOM   658  C  CG1  . ILE B 1 10 ? -8.99360  -7.91554  9.62514   1.000 11.19453 ? 10  ILE B CG1  1 
ATOM   659  C  CG2  . ILE B 1 10 ? -8.20348  -10.27639 9.11404   1.000 12.41001 ? 10  ILE B CG2  1 
ATOM   660  C  CD1  . ILE B 1 10 ? -8.69721  -7.83196  11.06760  1.000 13.03496 ? 10  ILE B CD1  1 
ATOM   661  H  H    . ILE B 1 10 ? -8.92254  -7.77604  6.92439   1.000 11.56383 ? 10  ILE B H    1 
ATOM   662  H  HA   . ILE B 1 10 ? -10.15567 -10.14706 7.38229   1.000 11.85558 ? 10  ILE B HA   1 
ATOM   663  H  HB   . ILE B 1 10 ? -10.05885 -9.64674  9.73092   1.000 12.65964 ? 10  ILE B HB   1 
ATOM   664  H  HG12 . ILE B 1 10 ? -8.19846  -7.62929  9.14899   1.000 13.44814 ? 10  ILE B HG12 1 
ATOM   665  H  HG13 . ILE B 1 10 ? -9.72613  -7.30600  9.44416   1.000 13.44814 ? 10  ILE B HG13 1 
ATOM   666  H  HG21 . ILE B 1 10 ? -7.86104  -10.35837 10.01787  1.000 14.90671 ? 10  ILE B HG21 1 
ATOM   667  H  HG22 . ILE B 1 10 ? -8.50216  -11.14188 8.79369   1.000 14.90671 ? 10  ILE B HG22 1 
ATOM   668  H  HG23 . ILE B 1 10 ? -7.51288  -9.92747  8.52904   1.000 14.90671 ? 10  ILE B HG23 1 
ATOM   669  H  HD11 . ILE B 1 10 ? -8.46137  -6.91750  11.28907  1.000 15.65665 ? 10  ILE B HD11 1 
ATOM   670  H  HD12 . ILE B 1 10 ? -9.48356  -8.10114  11.56769  1.000 15.65665 ? 10  ILE B HD12 1 
ATOM   671  H  HD13 . ILE B 1 10 ? -7.95632  -8.42354  11.27256  1.000 15.65665 ? 10  ILE B HD13 1 
ATOM   672  N  N    . ALA B 1 11 ? -12.39262 -9.27339  8.05875   1.000 9.63736  ? 11  ALA B N    1 
ATOM   673  C  CA   . ALA B 1 11 ? -13.70868 -8.72664  8.38046   1.000 9.74890  ? 11  ALA B CA   1 
ATOM   674  C  C    . ALA B 1 11 ? -14.19648 -7.86111  7.23194   1.000 9.73144  ? 11  ALA B C    1 
ATOM   675  O  O    . ALA B 1 11 ? -14.21688 -8.32418  6.07759   1.000 10.64779 ? 11  ALA B O    1 
ATOM   676  C  CB   . ALA B 1 11 ? -13.65650 -8.02238  9.73335   1.000 10.67057 ? 11  ALA B CB   1 
ATOM   677  H  H    . ALA B 1 11 ? -12.36145 -10.13058 8.12087   1.000 11.57954 ? 11  ALA B H    1 
ATOM   678  H  HA   . ALA B 1 11 ? -14.31828 -9.47912  8.43592   1.000 11.71338 ? 11  ALA B HA   1 
ATOM   679  H  HB1  . ALA B 1 11 ? -14.55569 -7.76457  9.99005   1.000 12.81939 ? 11  ALA B HB1  1 
ATOM   680  H  HB2  . ALA B 1 11 ? -13.28604 -8.63060  10.39192  1.000 12.81939 ? 11  ALA B HB2  1 
ATOM   681  H  HB3  . ALA B 1 11 ? -13.09538 -7.23475  9.65792   1.000 12.81939 ? 11  ALA B HB3  1 
ATOM   682  N  N    . GLY B 1 12 ? -14.60631 -6.63588  7.50009   1.000 9.64643  ? 12  GLY B N    1 
ATOM   683  C  CA   . GLY B 1 12 ? -15.10695 -5.71134  6.49255   1.000 10.12916 ? 12  GLY B CA   1 
ATOM   684  C  C    . GLY B 1 12 ? -14.06995 -4.96528  5.69907   1.000 10.08645 ? 12  GLY B C    1 
ATOM   685  O  O    . GLY B 1 12 ? -14.45292 -4.16176  4.83753   1.000 10.64833 ? 12  GLY B O    1 
ATOM   686  H  H    . GLY B 1 12 ? -14.60581 -6.29825  8.29105   1.000 11.59042 ? 12  GLY B H    1 
ATOM   687  H  HA2  . GLY B 1 12 ? -15.64928 -6.21143  5.86273   1.000 12.16969 ? 12  GLY B HA2  1 
ATOM   688  H  HA3  . GLY B 1 12 ? -15.66383 -5.05140  6.93442   1.000 12.16969 ? 12  GLY B HA3  1 
ATOM   689  N  N    . GLU B 1 13 ? -12.78367 -5.23213  5.91899   1.000 9.89772  ? 13  GLU B N    1 
ATOM   690  C  CA   . GLU B 1 13 ? -11.74400 -4.53878  5.17693   1.000 9.73008  ? 13  GLU B CA   1 
ATOM   691  C  C    . GLU B 1 13 ? -11.82568 -4.86713  3.69543   1.000 10.02625 ? 13  GLU B C    1 
ATOM   692  O  O    . GLU B 1 13 ? -11.96015 -6.01387  3.31360   1.000 10.92970 ? 13  GLU B O    1 
ATOM   693  C  CB   . GLU B 1 13 ? -10.34586 -4.91904  5.69821   1.000 10.28271 ? 13  GLU B CB   1 
ATOM   694  C  CG   . GLU B 1 13 ? -10.01998 -4.40008  7.06551   1.000 9.97378  ? 13  GLU B CG   1 
ATOM   695  C  CD   . GLU B 1 13 ? -8.65788  -4.81474  7.56008   1.000 9.86247  ? 13  GLU B CD   1 
ATOM   696  O  OE1  . GLU B 1 13 ? -8.09798  -5.81240  7.06490   1.000 10.29014 ? 13  GLU B OE1  1 
ATOM   697  O  OE2  . GLU B 1 13 ? -8.15026  -4.11234  8.47880   1.000 10.99985 ? 13  GLU B OE2  1 
ATOM   698  H  H    . GLU B 1 13 ? -12.49217 -5.80650  6.48884   1.000 11.89196 ? 13  GLU B H    1 
ATOM   699  H  HA   . GLU B 1 13 ? -11.87015 -3.58478  5.29884   1.000 11.69080 ? 13  GLU B HA   1 
ATOM   700  H  HB2  . GLU B 1 13 ? -10.28268 -5.88642  5.73111   1.000 12.35395 ? 13  GLU B HB2  1 
ATOM   701  H  HB3  . GLU B 1 13 ? -9.68249  -4.56388  5.08609   1.000 12.35395 ? 13  GLU B HB3  1 
ATOM   702  H  HG2  . GLU B 1 13 ? -10.04575 -3.43062  7.04643   1.000 11.98323 ? 13  GLU B HG2  1 
ATOM   703  H  HG3  . GLU B 1 13 ? -10.67831 -4.73717  7.69310   1.000 11.98323 ? 13  GLU B HG3  1 
ATOM   704  N  N    . ARG B 1 14 ? -11.68873 -3.83901  2.87091   1.000 10.58304 ? 14  ARG B N    1 
ATOM   705  C  CA   . ARG B 1 14 ? -11.63658 -3.96163  1.42768   1.000 11.74414 ? 14  ARG B CA   1 
ATOM   706  C  C    . ARG B 1 14 ? -10.20076 -3.85237  0.94437   1.000 11.17372 ? 14  ARG B C    1 
ATOM   707  O  O    . ARG B 1 14 ? -9.48535  -2.92164  1.31734   1.000 11.65670 ? 14  ARG B O    1 
ATOM   708  C  CB   . ARG B 1 14 ? -12.46909 -2.87170  0.74448   1.000 13.44100 ? 14  ARG B CB   1 
ATOM   709  C  CG   . ARG B 1 14 ? -12.72418 -3.13861  -0.74437  1.000 15.41348 ? 14  ARG B CG   1 
ATOM   710  C  CD   . ARG B 1 14 ? -13.52841 -2.01684  -1.38287  1.000 17.17508 ? 14  ARG B CD   1 
ATOM   711  N  NE   . ARG B 1 14 ? -13.70545 -2.15902  -2.84077  1.000 18.66218 ? 14  ARG B NE   1 
ATOM   712  C  CZ   . ARG B 1 14 ? -14.75898 -2.72575  -3.46489  1.000 19.74777 ? 14  ARG B CZ   1 
ATOM   713  N  NH1  . ARG B 1 14 ? -15.83124 -3.15441  -2.80518  1.000 19.16590 ? 14  ARG B NH1  1 
ATOM   714  N  NH2  . ARG B 1 14 ? -14.81971 -2.74178  -4.79583  1.000 21.29548 ? 14  ARG B NH2  1 
ATOM   715  H  H    . ARG B 1 14 ? -11.62114 -3.02449  3.13846   1.000 12.71435 ? 14  ARG B H    1 
ATOM   716  H  HA   . ARG B 1 14 ? -11.98965 -4.83183  1.18481   1.000 14.10767 ? 14  ARG B HA   1 
ATOM   717  H  HB2  . ARG B 1 14 ? -13.33001 -2.81215  1.18739   1.000 16.14390 ? 14  ARG B HB2  1 
ATOM   718  H  HB3  . ARG B 1 14 ? -11.99878 -2.02658  0.81847   1.000 16.14390 ? 14  ARG B HB3  1 
ATOM   719  H  HG2  . ARG B 1 14 ? -11.87516 -3.20715  -1.20844  1.000 18.51088 ? 14  ARG B HG2  1 
ATOM   720  H  HG3  . ARG B 1 14 ? -13.22309 -3.96475  -0.84168  1.000 18.51088 ? 14  ARG B HG3  1 
ATOM   721  H  HD2  . ARG B 1 14 ? -14.41047 -1.99764  -0.97976  1.000 20.62480 ? 14  ARG B HD2  1 
ATOM   722  H  HD3  . ARG B 1 14 ? -13.07194 -1.17613  -1.22243  1.000 20.62480 ? 14  ARG B HD3  1 
ATOM   723  H  HE   . ARG B 1 14 ? -13.07696 -1.85120  -3.34061  1.000 22.40931 ? 14  ARG B HE   1 
ATOM   724  H  HH11 . ARG B 1 14 ? -15.87008 -3.07482  -1.94975  1.000 23.01377 ? 14  ARG B HH11 1 
ATOM   725  H  HH12 . ARG B 1 14 ? -16.48577 -3.51119  -3.23400  1.000 23.01377 ? 14  ARG B HH12 1 
ATOM   726  H  HH21 . ARG B 1 14 ? -14.18636 -2.39031  -5.25944  1.000 25.56927 ? 14  ARG B HH21 1 
ATOM   727  H  HH22 . ARG B 1 14 ? -15.49226 -3.10360  -5.19126  1.000 25.56927 ? 14  ARG B HH22 1 
ATOM   728  N  N    . ARG B 1 15 ? -9.80595  -4.77241  0.07443   1.000 11.02546 ? 15  ARG B N    1 
ATOM   729  C  CA   . ARG B 1 15 ? -8.44647  -4.77617  -0.41430  1.000 10.79943 ? 15  ARG B CA   1 
ATOM   730  C  C    . ARG B 1 15 ? -8.30420  -3.76662  -1.55986  1.000 11.04625 ? 15  ARG B C    1 
ATOM   731  O  O    . ARG B 1 15 ? -9.15807  -3.67498  -2.46742  1.000 12.48096 ? 15  ARG B O    1 
ATOM   732  C  CB   . ARG B 1 15 ? -8.03749  -6.16131  -0.89809  1.000 11.28434 ? 15  ARG B CB   1 
ATOM   733  C  CG   . ARG B 1 15 ? -6.55964  -6.29829  -1.09329  1.000 11.82129 ? 15  ARG B CG   1 
ATOM   734  C  CD   . ARG B 1 15 ? -6.12670  -7.72321  -1.33114  1.000 12.59460 ? 15  ARG B CD   1 
ATOM   735  N  NE   . ARG B 1 15 ? -4.71196  -7.76611  -1.65396  1.000 12.33120 ? 15  ARG B NE   1 
ATOM   736  C  CZ   . ARG B 1 15 ? -3.94712  -8.84445  -1.55928  1.000 13.01445 ? 15  ARG B CZ   1 
ATOM   737  N  NH1  . ARG B 1 15 ? -4.42316  -10.00951 -1.10464  1.000 14.80829 ? 15  ARG B NH1  1 
ATOM   738  N  NH2  . ARG B 1 15 ? -2.67074  -8.76099  -1.92977  1.000 13.14186 ? 15  ARG B NH2  1 
ATOM   739  H  H    . ARG B 1 15 ? -10.30538 -5.39699  -0.24193  1.000 13.24525 ? 15  ARG B H    1 
ATOM   740  H  HA   . ARG B 1 15 ? -7.84739  -4.52863  0.30732   1.000 12.97401 ? 15  ARG B HA   1 
ATOM   741  H  HB2  . ARG B 1 15 ? -8.31522  -6.81901  -0.24144  1.000 13.55591 ? 15  ARG B HB2  1 
ATOM   742  H  HB3  . ARG B 1 15 ? -8.46968  -6.33832  -1.74825  1.000 13.55591 ? 15  ARG B HB3  1 
ATOM   743  H  HG2  . ARG B 1 15 ? -6.29295  -5.77267  -1.86367  1.000 14.20025 ? 15  ARG B HG2  1 
ATOM   744  H  HG3  . ARG B 1 15 ? -6.10520  -5.97682  -0.29890  1.000 14.20025 ? 15  ARG B HG3  1 
ATOM   745  H  HD2  . ARG B 1 15 ? -6.27922  -8.24892  -0.53034  1.000 15.12822 ? 15  ARG B HD2  1 
ATOM   746  H  HD3  . ARG B 1 15 ? -6.62675  -8.09691  -2.07357  1.000 15.12822 ? 15  ARG B HD3  1 
ATOM   747  H  HE   . ARG B 1 15 ? -4.34315  -7.03861  -1.92658  1.000 14.81214 ? 15  ARG B HE   1 
ATOM   748  H  HH11 . ARG B 1 15 ? -5.24638  -10.07317 -0.86412  1.000 17.78465 ? 15  ARG B HH11 1 
ATOM   749  H  HH12 . ARG B 1 15 ? -3.90588  -10.69460 -1.05297  1.000 17.78465 ? 15  ARG B HH12 1 
ATOM   750  H  HH21 . ARG B 1 15 ? -2.35623  -8.01667  -2.22418  1.000 15.78493 ? 15  ARG B HH21 1 
ATOM   751  H  HH22 . ARG B 1 15 ? -2.16095  -9.45141  -1.87461  1.000 15.78493 ? 15  ARG B HH22 1 
ATOM   752  N  N    . TYR B 1 16 ? -7.21608  -3.00017  -1.50522  1.000 10.31808 ? 16  TYR B N    1 
ATOM   753  C  CA   . TYR B 1 16 ? -6.79303  -2.04237  -2.52213  1.000 11.47491 ? 16  TYR B CA   1 
ATOM   754  C  C    . TYR B 1 16 ? -5.38656  -2.40360  -2.99894  1.000 11.17139 ? 16  TYR B C    1 
ATOM   755  O  O    . TYR B 1 16 ? -4.41682  -1.64566  -2.85819  1.000 12.42000 ? 16  TYR B O    1 
ATOM   756  C  CB   . TYR B 1 16 ? -6.84061  -0.61027  -1.99309  1.000 12.28157 ? 16  TYR B CB   1 
ATOM   757  C  CG   . TYR B 1 16 ? -8.21345  -0.01559  -1.94114  1.000 12.58499 ? 16  TYR B CG   1 
ATOM   758  C  CD1  . TYR B 1 16 ? -9.11609  -0.40447  -0.95423  1.000 13.65237 ? 16  TYR B CD1  1 
ATOM   759  C  CD2  . TYR B 1 16 ? -8.60062  0.95182   -2.85137  1.000 13.57592 ? 16  TYR B CD2  1 
ATOM   760  C  CE1  . TYR B 1 16 ? -10.36245 0.16862   -0.84672  1.000 14.57529 ? 16  TYR B CE1  1 
ATOM   761  C  CE2  . TYR B 1 16 ? -9.85764  1.52615   -2.75287  1.000 14.61048 ? 16  TYR B CE2  1 
ATOM   762  C  CZ   . TYR B 1 16 ? -10.74882 1.11037   -1.76157  1.000 15.80685 ? 16  TYR B CZ   1 
ATOM   763  O  OH   . TYR B 1 16 ? -12.03199 1.63827   -1.61864  1.000 17.63801 ? 16  TYR B OH   1 
ATOM   764  H  H    . TYR B 1 16 ? -6.66807  -3.01776  -0.84267  1.000 12.39639 ? 16  TYR B H    1 
ATOM   765  H  HA   . TYR B 1 16 ? -7.40206  -2.07685  -3.27631  1.000 13.78460 ? 16  TYR B HA   1 
ATOM   766  H  HB2  . TYR B 1 16 ? -6.48280  -0.60146  -1.09154  1.000 14.75258 ? 16  TYR B HB2  1 
ATOM   767  H  HB3  . TYR B 1 16 ? -6.29948  -0.04909  -2.57029  1.000 14.75258 ? 16  TYR B HB3  1 
ATOM   768  H  HD1  . TYR B 1 16 ? -8.86990  -1.06901  -0.35200  1.000 16.39754 ? 16  TYR B HD1  1 
ATOM   769  H  HD2  . TYR B 1 16 ? -8.01888  1.21578   -3.52724  1.000 16.30580 ? 16  TYR B HD2  1 
ATOM   770  H  HE1  . TYR B 1 16 ? -10.93661 -0.08151  -0.15920  1.000 17.50505 ? 16  TYR B HE1  1 
ATOM   771  H  HE2  . TYR B 1 16 ? -10.10936 2.19264   -3.35063  1.000 17.54727 ? 16  TYR B HE2  1 
ATOM   772  H  HH   . TYR B 1 16 ? -12.16538 2.23038   -2.19935  1.000 21.18031 ? 16  TYR B HH   1 
ATOM   773  N  N    . GLY B 1 17 ? -5.25589  -3.60232  -3.52316  1.000 11.32340 ? 17  GLY B N    1 
ATOM   774  C  CA   . GLY B 1 17 ? -3.98851  -4.04346  -4.06824  1.000 11.79655 ? 17  GLY B CA   1 
ATOM   775  C  C    . GLY B 1 17 ? -3.04842  -4.58727  -3.00542  1.000 10.45183 ? 17  GLY B C    1 
ATOM   776  O  O    . GLY B 1 17 ? -3.45777  -5.18189  -1.98551  1.000 10.50368 ? 17  GLY B O    1 
ATOM   777  H  H    . GLY B 1 17 ? -5.88665  -4.18440  -3.57722  1.000 13.60279 ? 17  GLY B H    1 
ATOM   778  H  HA2  . GLY B 1 17 ? -4.14745  -4.74363  -4.72045  1.000 14.17056 ? 17  GLY B HA2  1 
ATOM   779  H  HA3  . GLY B 1 17 ? -3.55187  -3.29653  -4.50682  1.000 14.17056 ? 17  GLY B HA3  1 
ATOM   780  N  N    . THR B 1 18 ? -1.74627  -4.41574  -3.26730  1.000 10.33140 ? 18  THR B N    1 
ATOM   781  C  CA   . THR B 1 18 ? -0.67148  -5.12005  -2.55397  1.000 10.20570 ? 18  THR B CA   1 
ATOM   782  C  C    . THR B 1 18 ? 0.42781   -4.15606  -2.16418  1.000 9.78317  ? 18  THR B C    1 
ATOM   783  O  O    . THR B 1 18 ? 0.82969   -3.31443  -2.97667  1.000 10.96554 ? 18  THR B O    1 
ATOM   784  C  CB   . THR B 1 18 ? -0.10619  -6.22171  -3.47086  1.000 10.85338 ? 18  THR B CB   1 
ATOM   785  O  OG1  . THR B 1 18 ? -1.15256  -7.12801  -3.78387  1.000 12.34130 ? 18  THR B OG1  1 
ATOM   786  C  CG2  . THR B 1 18 ? 1.04617   -6.98335  -2.83082  1.000 11.69705 ? 18  THR B CG2  1 
ATOM   787  H  H    . THR B 1 18 ? -1.45147  -3.88030  -3.87228  1.000 12.41238 ? 18  THR B H    1 
ATOM   788  H  HA   . THR B 1 18 ? -1.00612  -5.50774  -1.73019  1.000 12.26154 ? 18  THR B HA   1 
ATOM   789  H  HB   . THR B 1 18 ? 0.24754   -5.80895  -4.27424  1.000 13.03876 ? 18  THR B HB   1 
ATOM   790  H  HG1  . THR B 1 18 ? -1.69416  -6.76880  -4.31608  1.000 14.82425 ? 18  THR B HG1  1 
ATOM   791  H  HG21 . THR B 1 18 ? 1.31411   -7.72060  -3.40142  1.000 14.05116 ? 18  THR B HG21 1 
ATOM   792  H  HG22 . THR B 1 18 ? 1.80453   -6.39210  -2.70349  1.000 14.05116 ? 18  THR B HG22 1 
ATOM   793  H  HG23 . THR B 1 18 ? 0.77324   -7.33529  -1.96911  1.000 14.05116 ? 18  THR B HG23 1 
ATOM   794  N  N    . CYS B 1 19 ? 0.88919   -4.26745  -0.92437  1.000 9.25085  ? 19  CYS B N    1 
ATOM   795  C  CA   . CYS B 1 19 ? 2.08112   -3.56456  -0.48329  1.000 9.49473  ? 19  CYS B CA   1 
ATOM   796  C  C    . CYS B 1 19 ? 3.32168   -4.41132  -0.75100  1.000 9.94151  ? 19  CYS B C    1 
ATOM   797  O  O    . CYS B 1 19 ? 3.31433   -5.61127  -0.49261  1.000 10.18755 ? 19  CYS B O    1 
ATOM   798  C  CB   . CYS B 1 19 ? 2.10076   -3.29905  1.01615   1.000 9.17436  ? 19  CYS B CB   1 
ATOM   799  S  SG   . CYS B 1 19 ? 0.54655   -2.55741  1.62907   0.996 9.39080  ? 19  CYS B SG   1 
ATOM   800  H  H    . CYS B 1 19 ? 0.52333   -4.75062  -0.31422  1.000 11.11572 ? 19  CYS B H    1 
ATOM   801  H  HA   . CYS B 1 19 ? 2.09216   -2.72370  -0.96677  1.000 11.40838 ? 19  CYS B HA   1 
ATOM   802  H  HB2  . CYS B 1 19 ? 2.23663   -4.13851  1.48277   1.000 11.02393 ? 19  CYS B HB2  1 
ATOM   803  H  HB3  . CYS B 1 19 ? 2.82514   -2.68631  1.21791   1.000 11.02393 ? 19  CYS B HB3  1 
ATOM   804  N  N    . ILE B 1 20 ? 4.39403   -3.74803  -1.20594  1.000 10.05293 ? 20  ILE B N    1 
ATOM   805  C  CA   . ILE B 1 20 ? 5.73176   -4.31012  -1.29289  1.000 10.28219 ? 20  ILE B CA   1 
ATOM   806  C  C    . ILE B 1 20 ? 6.51917   -3.44038  -0.28955  1.000 10.26598 ? 20  ILE B C    1 
ATOM   807  O  O    . ILE B 1 20 ? 6.77457   -2.24146  -0.55464  1.000 10.54335 ? 20  ILE B O    1 
ATOM   808  C  CB   . ILE B 1 20 ? 6.33514   -4.22410  -2.70708  1.000 11.26979 ? 20  ILE B CB   1 
ATOM   809  C  CG1  . ILE B 1 20 ? 5.45809   -4.89187  -3.79403  1.000 12.23458 ? 20  ILE B CG1  1 
ATOM   810  C  CG2  . ILE B 1 20 ? 7.70371   -4.86808  -2.73237  1.000 12.81680 ? 20  ILE B CG2  1 
ATOM   811  C  CD1  . ILE B 1 20 ? 5.60785   -4.25492  -5.16614  1.000 14.47879 ? 20  ILE B CD1  1 
ATOM   812  H  H    . ILE B 1 20 ? 4.36299   -2.93380  -1.48102  1.000 12.07821 ? 20  ILE B H    1 
ATOM   813  H  HA   . ILE B 1 20 ? 5.75440   -5.25887  -1.09220  1.000 12.35332 ? 20  ILE B HA   1 
ATOM   814  H  HB   . ILE B 1 20 ? 6.38865   -3.27740  -2.91155  1.000 13.53845 ? 20  ILE B HB   1 
ATOM   815  H  HG12 . ILE B 1 20 ? 5.71034   -5.82540  -3.87020  1.000 14.69620 ? 20  ILE B HG12 1 
ATOM   816  H  HG13 . ILE B 1 20 ? 4.52671   -4.82014  -3.53273  1.000 14.69620 ? 20  ILE B HG13 1 
ATOM   817  H  HG21 . ILE B 1 20 ? 8.06581   -4.80513  -3.63005  1.000 15.39486 ? 20  ILE B HG21 1 
ATOM   818  H  HG22 . ILE B 1 20 ? 8.28309   -4.40315  -2.10863  1.000 15.39486 ? 20  ILE B HG22 1 
ATOM   819  H  HG23 . ILE B 1 20 ? 7.61935   -5.79930  -2.47428  1.000 15.39486 ? 20  ILE B HG23 1 
ATOM   820  H  HD11 . ILE B 1 20 ? 5.03855   -4.72412  -5.79595  1.000 17.38925 ? 20  ILE B HD11 1 
ATOM   821  H  HD12 . ILE B 1 20 ? 5.34388   -3.32309  -5.11225  1.000 17.38925 ? 20  ILE B HD12 1 
ATOM   822  H  HD13 . ILE B 1 20 ? 6.53447   -4.32059  -5.44536  1.000 17.38925 ? 20  ILE B HD13 1 
HETATM 823  N  N    . 3CT B 1 21 ? 6.81495   -3.98885  0.89552   1.000 10.65536 ? 21  3CT B N    1 
HETATM 824  C  CA   . 3CT B 1 21 ? 7.16696   -3.13495  2.03033   1.000 10.54669 ? 21  3CT B CA   1 
HETATM 825  C  CB   . 3CT B 1 21 ? 5.91259   -2.54206  2.69255   1.000 10.93907 ? 21  3CT B CB   1 
HETATM 826  C  CG   . 3CT B 1 21 ? 6.04619   -1.90189  4.03900   1.000 10.29622 ? 21  3CT B CG   1 
HETATM 827  C  CD2  . 3CT B 1 21 ? 5.25652   -2.35238  5.09481   1.000 10.65805 ? 21  3CT B CD2  1 
HETATM 828  C  CE2  . 3CT B 1 21 ? 5.31575   -1.77517  6.35129   1.000 10.71390 ? 21  3CT B CE2  1 
HETATM 829  CL CL   . 3CT B 1 21 ? 4.30855   -2.32263  7.62756   0.974 13.36739 ? 21  3CT B CL   1 
HETATM 830  C  CZ   . 3CT B 1 21 ? 6.19197   -0.74133  6.59705   1.000 10.56209 ? 21  3CT B CZ   1 
HETATM 831  O  OH   . 3CT B 1 21 ? 6.28549   -0.08678  7.79887   1.000 11.10046 ? 21  3CT B OH   1 
HETATM 832  C  CE1  . 3CT B 1 21 ? 6.97107   -0.25688  5.52645   1.000 10.78587 ? 21  3CT B CE1  1 
HETATM 833  C  CD1  . 3CT B 1 21 ? 6.89771   -0.84487  4.26827   1.000 11.06161 ? 21  3CT B CD1  1 
HETATM 834  C  C    . 3CT B 1 21 ? 7.90913   -4.02213  3.05237   1.000 10.65379 ? 21  3CT B C    1 
HETATM 835  O  O    . 3CT B 1 21 ? 7.41305   -5.14668  3.34662   1.000 10.94061 ? 21  3CT B O    1 
HETATM 836  H  HA   . 3CT B 1 21 ? 7.71953   -2.37793  1.78037   1.000 12.67072 ? 21  3CT B HA   1 
HETATM 837  H  HB2  . 3CT B 1 21 ? 5.25678   -3.25198  2.77503   1.000 13.14159 ? 21  3CT B HB2  1 
HETATM 838  H  HB3  . 3CT B 1 21 ? 5.54691   -1.87447  2.09130   1.000 13.14159 ? 21  3CT B HB3  1 
HETATM 839  H  HD2  . 3CT B 1 21 ? 4.67471   -3.06209  4.94414   1.000 12.80435 ? 21  3CT B HD2  1 
HETATM 840  H  HE1  . 3CT B 1 21 ? 7.53581   0.46568   5.68101   1.000 12.95774 ? 21  3CT B HE1  1 
HETATM 841  H  HD1  . 3CT B 1 21 ? 7.42675   -0.52392  3.57400   1.000 13.28863 ? 21  3CT B HD1  1 
ATOM   842  N  N    . GLN B 1 22 ? 9.02299   -3.52880  3.57604   1.000 11.21160 ? 22  GLN B N    1 
ATOM   843  C  CA   . GLN B 1 22 ? 9.59695   -4.28678  4.69938   1.000 11.77521 ? 22  GLN B CA   1 
ATOM   844  C  C    . GLN B 1 22 ? 9.83367   -5.75980  4.43145   1.000 12.31707 ? 22  GLN B C    1 
ATOM   845  O  O    . GLN B 1 22 ? 9.53248   -6.64991  5.27670   1.000 13.42579 ? 22  GLN B O    1 
ATOM   846  C  CB   . GLN B 1 22 ? 8.73564   -4.18164  5.94754   1.000 12.13498 ? 22  GLN B CB   1 
ATOM   847  C  CG   . GLN B 1 22 ? 9.51149   -4.22951  7.24915   1.000 12.13683 ? 22  GLN B CG   1 
ATOM   848  C  CD   . GLN B 1 22 ? 8.65672   -3.89579  8.43871   1.000 12.14825 ? 22  GLN B CD   1 
ATOM   849  O  OE1  . GLN B 1 22 ? 8.00885   -4.69194  9.13028   1.000 12.66759 ? 22  GLN B OE1  1 
ATOM   850  N  NE2  . GLN B 1 22 ? 8.51531   -2.58550  8.57780   1.000 13.00086 ? 22  GLN B NE2  1 
ATOM   851  H  H    . GLN B 1 22 ? 9.43664   -2.81771  3.32538   1.000 13.46862 ? 22  GLN B H    1 
ATOM   852  H  HA   . GLN B 1 22 ? 10.46370  -3.87678  4.84623   1.000 14.14496 ? 22  GLN B HA   1 
ATOM   853  H  HB2  . GLN B 1 22 ? 8.25622   -3.33877  5.92249   1.000 14.57667 ? 22  GLN B HB2  1 
ATOM   854  H  HB3  . GLN B 1 22 ? 8.10737   -4.92064  5.95303   1.000 14.57667 ? 22  GLN B HB3  1 
ATOM   855  H  HG2  . GLN B 1 22 ? 9.86631   -5.12356  7.37439   1.000 14.57890 ? 22  GLN B HG2  1 
ATOM   856  H  HG3  . GLN B 1 22 ? 10.23718  -3.58707  7.20983   1.000 14.57890 ? 22  GLN B HG3  1 
ATOM   857  H  HE21 . GLN B 1 22 ? 8.89327   -2.05063  8.02042   1.000 15.61573 ? 22  GLN B HE21 1 
ATOM   858  H  HE22 . GLN B 1 22 ? 8.04558   -2.27004  9.22544   1.000 15.61573 ? 22  GLN B HE22 1 
ATOM   859  N  N    . GLY B 1 23 ? 10.35740  -6.04316  3.24485   1.000 12.11075 ? 23  GLY B N    1 
ATOM   860  C  CA   . GLY B 1 23 ? 10.77014  -7.39053  2.94516   1.000 12.48927 ? 23  GLY B CA   1 
ATOM   861  C  C    . GLY B 1 23 ? 9.67033   -8.36377  2.61157   1.000 12.32343 ? 23  GLY B C    1 
ATOM   862  O  O    . GLY B 1 23 ? 9.97162   -9.55708  2.42547   1.000 13.90564 ? 23  GLY B O    1 
ATOM   863  H  H    . GLY B 1 23 ? 10.47918  -5.47523  2.61063   1.000 14.54760 ? 23  GLY B H    1 
ATOM   864  H  HA2  . GLY B 1 23 ? 11.37351  -7.36330  2.18613   1.000 15.00182 ? 23  GLY B HA2  1 
ATOM   865  H  HA3  . GLY B 1 23 ? 11.24552  -7.74235  3.71400   1.000 15.00182 ? 23  GLY B HA3  1 
ATOM   866  N  N    . ARG B 1 24 ? 8.41389   -7.90831  2.49095   1.000 11.67579 ? 24  ARG B N    1 
ATOM   867  C  CA   . ARG B 1 24 ? 7.27422   -8.79361  2.31599   1.000 11.40900 ? 24  ARG B CA   1 
ATOM   868  C  C    . ARG B 1 24 ? 6.24811   -8.18126  1.37962   1.000 10.77324 ? 24  ARG B C    1 
ATOM   869  O  O    . ARG B 1 24 ? 6.23062   -6.97246  1.11304   1.000 10.77339 ? 24  ARG B O    1 
ATOM   870  C  CB   . ARG B 1 24 ? 6.61394   -9.07780  3.67718   1.000 11.40494 ? 24  ARG B CB   1 
ATOM   871  C  CG   . ARG B 1 24 ? 7.60830   -9.49773  4.75294   1.000 11.66061 ? 24  ARG B CG   1 
ATOM   872  C  CD   . ARG B 1 24 ? 6.94960   -9.95220  6.04679   1.000 11.69009 ? 24  ARG B CD   1 
ATOM   873  N  NE   . ARG B 1 24 ? 6.27606   -11.22535 5.85534   1.000 11.27013 ? 24  ARG B NE   1 
ATOM   874  C  CZ   . ARG B 1 24 ? 5.51960   -11.79357 6.78400   1.000 11.19068 ? 24  ARG B CZ   1 
ATOM   875  N  NH1  . ARG B 1 24 ? 5.43665   -11.29812 8.01705   1.000 11.09765 ? 24  ARG B NH1  1 
ATOM   876  N  NH2  . ARG B 1 24 ? 4.85288   -12.89822 6.47155   1.000 11.95377 ? 24  ARG B NH2  1 
ATOM   877  H  H    . ARG B 1 24 ? 8.20185   -7.07504  2.50878   1.000 14.02564 ? 24  ARG B H    1 
ATOM   878  H  HA   . ARG B 1 24 ? 7.57699   -9.61859  1.90535   1.000 13.70550 ? 24  ARG B HA   1 
ATOM   879  H  HB2  . ARG B 1 24 ? 6.16623   -8.27336  3.98266   1.000 13.70063 ? 24  ARG B HB2  1 
ATOM   880  H  HB3  . ARG B 1 24 ? 5.97014   -9.79536  3.56977   1.000 13.70063 ? 24  ARG B HB3  1 
ATOM   881  H  HG2  . ARG B 1 24 ? 8.14058   -10.23566 4.41671   1.000 14.00743 ? 24  ARG B HG2  1 
ATOM   882  H  HG3  . ARG B 1 24 ? 8.18129   -8.74339  4.96160   1.000 14.00743 ? 24  ARG B HG3  1 
ATOM   883  H  HD2  . ARG B 1 24 ? 7.62492   -10.06001 6.73470   1.000 14.04280 ? 24  ARG B HD2  1 
ATOM   884  H  HD3  . ARG B 1 24 ? 6.29374   -9.29431  6.32595   1.000 14.04280 ? 24  ARG B HD3  1 
ATOM   885  H  HE   . ARG B 1 24 ? 6.37287   -11.63011 5.10273   1.000 13.53885 ? 24  ARG B HE   1 
ATOM   886  H  HH11 . ARG B 1 24 ? 5.88050   -10.59224 8.22760   1.000 13.33188 ? 24  ARG B HH11 1 
ATOM   887  H  HH12 . ARG B 1 24 ? 4.93921   -11.68398 8.60295   1.000 13.33188 ? 24  ARG B HH12 1 
ATOM   888  H  HH21 . ARG B 1 24 ? 4.91712   -13.23008 5.68077   1.000 14.35922 ? 24  ARG B HH21 1 
ATOM   889  H  HH22 . ARG B 1 24 ? 4.35674   -13.28196 7.05993   1.000 14.35922 ? 24  ARG B HH22 1 
ATOM   890  N  N    . LEU B 1 25 ? 5.35972   -9.04291  0.92433   1.000 11.34579 ? 25  LEU B N    1 
ATOM   891  C  CA   . LEU B 1 25 ? 4.13307   -8.65577  0.26290   1.000 10.99590 ? 25  LEU B CA   1 
ATOM   892  C  C    . LEU B 1 25 ? 2.98722   -8.70148  1.26996   1.000 10.72459 ? 25  LEU B C    1 
ATOM   893  O  O    . LEU B 1 25 ? 2.90952   -9.59226  2.12937   1.000 12.26945 ? 25  LEU B O    1 
ATOM   894  C  CB   . LEU B 1 25 ? 3.78655   -9.63092  -0.84278  1.000 12.20061 ? 25  LEU B CB   1 
ATOM   895  C  CG   . LEU B 1 25 ? 4.77283   -9.70172  -2.00269  1.000 13.41009 ? 25  LEU B CG   1 
ATOM   896  C  CD1  . LEU B 1 25 ? 4.25713   -10.66486 -3.09917  1.000 14.89139 ? 25  LEU B CD1  1 
ATOM   897  C  CD2  . LEU B 1 25 ? 5.10066   -8.34367  -2.62261  1.000 13.95757 ? 25  LEU B CD2  1 
ATOM   898  H  H    . LEU B 1 25 ? 5.44986   -9.89564  0.99007   1.000 13.62965 ? 25  LEU B H    1 
ATOM   899  H  HA   . LEU B 1 25 ? 4.23837   -7.76363  -0.10303  1.000 13.20978 ? 25  LEU B HA   1 
ATOM   900  H  HB2  . LEU B 1 25 ? 3.73239   -10.51921 -0.45689  1.000 14.65543 ? 25  LEU B HB2  1 
ATOM   901  H  HB3  . LEU B 1 25 ? 2.92637   -9.37662  -1.21200  1.000 14.65543 ? 25  LEU B HB3  1 
ATOM   902  H  HG   . LEU B 1 25 ? 5.60331   -10.03851 -1.63150  1.000 16.10681 ? 25  LEU B HG   1 
ATOM   903  H  HD11 . LEU B 1 25 ? 4.89463   -10.68163 -3.83007  1.000 17.88437 ? 25  LEU B HD11 1 
ATOM   904  H  HD12 . LEU B 1 25 ? 4.16414   -11.55322 -2.72091  1.000 17.88437 ? 25  LEU B HD12 1 
ATOM   905  H  HD13 . LEU B 1 25 ? 3.39698   -10.34925 -3.41765  1.000 17.88437 ? 25  LEU B HD13 1 
ATOM   906  H  HD21 . LEU B 1 25 ? 5.73221   -8.47165  -3.34763  1.000 16.76379 ? 25  LEU B HD21 1 
ATOM   907  H  HD22 . LEU B 1 25 ? 4.28363   -7.94594  -2.96198  1.000 16.76379 ? 25  LEU B HD22 1 
ATOM   908  H  HD23 . LEU B 1 25 ? 5.48933   -7.77161  -1.94247  1.000 16.76379 ? 25  LEU B HD23 1 
ATOM   909  N  N    . TRP B 1 26 ? 2.09461   -7.72628  1.13471   1.000 10.03175 ? 26  TRP B N    1 
ATOM   910  C  CA   . TRP B 1 26 ? 0.98404   -7.53753  2.06750   1.000 9.98385  ? 26  TRP B CA   1 
ATOM   911  C  C    . TRP B 1 26 ? -0.27055  -7.20460  1.27690   1.000 9.52812  ? 26  TRP B C    1 
ATOM   912  O  O    . TRP B 1 26 ? -0.18662  -6.59006  0.20163   1.000 10.29584 ? 26  TRP B O    1 
ATOM   913  C  CB   . TRP B 1 26 ? 1.20637   -6.35100  3.02274   1.000 10.08899 ? 26  TRP B CB   1 
ATOM   914  C  CG   . TRP B 1 26 ? 2.57082   -6.19396  3.62359   1.000 9.70835  ? 26  TRP B CG   1 
ATOM   915  C  CD1  . TRP B 1 26 ? 3.73270   -6.05823  2.94709   1.000 10.08583 ? 26  TRP B CD1  1 
ATOM   916  C  CD2  . TRP B 1 26 ? 2.90156   -6.13602  5.02008   1.000 9.70412  ? 26  TRP B CD2  1 
ATOM   917  N  NE1  . TRP B 1 26 ? 4.77050   -5.91038  3.82839   1.000 10.04950 ? 26  TRP B NE1  1 
ATOM   918  C  CE2  . TRP B 1 26 ? 4.28077   -5.95491  5.10143   1.000 9.95719  ? 26  TRP B CE2  1 
ATOM   919  C  CE3  . TRP B 1 26 ? 2.15297   -6.19075  6.20869   1.000 10.10010 ? 26  TRP B CE3  1 
ATOM   920  C  CZ2  . TRP B 1 26 ? 4.95122   -5.87160  6.30776   1.000 11.45229 ? 26  TRP B CZ2  1 
ATOM   921  C  CZ3  . TRP B 1 26 ? 2.83654   -6.09289  7.41846   1.000 11.84150 ? 26  TRP B CZ3  1 
ATOM   922  C  CH2  . TRP B 1 26 ? 4.21153   -5.94088  7.44490   1.000 11.55261 ? 26  TRP B CH2  1 
ATOM   923  H  H    . TRP B 1 26 ? 2.10943   -7.14810  0.49824   1.000 12.05280 ? 26  TRP B H    1 
ATOM   924  H  HA   . TRP B 1 26 ? 0.88085   -8.35805  2.57445   1.000 11.99532 ? 26  TRP B HA   1 
ATOM   925  H  HB2  . TRP B 1 26 ? 1.02085   -5.53512  2.53200   1.000 12.12148 ? 26  TRP B HB2  1 
ATOM   926  H  HB3  . TRP B 1 26 ? 0.58407   -6.44281  3.76112   1.000 12.12148 ? 26  TRP B HB3  1 
ATOM   927  H  HD1  . TRP B 1 26 ? 3.81530   -6.06431  2.02080   1.000 12.11769 ? 26  TRP B HD1  1 
ATOM   928  H  HE1  . TRP B 1 26 ? 5.59689   -5.80633  3.61428   1.000 12.07409 ? 26  TRP B HE1  1 
ATOM   929  H  HE3  . TRP B 1 26 ? 1.22844   -6.28939  6.18796   1.000 12.13482 ? 26  TRP B HE3  1 
ATOM   930  H  HZ2  . TRP B 1 26 ? 5.87530   -5.77171  6.33945   1.000 13.75745 ? 26  TRP B HZ2  1 
ATOM   931  H  HZ3  . TRP B 1 26 ? 2.36301   -6.13019  8.21800   1.000 14.22450 ? 26  TRP B HZ3  1 
ATOM   932  H  HH2  . TRP B 1 26 ? 4.64277   -5.88438  8.26694   1.000 13.87783 ? 26  TRP B HH2  1 
ATOM   933  N  N    . ALA B 1 27 ? -1.43787  -7.54183  1.81595   1.000 9.67220  ? 27  ALA B N    1 
ATOM   934  C  CA   . ALA B 1 27 ? -2.67317  -6.94283  1.33583   1.000 9.86793  ? 27  ALA B CA   1 
ATOM   935  C  C    . ALA B 1 27 ? -2.77852  -5.51833  1.86058   1.000 9.38960  ? 27  ALA B C    1 
ATOM   936  O  O    . ALA B 1 27 ? -2.50254  -5.26974  3.03659   1.000 10.12024 ? 27  ALA B O    1 
ATOM   937  C  CB   . ALA B 1 27 ? -3.84919  -7.78781  1.83177   1.000 10.10744 ? 27  ALA B CB   1 
ATOM   938  H  H    . ALA B 1 27 ? -1.53812  -8.10942  2.45422   1.000 11.62134 ? 27  ALA B H    1 
ATOM   939  H  HA   . ALA B 1 27 ? -2.70084  -6.90971  0.36679   1.000 11.85622 ? 27  ALA B HA   1 
ATOM   940  H  HB1  . ALA B 1 27 ? -4.67887  -7.35255  1.58063   1.000 12.14363 ? 27  ALA B HB1  1 
ATOM   941  H  HB2  . ALA B 1 27 ? -3.80035  -8.66684  1.42457   1.000 12.14363 ? 27  ALA B HB2  1 
ATOM   942  H  HB3  . ALA B 1 27 ? -3.79622  -7.86703  2.79708   1.000 12.14363 ? 27  ALA B HB3  1 
ATOM   943  N  N    . PHE B 1 28 ? -3.17309  -4.57217  0.99881   1.000 9.07000  ? 28  PHE B N    1 
ATOM   944  C  CA   . PHE B 1 28 ? -3.43788  -3.19772  1.43598   1.000 8.81841  ? 28  PHE B CA   1 
ATOM   945  C  C    . PHE B 1 28 ? -4.93161  -3.10834  1.72453   1.000 9.00410  ? 28  PHE B C    1 
ATOM   946  O  O    . PHE B 1 28 ? -5.74539  -3.24923  0.81021   1.000 10.46868 ? 28  PHE B O    1 
ATOM   947  C  CB   . PHE B 1 28 ? -2.98604  -2.19531  0.38244   1.000 9.09319  ? 28  PHE B CB   1 
ATOM   948  C  CG   . PHE B 1 28 ? -2.93619  -0.77001  0.87122   1.000 9.53881  ? 28  PHE B CG   1 
ATOM   949  C  CD1  . PHE B 1 28 ? -2.25593  -0.42491  2.04732   1.000 10.35294 ? 28  PHE B CD1  1 
ATOM   950  C  CD2  . PHE B 1 28 ? -3.51090  0.23179   0.13375   1.000 11.12694 ? 28  PHE B CD2  1 
ATOM   951  C  CE1  . PHE B 1 28 ? -2.16913  0.90130   2.44256   1.000 10.81172 ? 28  PHE B CE1  1 
ATOM   952  C  CE2  . PHE B 1 28 ? -3.42391  1.56305   0.53688   1.000 11.70281 ? 28  PHE B CE2  1 
ATOM   953  C  CZ   . PHE B 1 28 ? -2.74268  1.87943   1.67681   1.000 11.77487 ? 28  PHE B CZ   1 
ATOM   954  H  H    . PHE B 1 28 ? -3.29382  -4.70328  0.15748   1.000 10.89869 ? 28  PHE B H    1 
ATOM   955  H  HA   . PHE B 1 28 ? -2.94671  -2.98929  2.24605   1.000 10.59680 ? 28  PHE B HA   1 
ATOM   956  H  HB2  . PHE B 1 28 ? -2.09448  -2.43662  0.08617   1.000 10.92653 ? 28  PHE B HB2  1 
ATOM   957  H  HB3  . PHE B 1 28 ? -3.60432  -2.22938  -0.36419  1.000 10.92653 ? 28  PHE B HB3  1 
ATOM   958  H  HD1  . PHE B 1 28 ? -1.86086  -1.08880  2.56507   1.000 12.43822 ? 28  PHE B HD1  1 
ATOM   959  H  HD2  . PHE B 1 28 ? -3.96656  0.01982   -0.64877  1.000 13.36702 ? 28  PHE B HD2  1 
ATOM   960  H  HE1  . PHE B 1 28 ? -1.72196  1.12553   3.22657   1.000 12.98876 ? 28  PHE B HE1  1 
ATOM   961  H  HE2  . PHE B 1 28 ? -3.82755  2.23190   0.03228   1.000 14.05807 ? 28  PHE B HE2  1 
ATOM   962  H  HZ   . PHE B 1 28 ? -2.66762  2.76950   1.93572   1.000 14.14454 ? 28  PHE B HZ   1 
ATOM   963  N  N    . CYS B 1 29 ? -5.28972  -2.89860  2.98654   1.000 9.30621  ? 29  CYS B N    1 
ATOM   964  C  CA   . CYS B 1 29 ? -6.62148  -3.15897  3.48207   1.000 9.47377  ? 29  CYS B CA   1 
ATOM   965  C  C    . CYS B 1 29 ? -7.22195  -1.88360  4.08638   1.000 9.81290  ? 29  CYS B C    1 
ATOM   966  O  O    . CYS B 1 29 ? -6.66292  -1.33254  5.04172   1.000 9.84151  ? 29  CYS B O    1 
ATOM   967  C  CB   . CYS B 1 29 ? -6.56894  -4.24626  4.54809   1.000 9.51255  ? 29  CYS B CB   1 
ATOM   968  S  SG   . CYS B 1 29 ? -5.89404  -5.79202  3.92450   0.959 9.61983  ? 29  CYS B SG   1 
ATOM   969  H  H    . CYS B 1 29 ? -4.75585  -2.59570  3.58890   1.000 11.18215 ? 29  CYS B H    1 
ATOM   970  H  HA   . CYS B 1 29 ? -7.18631  -3.43178  2.74217   1.000 11.38322 ? 29  CYS B HA   1 
ATOM   971  H  HB2  . CYS B 1 29 ? -6.00705  -3.94543  5.27932   1.000 11.42976 ? 29  CYS B HB2  1 
ATOM   972  H  HB3  . CYS B 1 29 ? -7.46793  -4.41791  4.86942   1.000 11.42976 ? 29  CYS B HB3  1 
ATOM   973  N  N    . CYS B 1 30 ? -8.39984  -1.49480  3.59371   1.000 10.41217 ? 30  CYS B N    1 
ATOM   974  C  CA   . CYS B 1 30 ? -9.07986  -0.27340  4.02784   1.000 12.18263 ? 30  CYS B CA   1 
ATOM   975  C  C    . CYS B 1 30 ? -10.37628 -0.58622  4.73304   1.000 14.37057 ? 30  CYS B C    1 
ATOM   976  O  O    . CYS B 1 30 ? -11.15710 -1.38830  4.25850   1.000 14.83781 ? 30  CYS B O    1 
ATOM   977  C  CB   . CYS B 1 30 ? -9.37986  0.64985   2.85556   1.000 12.31081 ? 30  CYS B CB   1 
ATOM   978  S  SG   . CYS B 1 30 ? -7.94815  1.11710   1.86470   1.000 13.13993 ? 30  CYS B SG   1 
ATOM   979  O  OXT  . CYS B 1 30 ? -10.66179 -0.01871  5.80071   1.000 18.95246 ? 30  CYS B OXT  1 
ATOM   980  H  H    . CYS B 1 30 ? -8.83517  -1.93085  2.99376   1.000 12.50931 ? 30  CYS B H    1 
ATOM   981  H  HA   . CYS B 1 30 ? -8.48463  0.18786   4.63927   1.000 14.63385 ? 30  CYS B HA   1 
ATOM   982  H  HB2  . CYS B 1 30 ? -10.00765 0.20305   2.26637   1.000 14.78767 ? 30  CYS B HB2  1 
ATOM   983  H  HB3  . CYS B 1 30 ? -9.77293  1.46646   3.20130   1.000 14.78767 ? 30  CYS B HB3  1 
HETATM 984  C  C    . ACT C 2 .  ? 10.06591  0.38567   -9.56080  1.000 34.00366 ? 101 ACT A C    1 
HETATM 985  O  O    . ACT C 2 .  ? 10.74300  -0.62994  -9.20608  1.000 35.56785 ? 101 ACT A O    1 
HETATM 986  O  OXT  . ACT C 2 .  ? 9.81003   0.78518   -10.71141 1.000 31.50113 ? 101 ACT A OXT  1 
HETATM 987  C  CH3  . ACT C 2 .  ? 9.44849   1.23733   -8.43870  1.000 34.37333 ? 101 ACT A CH3  1 
HETATM 988  H  H1   . ACT C 2 .  ? 9.13550   2.07835   -8.80696  1.000 41.26269 ? 101 ACT A H1   1 
HETATM 989  H  H2   . ACT C 2 .  ? 10.11865  1.41060   -7.75917  1.000 41.26269 ? 101 ACT A H2   1 
HETATM 990  H  H3   . ACT C 2 .  ? 8.70273   0.75904   -8.04375  1.000 41.26269 ? 101 ACT A H3   1 
HETATM 991  C  C    . ACT D 2 .  ? 9.31918   9.16433   -4.00127  1.000 22.68354 ? 102 ACT A C    1 
HETATM 992  O  O    . ACT D 2 .  ? 8.28713   8.86643   -4.24364  1.000 17.17571 ? 102 ACT A O    1 
HETATM 993  O  OXT  . ACT D 2 .  ? 10.37532  8.64075   -4.48359  1.000 25.95180 ? 102 ACT A OXT  1 
HETATM 994  C  CH3  . ACT D 2 .  ? 9.40255   10.32209  -2.98486  1.000 24.63863 ? 102 ACT A CH3  1 
HETATM 995  H  H1   . ACT D 2 .  ? 10.33092  10.48259  -2.75402  1.000 29.58105 ? 102 ACT A H1   1 
HETATM 996  H  H2   . ACT D 2 .  ? 8.90609   10.08620  -2.18563  1.000 29.58105 ? 102 ACT A H2   1 
HETATM 997  H  H3   . ACT D 2 .  ? 9.02299   11.12389  -3.37722  1.000 29.58105 ? 102 ACT A H3   1 
HETATM 998  C  C    . ACT E 2 .  ? 2.58197   -13.09193 9.25002   1.000 10.82495 ? 101 ACT B C    1 
HETATM 999  O  O    . ACT E 2 .  ? 3.20983   -12.08827 9.66967   1.000 10.59064 ? 101 ACT B O    1 
HETATM 1000 O  OXT  . ACT E 2 .  ? 2.98641   -13.93987 8.43903   1.000 12.17368 ? 101 ACT B OXT  1 
HETATM 1001 C  CH3  . ACT E 2 .  ? 1.19524   -13.30319 9.77255   1.000 11.88473 ? 101 ACT B CH3  1 
HETATM 1002 H  H1   . ACT E 2 .  ? 0.83352   -14.12469 9.40484   1.000 14.27638 ? 101 ACT B H1   1 
HETATM 1003 H  H2   . ACT E 2 .  ? 0.63442   -12.55640 9.51051   1.000 14.27638 ? 101 ACT B H2   1 
HETATM 1004 H  H3   . ACT E 2 .  ? 1.22100   -13.36514 10.74023  1.000 14.27638 ? 101 ACT B H3   1 
HETATM 1005 C  C    . ACT F 2 .  ? 6.21554   -12.46674 -0.10734  1.000 25.76748 ? 102 ACT B C    1 
HETATM 1006 O  O    . ACT F 2 .  ? 7.24043   -12.31240 -0.94135  1.000 27.88537 ? 102 ACT B O    1 
HETATM 1007 O  OXT  . ACT F 2 .  ? 5.99435   -11.93583 1.00621   1.000 23.92085 ? 102 ACT B OXT  1 
HETATM 1008 C  CH3  . ACT F 2 .  ? 5.11461   -13.30600 -0.59549  1.000 25.52516 ? 102 ACT B CH3  1 
HETATM 1009 H  H1   . ACT F 2 .  ? 4.42857   -13.36766 0.08748   1.000 30.64490 ? 102 ACT B H1   1 
HETATM 1010 H  H2   . ACT F 2 .  ? 5.45055   -14.19309 -0.79828  1.000 30.64490 ? 102 ACT B H2   1 
HETATM 1011 H  H3   . ACT F 2 .  ? 4.73869   -12.91072 -1.39757  1.000 30.64490 ? 102 ACT B H3   1 
HETATM 1012 O  O    . HOH G 3 .  ? -10.52922 2.35825   -6.12309  0.791 36.03454 ? 201 HOH A O    1 
HETATM 1013 O  O    . HOH G 3 .  ? 2.18109   3.77246   -12.16634 0.394 10.48286 ? 202 HOH A O    1 
HETATM 1014 O  O    . HOH G 3 .  ? -4.93403  1.82665   -13.82188 1.000 18.73588 ? 203 HOH A O    1 
HETATM 1015 O  O    . HOH G 3 .  ? 10.44698  -1.07937  3.19829   1.000 19.73802 ? 204 HOH A O    1 
HETATM 1016 O  O    . HOH G 3 .  ? 2.74038   12.69820  -6.24212  0.906 12.83352 ? 205 HOH A O    1 
HETATM 1017 O  O    . HOH G 3 .  ? 9.85719   -0.98366  -3.45759  0.862 30.70500 ? 206 HOH A O    1 
HETATM 1018 O  O    . HOH G 3 .  ? 12.76147  7.08213   1.50167   0.649 25.81610 ? 207 HOH A O    1 
HETATM 1019 O  O    . HOH G 3 .  ? 8.86673   12.60124  -0.54562  1.000 36.85226 ? 208 HOH A O    1 
HETATM 1020 O  O    . HOH G 3 .  ? -2.56217  6.84050   11.25781  1.000 17.09311 ? 209 HOH A O    1 
HETATM 1021 O  O    . HOH G 3 .  ? 6.73209   14.66941  -4.83682  0.774 32.54832 ? 210 HOH A O    1 
HETATM 1022 O  O    . HOH G 3 .  ? -2.90317  -4.65209  -10.44379 1.000 23.18059 ? 211 HOH A O    1 
HETATM 1023 O  O    . HOH G 3 .  ? 0.21935   14.04252  3.80854   0.989 12.89202 ? 212 HOH A O    1 
HETATM 1024 O  O    . HOH G 3 .  ? 0.04032   12.75058  -6.59476  0.972 11.89447 ? 213 HOH A O    1 
HETATM 1025 O  O    . HOH G 3 .  ? 1.41431   0.00892   -15.55850 0.950 40.31157 ? 214 HOH A O    1 
HETATM 1026 O  O    . HOH G 3 .  ? 8.89072   14.98325  2.64825   0.840 16.17577 ? 215 HOH A O    1 
HETATM 1027 O  O    . HOH G 3 .  ? 1.84075   3.31448   -14.43728 0.639 31.78827 ? 216 HOH A O    1 
HETATM 1028 O  O    . HOH G 3 .  ? 12.87912  3.58863   2.00640   0.964 36.35592 ? 217 HOH A O    1 
HETATM 1029 O  O    . HOH G 3 .  ? 4.77300   17.91474  -2.47750  0.959 20.18257 ? 218 HOH A O    1 
HETATM 1030 O  O    . HOH G 3 .  ? -7.83335  1.61111   -13.60114 0.868 28.67661 ? 219 HOH A O    1 
HETATM 1031 O  O    . HOH G 3 .  ? 11.44262  9.31867   -0.15386  0.953 19.32594 ? 220 HOH A O    1 
HETATM 1032 O  O    . HOH G 3 .  ? -6.42051  -3.89029  -8.79733  1.000 40.88612 ? 221 HOH A O    1 
HETATM 1033 O  O    . HOH G 3 .  ? -1.38453  11.52828  -4.51960  0.995 11.28172 ? 222 HOH A O    1 
HETATM 1034 O  O    . HOH G 3 .  ? 3.55526   1.96733   -12.89403 1.000 24.17349 ? 223 HOH A O    1 
HETATM 1035 O  O    . HOH G 3 .  ? -2.02419  9.35424   -6.19657  1.000 10.68024 ? 224 HOH A O    1 
HETATM 1036 O  O    . HOH G 3 .  ? 3.08848   6.41792   -12.29761 1.000 25.43784 ? 225 HOH A O    1 
HETATM 1037 O  O    . HOH G 3 .  ? -3.95198  -4.98504  -7.91185  0.951 34.39762 ? 226 HOH A O    1 
HETATM 1038 O  O    . HOH G 3 .  ? 7.13780   17.19292  -3.46861  0.965 43.19588 ? 227 HOH A O    1 
HETATM 1039 O  O    . HOH G 3 .  ? 11.17003  12.00310  -0.32759  0.895 47.98793 ? 228 HOH A O    1 
HETATM 1040 O  O    . HOH G 3 .  ? 9.62917   14.57084  5.21492   0.771 32.31201 ? 229 HOH A O    1 
HETATM 1041 O  O    . HOH G 3 .  ? 3.13323   19.19689  -1.48097  0.803 30.83800 ? 230 HOH A O    1 
HETATM 1042 O  O    . HOH G 3 .  ? 5.21101   3.27044   -12.59137 0.509 20.81651 ? 231 HOH A O    1 
HETATM 1043 O  O    . HOH G 3 .  ? -0.88398  -5.85866  -11.67071 0.976 37.04864 ? 232 HOH A O    1 
HETATM 1044 O  O    . HOH G 3 .  ? 6.71672   3.59233   -10.63194 0.990 27.22225 ? 233 HOH A O    1 
HETATM 1045 O  O    . HOH G 3 .  ? 13.33589  10.85438  7.04895   1.000 40.38287 ? 234 HOH A O    1 
HETATM 1046 O  O    . HOH G 3 .  ? 9.21273   14.23402  -5.85066  1.000 51.44423 ? 235 HOH A O    1 
HETATM 1047 O  O    . HOH G 3 .  ? 10.13687  16.66331  0.79846   0.868 39.61237 ? 236 HOH A O    1 
HETATM 1048 O  O    . HOH G 3 .  ? 4.38012   14.79018  -6.96246  0.967 18.41470 ? 237 HOH A O    1 
HETATM 1049 O  O    . HOH G 3 .  ? 4.38224   19.76400  -3.40282  0.416 13.98116 ? 238 HOH A O    1 
HETATM 1050 O  O    . HOH G 3 .  ? 13.73482  12.95957  6.39163   0.822 45.25337 ? 239 HOH A O    1 
HETATM 1051 O  O    . HOH G 3 .  ? 12.00323  15.31340  5.97227   0.983 46.77324 ? 240 HOH A O    1 
HETATM 1052 O  O    . HOH H 3 .  ? -9.40548  0.25771   7.93101   0.920 12.48919 ? 201 HOH B O    1 
HETATM 1053 O  O    . HOH H 3 .  ? -6.75069  3.71817   12.07305  0.770 22.31662 ? 202 HOH B O    1 
HETATM 1054 O  O    . HOH H 3 .  ? -9.48474  -3.17656  10.53816  0.895 17.25908 ? 203 HOH B O    1 
HETATM 1055 O  O    . HOH H 3 .  ? -0.80364  -9.16842  9.65507   0.899 10.12126 ? 204 HOH B O    1 
HETATM 1056 O  O    . HOH H 3 .  ? 7.85727   -7.16083  8.07261   1.000 13.09770 ? 205 HOH B O    1 
HETATM 1057 O  O    . HOH H 3 .  ? 3.30182   -12.25811 2.21513   0.729 18.30797 ? 206 HOH B O    1 
HETATM 1058 O  O    . HOH H 3 .  ? -10.98290 -5.46511  -3.35093  0.965 34.91978 ? 207 HOH B O    1 
HETATM 1059 O  O    . HOH H 3 .  ? -2.47321  -6.63024  -6.10619  0.797 18.88324 ? 208 HOH B O    1 
HETATM 1060 O  O    . HOH H 3 .  ? -0.92067  2.51849   6.42555   1.000 21.33461 ? 209 HOH B O    1 
HETATM 1061 O  O    . HOH H 3 .  ? -9.67607  -11.53666 3.06532   1.000 22.18342 ? 210 HOH B O    1 
HETATM 1062 O  O    . HOH H 3 .  ? -12.10139 -8.57596  4.30278   0.915 12.34545 ? 211 HOH B O    1 
HETATM 1063 O  O    . HOH H 3 .  ? 1.23591   -15.48643 6.95580   0.796 27.24857 ? 212 HOH B O    1 
HETATM 1064 O  O    . HOH H 3 .  ? -9.65020  6.21514   9.42090   0.811 20.20000 ? 213 HOH B O    1 
HETATM 1065 O  O    . HOH H 3 .  ? -4.13950  -12.84688 0.37925   1.000 47.78804 ? 214 HOH B O    1 
HETATM 1066 O  O    . HOH H 3 .  ? -2.86941  0.55299   -3.62117  0.632 15.86400 ? 215 HOH B O    1 
HETATM 1067 O  O    . HOH H 3 .  ? -6.87371  -11.28508 -0.56738  0.765 39.49338 ? 216 HOH B O    1 
HETATM 1068 O  O    . HOH H 3 .  ? -7.81676  -1.39257  7.68773   0.870 12.99132 ? 217 HOH B O    1 
HETATM 1069 O  O    . HOH H 3 .  ? -9.13129  1.80808   9.96741   0.922 19.33589 ? 218 HOH B O    1 
HETATM 1070 O  O    . HOH H 3 .  ? 0.49278   0.06013   6.31245   0.955 9.77512  ? 219 HOH B O    1 
HETATM 1071 O  O    . HOH H 3 .  ? 4.13040   -14.02567 3.92775   0.973 24.88440 ? 220 HOH B O    1 
HETATM 1072 O  O    . HOH H 3 .  ? -13.39665 0.54564   -3.93074  0.993 34.73772 ? 221 HOH B O    1 
HETATM 1073 O  O    . HOH H 3 .  ? -10.94134 -1.85586  -3.85742  0.855 19.72974 ? 222 HOH B O    1 
HETATM 1074 O  O    . HOH H 3 .  ? -6.91116  -5.79843  -4.52956  0.928 18.40411 ? 223 HOH B O    1 
HETATM 1075 O  O    . HOH H 3 .  ? -9.99688  3.27224   5.34788   0.462 14.00967 ? 224 HOH B O    1 
HETATM 1076 O  O    . HOH H 3 .  ? -11.47034 -7.23036  0.34448   1.000 34.70762 ? 225 HOH B O    1 
HETATM 1077 O  O    . HOH H 3 .  ? 10.32659  -1.43479  6.46952   0.465 13.48295 ? 226 HOH B O    1 
HETATM 1078 O  O    . HOH H 3 .  ? -7.33795  -10.00954 1.19909   1.000 19.99931 ? 227 HOH B O    1 
HETATM 1079 O  O    . HOH H 3 .  ? -4.44715  5.11759   4.58933   0.926 10.72273 ? 228 HOH B O    1 
HETATM 1080 O  O    . HOH H 3 .  ? 10.80026  -0.24804  8.89998   0.537 15.86819 ? 229 HOH B O    1 
HETATM 1081 O  O    . HOH H 3 .  ? -4.87789  -7.83282  -5.12092  0.948 38.45091 ? 230 HOH B O    1 
HETATM 1082 O  O    . HOH H 3 .  ? -13.55252 -6.01193  -3.32723  1.000 46.05671 ? 231 HOH B O    1 
HETATM 1083 O  O    . HOH H 3 .  ? -10.44523 7.05287   6.62811   0.895 20.94280 ? 232 HOH B O    1 
HETATM 1084 O  O    . HOH H 3 .  ? -10.52811 -0.74894  9.65379   0.818 19.22182 ? 233 HOH B O    1 
HETATM 1085 O  O    . HOH H 3 .  ? -9.23983  -7.21354  -4.31602  0.906 38.55387 ? 234 HOH B O    1 
HETATM 1086 O  O    . HOH H 3 .  ? -12.91496 -3.70161  9.72063   0.997 23.09674 ? 235 HOH B O    1 
HETATM 1087 O  O    . HOH H 3 .  ? -11.77061 -10.06070 2.28719   0.919 24.81010 ? 236 HOH B O    1 
HETATM 1088 O  O    . HOH H 3 .  ? -9.74273  -9.03320  0.56986   0.435 17.99824 ? 237 HOH B O    1 
HETATM 1089 O  O    . HOH H 3 .  ? 1.85036   -15.51434 4.28870   0.630 25.43309 ? 238 HOH B O    1 
HETATM 1090 O  O    . HOH H 3 .  ? -0.46731  -16.98115 7.32080   0.888 36.24340 ? 239 HOH B O    1 
HETATM 1091 O  O    . HOH H 3 .  ? -13.77370 -7.21288  -1.20311  0.982 34.18620 ? 240 HOH B O    1 
HETATM 1092 O  O    . HOH H 3 .  ? -10.33322 -8.75219  -2.78235  1.000 51.27428 ? 241 HOH B O    1 
HETATM 1093 O  O    . HOH H 3 .  ? -1.87929  -18.07384 5.14534   1.000 44.10425 ? 242 HOH B O    1 
HETATM 1094 O  O    . HOH H 3 .  ? -12.13506 -0.02491  11.61616  1.000 43.26689 ? 243 HOH B O    1 
HETATM 1095 O  O    . HOH H 3 .  ? -13.23637 -2.24969  11.64842  0.578 21.36700 ? 244 HOH B O    1 
# 
loop_
_atom_site_anisotrop.id 
_atom_site_anisotrop.type_symbol 
_atom_site_anisotrop.pdbx_label_atom_id 
_atom_site_anisotrop.pdbx_label_alt_id 
_atom_site_anisotrop.pdbx_label_comp_id 
_atom_site_anisotrop.pdbx_label_asym_id 
_atom_site_anisotrop.pdbx_label_seq_id 
_atom_site_anisotrop.pdbx_PDB_ins_code 
_atom_site_anisotrop.U[1][1] 
_atom_site_anisotrop.U[2][2] 
_atom_site_anisotrop.U[3][3] 
_atom_site_anisotrop.U[1][2] 
_atom_site_anisotrop.U[1][3] 
_atom_site_anisotrop.U[2][3] 
_atom_site_anisotrop.pdbx_auth_seq_id 
_atom_site_anisotrop.pdbx_auth_comp_id 
_atom_site_anisotrop.pdbx_auth_asym_id 
_atom_site_anisotrop.pdbx_auth_atom_id 
1    N  N   . ALA A 1  ? 0.14013 0.12909 0.11441 0.02503  -0.03378 0.04256  1   ALA A N   
2    C  CA  . ALA A 1  ? 0.15283 0.09491 0.10366 0.02757  -0.02928 0.03589  1   ALA A CA  
3    C  C   . ALA A 1  ? 0.15973 0.09273 0.10565 0.02287  -0.03617 0.03948  1   ALA A C   
4    O  O   . ALA A 1  ? 0.17819 0.10401 0.12683 0.01566  -0.02815 0.04472  1   ALA A O   
5    C  CB  . ALA A 1  ? 0.15604 0.10604 0.12946 0.02951  -0.03112 0.02876  1   ALA A CB  
13   N  N   . CYS A 2  ? 0.15838 0.10057 0.10615 0.02193  -0.02545 0.05148  2   CYS A N   
14   C  CA  . CYS A 2  ? 0.16353 0.11268 0.09842 0.02043  -0.02395 0.05393  2   CYS A CA  
15   C  C   . CYS A 2  ? 0.16413 0.11308 0.10864 0.01693  -0.02500 0.05292  2   CYS A C   
16   O  O   . CYS A 2  ? 0.17973 0.13596 0.10502 -0.00392 -0.02657 0.05634  2   CYS A O   
17   C  CB  . CYS A 2  ? 0.18154 0.12210 0.09946 0.03656  -0.02219 0.04734  2   CYS A CB  
18   S  SG  . CYS A 2  ? 0.18250 0.14763 0.11637 0.04602  -0.03018 0.05481  2   CYS A SG  
23   N  N   . TYR A 3  ? 0.13458 0.11395 0.09835 0.02599  -0.02645 0.04962  3   TYR A N   
24   C  CA  . TYR A 3  ? 0.13662 0.11118 0.10596 0.03011  -0.02534 0.03853  3   TYR A CA  
25   C  C   . TYR A 3  ? 0.13042 0.09948 0.10187 0.03059  -0.03489 0.03870  3   TYR A C   
26   O  O   . TYR A 3  ? 0.12725 0.15252 0.10458 0.02564  -0.03573 0.04224  3   TYR A O   
27   C  CB  . TYR A 3  ? 0.14346 0.11509 0.10744 0.02676  -0.03313 0.03952  3   TYR A CB  
28   C  CG  . TYR A 3  ? 0.13327 0.11313 0.10907 0.03966  -0.02535 0.04437  3   TYR A CG  
29   C  CD1 . TYR A 3  ? 0.15108 0.11301 0.11278 0.03247  -0.02588 0.03683  3   TYR A CD1 
30   C  CD2 . TYR A 3  ? 0.14015 0.11746 0.10622 0.02950  -0.02625 0.04401  3   TYR A CD2 
31   C  CE1 . TYR A 3  ? 0.14739 0.11275 0.11105 0.02962  -0.02071 0.03665  3   TYR A CE1 
32   C  CE2 . TYR A 3  ? 0.13266 0.10747 0.11355 0.02979  -0.02243 0.03947  3   TYR A CE2 
33   C  CZ  . TYR A 3  ? 0.14835 0.10200 0.10561 0.01971  -0.02922 0.03063  3   TYR A CZ  
34   O  OH  . TYR A 3  ? 0.15094 0.11647 0.11195 0.02130  -0.02959 0.02806  3   TYR A OH  
44   N  N   . CYS A 4  ? 0.11954 0.12167 0.09797 0.02831  -0.02609 0.04354  4   CYS A N   
45   C  CA  . CYS A 4  ? 0.12555 0.11147 0.10273 0.03294  -0.02478 0.04205  4   CYS A CA  
46   C  C   . CYS A 4  ? 0.13064 0.12633 0.10369 0.03315  -0.03090 0.03712  4   CYS A C   
47   O  O   . CYS A 4  ? 0.12722 0.14493 0.12645 0.04461  -0.01910 0.05853  4   CYS A O   
48   C  CB  . CYS A 4  ? 0.13261 0.12663 0.11064 0.02962  -0.01495 0.03207  4   CYS A CB  
49   S  SG  . CYS A 4  ? 0.13681 0.11180 0.11345 0.02316  -0.01269 0.03311  4   CYS A SG  
54   N  N   . ARG A 5  ? 0.13399 0.11386 0.09388 0.03858  -0.02846 0.03478  5   ARG A N   
55   C  CA  . ARG A 5  ? 0.13435 0.11854 0.09977 0.03613  -0.02982 0.04434  5   ARG A CA  
56   C  C   . ARG A 5  ? 0.13821 0.11760 0.10297 0.03846  -0.02838 0.04481  5   ARG A C   
57   O  O   . ARG A 5  ? 0.14427 0.12465 0.11362 0.04640  -0.02188 0.04871  5   ARG A O   
58   C  CB  . ARG A 5  ? 0.14573 0.11957 0.11659 0.03347  -0.02643 0.05351  5   ARG A CB  
59   C  CG  . ARG A 5  ? 0.15688 0.12452 0.10682 0.02820  -0.03674 0.04349  5   ARG A CG  
60   C  CD  . ARG A 5  ? 0.15576 0.12795 0.13344 0.03717  -0.03604 0.02792  5   ARG A CD  
61   N  NE  . ARG A 5  ? 0.14373 0.13805 0.12392 0.04106  -0.04248 0.01669  5   ARG A NE  
62   C  CZ  . ARG A 5  ? 0.13881 0.12329 0.12970 0.04305  -0.03522 0.03042  5   ARG A CZ  
63   N  NH1 . ARG A 5  ? 0.14688 0.13796 0.12278 0.04826  -0.03760 0.03429  5   ARG A NH1 
64   N  NH2 . ARG A 5  ? 0.15550 0.12143 0.11999 0.04429  -0.03182 0.03234  5   ARG A NH2 
78   N  N   . ILE A 6  ? 0.13647 0.12042 0.10653 0.04753  -0.02233 0.04215  6   ILE A N   
79   C  CA  . ILE A 6  ? 0.16947 0.13441 0.10537 0.04030  -0.02574 0.04596  6   ILE A CA  
80   C  C   . ILE A 6  ? 0.17118 0.12987 0.11578 0.03866  -0.03321 0.05292  6   ILE A C   
81   O  O   . ILE A 6  ? 0.17413 0.12169 0.15872 0.04294  -0.03706 0.05861  6   ILE A O   
82   C  CB  . ILE A 6  ? 0.16502 0.13414 0.10737 0.04859  -0.02510 0.04645  6   ILE A CB  
83   C  CG1 . ILE A 6  ? 0.19412 0.11206 0.12251 0.05351  -0.02819 0.03616  6   ILE A CG1 
84   C  CG2 . ILE A 6  ? 0.15820 0.11513 0.12458 0.04827  -0.01144 0.05244  6   ILE A CG2 
85   C  CD1 . ILE A 6  ? 0.21737 0.14314 0.12824 0.05961  -0.02856 0.04290  6   ILE A CD1 
97   N  N   . PRO A 7  ? 0.16964 0.13062 0.11081 0.03724  -0.03531 0.05018  7   PRO A N   
98   C  CA  . PRO A 7  ? 0.18533 0.14766 0.09863 0.03183  -0.03614 0.04946  7   PRO A CA  
99   C  C   . PRO A 7  ? 0.18009 0.14332 0.11748 0.04249  -0.02301 0.04615  7   PRO A C   
100  O  O   . PRO A 7  ? 0.17574 0.17444 0.13014 0.05338  -0.03109 0.02867  7   PRO A O   
101  C  CB  . PRO A 7  ? 0.21369 0.16162 0.11197 0.00636  -0.02984 0.06025  7   PRO A CB  
102  C  CG  . PRO A 7  ? 0.21244 0.15910 0.12447 0.00974  -0.03120 0.06386  7   PRO A CG  
103  C  CD  . PRO A 7  ? 0.18951 0.13525 0.11967 0.03220  -0.03927 0.05608  7   PRO A CD  
111  N  N   . ALA A 8  ? 0.16646 0.14821 0.10191 0.03972  -0.02578 0.05119  8   ALA A N   
112  C  CA  . ALA A 8  ? 0.17185 0.15264 0.10621 0.02295  -0.03662 0.04886  8   ALA A CA  
113  C  C   . ALA A 8  ? 0.16440 0.14734 0.11653 0.02184  -0.04437 0.04505  8   ALA A C   
114  O  O   . ALA A 8  ? 0.17504 0.13969 0.10924 0.03467  -0.03657 0.04997  8   ALA A O   
115  C  CB  . ALA A 8  ? 0.16880 0.18895 0.13885 0.00363  -0.02743 0.07636  8   ALA A CB  
121  N  N   . CYS A 9  ? 0.15922 0.15798 0.10972 0.01386  -0.03446 0.04418  9   CYS A N   
122  C  CA  . CYS A 9  ? 0.19275 0.14443 0.09955 0.00264  -0.03763 0.04050  9   CYS A CA  
123  C  C   . CYS A 9  ? 0.23850 0.15437 0.10204 -0.01675 -0.03387 0.05086  9   CYS A C   
124  O  O   . CYS A 9  ? 0.25275 0.19351 0.14415 -0.02970 -0.02280 0.06324  9   CYS A O   
125  C  CB  . CYS A 9  ? 0.18654 0.17910 0.09920 0.00516  -0.02938 0.04864  9   CYS A CB  
126  S  SG  . CYS A 9  ? 0.15802 0.17088 0.11268 0.02696  -0.03492 0.06314  9   CYS A SG  
131  N  N   . ILE A 10 ? 0.25763 0.12551 0.11218 -0.00705 -0.04234 0.03973  10  ILE A N   
132  C  CA  . ILE A 10 ? 0.26667 0.14822 0.12426 -0.00230 -0.05369 0.03166  10  ILE A CA  
133  C  C   . ILE A 10 ? 0.25142 0.14356 0.12080 -0.01278 -0.04055 0.02837  10  ILE A C   
134  O  O   . ILE A 10 ? 0.24613 0.15721 0.12095 -0.01610 -0.04168 0.03309  10  ILE A O   
135  C  CB  . ILE A 10 ? 0.27400 0.14844 0.13832 0.01239  -0.08100 0.03812  10  ILE A CB  
136  C  CG1 . ILE A 10 ? 0.24247 0.14183 0.18320 0.01733  -0.09444 0.04599  10  ILE A CG1 
137  C  CG2 . ILE A 10 ? 0.28899 0.15861 0.15918 0.02810  -0.09230 0.03568  10  ILE A CG2 
138  C  CD1 . ILE A 10 ? 0.24132 0.15180 0.20866 0.01111  -0.10588 0.05237  10  ILE A CD1 
150  N  N   . ALA A 11 ? 0.25791 0.15861 0.12946 -0.02536 -0.02541 0.03359  11  ALA A N   
151  C  CA  . ALA A 11 ? 0.25959 0.15966 0.11922 -0.03402 -0.01264 0.01686  11  ALA A CA  
152  C  C   . ALA A 11 ? 0.23705 0.16085 0.11868 -0.03303 -0.01686 0.02163  11  ALA A C   
153  O  O   . ALA A 11 ? 0.24761 0.17067 0.13730 -0.03175 -0.02809 0.02335  11  ALA A O   
154  C  CB  . ALA A 11 ? 0.27690 0.16612 0.15091 -0.04592 -0.01045 0.01126  11  ALA A CB  
160  N  N   . GLY A 12 ? 0.22323 0.16198 0.12110 -0.02796 -0.01743 0.02710  12  GLY A N   
161  C  CA  . GLY A 12 ? 0.20748 0.17899 0.12167 -0.01933 -0.01933 0.02685  12  GLY A CA  
162  C  C   . GLY A 12 ? 0.18482 0.18240 0.12924 -0.01344 -0.03028 0.03202  12  GLY A C   
163  O  O   . GLY A 12 ? 0.20603 0.18922 0.12537 -0.00435 -0.02359 0.02818  12  GLY A O   
167  N  N   . GLU A 13 ? 0.17115 0.17121 0.12425 -0.01459 -0.02961 0.02897  13  GLU A N   
168  C  CA  . GLU A 13 ? 0.15143 0.16038 0.13200 0.00223  -0.03234 0.02889  13  GLU A CA  
169  C  C   . GLU A 13 ? 0.14443 0.18661 0.13666 0.00327  -0.03435 0.02971  13  GLU A C   
170  O  O   . GLU A 13 ? 0.15516 0.19035 0.15143 0.00231  -0.01585 0.03582  13  GLU A O   
171  C  CB  . GLU A 13 ? 0.14008 0.15306 0.12207 0.01282  -0.03423 0.03118  13  GLU A CB  
172  C  CG  . GLU A 13 ? 0.13305 0.13918 0.12871 0.01065  -0.04317 0.03724  13  GLU A CG  
173  C  CD  . GLU A 13 ? 0.13357 0.11046 0.13206 0.02527  -0.03952 0.04332  13  GLU A CD  
174  O  OE1 . GLU A 13 ? 0.14883 0.13338 0.13293 0.02954  -0.04351 0.03332  13  GLU A OE1 
175  O  OE2 . GLU A 13 ? 0.14604 0.11027 0.13529 0.02389  -0.04438 0.04382  13  GLU A OE2 
182  N  N   . ARG A 14 ? 0.13640 0.20223 0.14244 0.00118  -0.02062 0.02946  14  ARG A N   
183  C  CA  . ARG A 14 ? 0.13175 0.21042 0.14400 0.00719  -0.02859 0.02695  14  ARG A CA  
184  C  C   . ARG A 14 ? 0.13055 0.19365 0.12092 0.01280  -0.03347 0.05028  14  ARG A C   
185  O  O   . ARG A 14 ? 0.13989 0.18977 0.13026 0.01643  -0.03812 0.04361  14  ARG A O   
186  C  CB  . ARG A 14 ? 0.14829 0.24616 0.16761 0.00675  -0.03609 0.01140  14  ARG A CB  
187  C  CG  . ARG A 14 ? 0.19489 0.26654 0.20303 0.00821  -0.04097 0.01471  14  ARG A CG  
188  C  CD  . ARG A 14 ? 0.20992 0.29449 0.24391 0.00356  -0.03286 0.02911  14  ARG A CD  
197  N  N   . ARG A 15 ? 0.13609 0.16940 0.13338 0.01325  -0.02334 0.05665  15  ARG A N   
198  C  CA  . ARG A 15 ? 0.14129 0.17621 0.14414 0.01896  -0.02025 0.07007  15  ARG A CA  
199  C  C   . ARG A 15 ? 0.12898 0.19491 0.13926 0.02394  -0.02708 0.07496  15  ARG A C   
200  O  O   . ARG A 15 ? 0.11900 0.21058 0.15908 0.02777  -0.03014 0.07866  15  ARG A O   
201  C  CB  . ARG A 15 ? 0.14459 0.16429 0.14582 0.02636  -0.01403 0.06016  15  ARG A CB  
202  C  CG  . ARG A 15 ? 0.14527 0.15979 0.14506 0.03123  -0.01269 0.05665  15  ARG A CG  
203  C  CD  . ARG A 15 ? 0.17474 0.18178 0.12159 0.01529  -0.02250 0.05064  15  ARG A CD  
204  N  NE  . ARG A 15 ? 0.20077 0.19337 0.12330 0.00025  -0.01371 0.07050  15  ARG A NE  
205  C  CZ  . ARG A 15 ? 0.26998 0.21290 0.15849 -0.02538 -0.00999 0.08167  15  ARG A CZ  
206  N  NH1 . ARG A 15 ? 0.32404 0.26189 0.16506 -0.04112 -0.00648 0.09881  15  ARG A NH1 
207  N  NH2 . ARG A 15 ? 0.29289 0.23467 0.14434 -0.03173 -0.01868 0.06238  15  ARG A NH2 
221  N  N   . TYR A 16 ? 0.12551 0.19662 0.12721 0.02498  -0.02562 0.07404  16  TYR A N   
222  C  CA  . TYR A 16 ? 0.13240 0.19685 0.14462 0.03095  -0.02938 0.07761  16  TYR A CA  
223  C  C   . TYR A 16 ? 0.14072 0.18414 0.16067 0.03547  -0.02612 0.08298  16  TYR A C   
224  O  O   . TYR A 16 ? 0.17149 0.20151 0.17540 0.03409  -0.03284 0.09443  16  TYR A O   
225  C  CB  . TYR A 16 ? 0.16309 0.22590 0.13189 0.02667  -0.03312 0.07954  16  TYR A CB  
226  C  CG  . TYR A 16 ? 0.16773 0.23975 0.12212 0.02230  -0.03450 0.07464  16  TYR A CG  
227  C  CD1 . TYR A 16 ? 0.16355 0.23132 0.14176 0.03358  -0.03421 0.08150  16  TYR A CD1 
228  C  CD2 . TYR A 16 ? 0.17201 0.24013 0.12036 0.03304  -0.04013 0.05620  16  TYR A CD2 
229  C  CE1 . TYR A 16 ? 0.16510 0.25429 0.14568 0.02989  -0.04497 0.07753  16  TYR A CE1 
230  C  CE2 . TYR A 16 ? 0.17653 0.26376 0.11710 0.03037  -0.04619 0.05134  16  TYR A CE2 
231  C  CZ  . TYR A 16 ? 0.19233 0.26080 0.13831 0.02974  -0.05111 0.06181  16  TYR A CZ  
232  O  OH  . TYR A 16 ? 0.20750 0.28964 0.15510 0.02019  -0.07157 0.04636  16  TYR A OH  
242  N  N   . GLY A 17 ? 0.15219 0.16082 0.14962 0.03105  -0.03432 0.07482  17  GLY A N   
243  C  CA  . GLY A 17 ? 0.15105 0.16860 0.15475 0.04141  -0.02940 0.07466  17  GLY A CA  
244  C  C   . GLY A 17 ? 0.13540 0.15071 0.13152 0.04673  -0.01280 0.06493  17  GLY A C   
245  O  O   . GLY A 17 ? 0.13631 0.14413 0.13435 0.04244  -0.01473 0.06630  17  GLY A O   
249  N  N   . THR A 18 ? 0.14872 0.13524 0.13172 0.04478  -0.01363 0.06346  18  THR A N   
250  C  CA  . THR A 18 ? 0.15030 0.13364 0.12354 0.04340  -0.01078 0.06246  18  THR A CA  
251  C  C   . THR A 18 ? 0.14830 0.12184 0.11344 0.04141  -0.01882 0.05350  18  THR A C   
252  O  O   . THR A 18 ? 0.15192 0.14009 0.15390 0.03141  -0.02409 0.07491  18  THR A O   
253  C  CB  . THR A 18 ? 0.16005 0.14564 0.13945 0.05705  0.00749  0.06730  18  THR A CB  
254  O  OG1 . THR A 18 ? 0.16015 0.17317 0.16364 0.05693  0.00915  0.06764  18  THR A OG1 
255  C  CG2 . THR A 18 ? 0.17323 0.16332 0.12319 0.05674  0.00311  0.05672  18  THR A CG2 
263  N  N   . CYS A 19 ? 0.14010 0.11511 0.10779 0.03930  -0.01865 0.05031  19  CYS A N   
264  C  CA  . CYS A 19 ? 0.15258 0.11785 0.09810 0.03399  -0.01417 0.05238  19  CYS A CA  
265  C  C   . CYS A 19 ? 0.16186 0.11754 0.09798 0.04557  -0.00764 0.04659  19  CYS A C   
266  O  O   . CYS A 19 ? 0.18664 0.13102 0.10166 0.04227  -0.00786 0.05301  19  CYS A O   
267  C  CB  . CYS A 19 ? 0.14858 0.12009 0.09827 0.03610  -0.00837 0.04791  19  CYS A CB  
268  S  SG  . CYS A 19 ? 0.14242 0.11324 0.10244 0.03334  -0.02291 0.03947  19  CYS A SG  
273  N  N   . ILE A 20 ? 0.16926 0.12025 0.08937 0.03792  -0.00926 0.04656  20  ILE A N   
274  C  CA  . ILE A 20 ? 0.19225 0.11866 0.10678 0.03740  -0.01512 0.04772  20  ILE A CA  
275  C  C   . ILE A 20 ? 0.19149 0.13312 0.10050 0.02103  -0.03813 0.04946  20  ILE A C   
276  O  O   . ILE A 20 ? 0.17955 0.15887 0.11948 0.01393  -0.03692 0.07072  20  ILE A O   
277  C  CB  . ILE A 20 ? 0.23816 0.12701 0.10294 0.04236  -0.00287 0.04206  20  ILE A CB  
278  C  CG1 . ILE A 20 ? 0.23304 0.14531 0.14141 0.07333  0.00176  0.05221  20  ILE A CG1 
279  C  CG2 . ILE A 20 ? 0.26272 0.15804 0.13052 0.03233  -0.00424 0.03764  20  ILE A CG2 
280  C  CD1 . ILE A 20 ? 0.24126 0.15269 0.16092 0.08433  0.00678  0.05751  20  ILE A CD1 
292  N  N   B 3CT A 21 ? 0.19739 0.13931 0.11306 0.01683  -0.03449 0.05987  21  3CT A N   
293  N  N   D 3CT A 21 ? 0.19524 0.13211 0.10141 0.02663  -0.04319 0.04262  21  3CT A N   
294  C  CA  B 3CT A 21 ? 0.19316 0.16303 0.14093 0.00895  -0.03041 0.07953  21  3CT A CA  
295  C  CA  D 3CT A 21 ? 0.18367 0.16973 0.12520 0.02737  -0.05559 0.05907  21  3CT A CA  
296  C  CB  B 3CT A 21 ? 0.18363 0.16491 0.14839 0.01346  -0.00513 0.08702  21  3CT A CB  
297  C  CB  D 3CT A 21 ? 0.18614 0.17230 0.14122 0.03512  -0.05761 0.06290  21  3CT A CB  
298  C  CG  B 3CT A 21 ? 0.17931 0.16362 0.15019 0.02806  0.01606  0.08802  21  3CT A CG  
299  C  CG  D 3CT A 21 ? 0.20112 0.19137 0.13206 0.04065  -0.06072 0.05123  21  3CT A CG  
300  C  CD2 B 3CT A 21 ? 0.19262 0.15423 0.17283 0.03340  0.02654  0.08137  21  3CT A CD2 
301  C  CD2 D 3CT A 21 ? 0.20582 0.19550 0.16298 0.05602  -0.05433 0.04416  21  3CT A CD2 
302  C  CE2 B 3CT A 21 ? 0.20576 0.13787 0.19395 0.03983  0.03858  0.06873  21  3CT A CE2 
303  C  CE2 D 3CT A 21 ? 0.19881 0.24766 0.19112 0.06504  -0.04609 0.04209  21  3CT A CE2 
304  CL CL  B 3CT A 21 ? 0.22845 0.11923 0.23171 0.03764  0.06153  0.05827  21  3CT A CL  
305  CL CL  D 3CT A 21 ? 0.21001 0.24603 0.19524 0.09161  -0.05264 0.03619  21  3CT A CL  
306  C  CZ  B 3CT A 21 ? 0.18648 0.15575 0.17126 0.04620  0.02482  0.07629  21  3CT A CZ  
307  C  CZ  D 3CT A 21 ? 0.18730 0.29140 0.17940 0.05136  -0.03907 0.02889  21  3CT A CZ  
308  O  OH  B 3CT A 21 ? 0.18739 0.15035 0.18257 0.05944  0.01348  0.07824  21  3CT A OH  
309  O  OH  D 3CT A 21 ? 0.18163 0.33444 0.21019 0.05576  -0.03510 0.01347  21  3CT A OH  
310  C  CE1 B 3CT A 21 ? 0.17462 0.16866 0.14786 0.04445  0.02031  0.08194  21  3CT A CE1 
311  C  CE1 D 3CT A 21 ? 0.19780 0.26903 0.13471 0.03289  -0.04336 0.03943  21  3CT A CE1 
312  C  CD1 B 3CT A 21 ? 0.17455 0.15561 0.14832 0.04007  0.01713  0.08516  21  3CT A CD1 
313  C  CD1 D 3CT A 21 ? 0.20497 0.22573 0.12714 0.03185  -0.04115 0.05357  21  3CT A CD1 
314  C  C   B 3CT A 21 ? 0.21097 0.18769 0.14874 -0.00899 -0.04950 0.08518  21  3CT A C   
315  C  C   D 3CT A 21 ? 0.20113 0.18440 0.13783 0.00730  -0.05972 0.07200  21  3CT A C   
316  O  O   B 3CT A 21 ? 0.20595 0.18894 0.14670 -0.01428 -0.04451 0.08552  21  3CT A O   
317  O  O   D 3CT A 21 ? 0.18112 0.14685 0.12291 0.02609  -0.03734 0.06681  21  3CT A O   
331  N  N   . GLN A 22 ? 0.22542 0.20674 0.16160 -0.01688 -0.06560 0.09022  22  GLN A N   
332  C  CA  . GLN A 22 ? 0.25250 0.25051 0.17335 -0.01453 -0.07206 0.09989  22  GLN A CA  
333  C  C   . GLN A 22 ? 0.28320 0.20073 0.14648 0.00664  -0.07941 0.06167  22  GLN A C   
334  O  O   . GLN A 22 ? 0.27989 0.20635 0.14773 0.01021  -0.06260 0.07765  22  GLN A O   
335  C  CB  . GLN A 22 ? 0.23288 0.35289 0.21966 -0.01931 -0.05052 0.14857  22  GLN A CB  
336  C  CG  . GLN A 22 ? 0.23565 0.43870 0.29585 -0.01697 -0.02335 0.19771  22  GLN A CG  
337  C  CD  . GLN A 22 ? 0.26477 0.47053 0.34501 -0.00828 -0.00682 0.21747  22  GLN A CD  
338  O  OE1 . GLN A 22 ? 0.27143 0.50939 0.37261 -0.01276 -0.00794 0.20795  22  GLN A OE1 
339  N  NE2 . GLN A 22 ? 0.29206 0.48554 0.37404 0.00768  0.00288  0.23023  22  GLN A NE2 
349  N  N   . GLY A 23 ? 0.30356 0.19496 0.17202 0.02086  -0.07579 0.05510  23  GLY A N   
350  C  CA  . GLY A 23 ? 0.29803 0.21528 0.17218 0.04166  -0.05769 0.05431  23  GLY A CA  
351  C  C   . GLY A 23 ? 0.28922 0.20991 0.12970 0.06616  -0.03074 0.05434  23  GLY A C   
352  O  O   . GLY A 23 ? 0.32093 0.25228 0.13407 0.08033  -0.02913 0.04466  23  GLY A O   
356  N  N   A ARG A 24 ? 0.25136 0.18050 0.11626 0.06569  -0.02850 0.04671  24  ARG A N   
357  N  N   B ARG A 24 ? 0.25929 0.19242 0.11075 0.07082  -0.03097 0.03920  24  ARG A N   
358  C  CA  A ARG A 24 ? 0.20145 0.17075 0.12268 0.05823  -0.02133 0.06004  24  ARG A CA  
359  C  CA  B ARG A 24 ? 0.22780 0.18568 0.11864 0.06551  -0.02575 0.05311  24  ARG A CA  
360  C  C   A ARG A 24 ? 0.20428 0.13397 0.11112 0.05198  -0.00953 0.05097  24  ARG A C   
361  C  C   B ARG A 24 ? 0.21053 0.14052 0.11664 0.06151  -0.00294 0.05179  24  ARG A C   
362  O  O   A ARG A 24 ? 0.21626 0.11663 0.10091 0.04740  -0.02038 0.03525  24  ARG A O   
363  O  O   B ARG A 24 ? 0.21808 0.11950 0.11723 0.06222  0.00003  0.04170  24  ARG A O   
364  C  CB  A ARG A 24 ? 0.18861 0.16527 0.12425 0.05893  -0.02460 0.05689  24  ARG A CB  
365  C  CB  B ARG A 24 ? 0.23954 0.16724 0.11284 0.06254  -0.03129 0.03068  24  ARG A CB  
366  C  CG  A ARG A 24 ? 0.18975 0.16497 0.13063 0.05462  -0.02854 0.06149  24  ARG A CG  
367  C  CG  B ARG A 24 ? 0.25616 0.16048 0.10852 0.05172  -0.03536 0.01057  24  ARG A CG  
368  C  CD  A ARG A 24 ? 0.18300 0.16194 0.15573 0.05940  -0.02464 0.06819  24  ARG A CD  
369  C  CD  B ARG A 24 ? 0.24953 0.18008 0.15757 0.04291  -0.03436 0.03016  24  ARG A CD  
370  N  NE  A ARG A 24 ? 0.19979 0.18703 0.17837 0.04420  -0.02425 0.06053  24  ARG A NE  
371  N  NE  B ARG A 24 ? 0.25235 0.17134 0.16210 0.03702  -0.04476 0.02676  24  ARG A NE  
372  C  CZ  A ARG A 24 ? 0.22149 0.20391 0.18401 0.02993  -0.03002 0.05643  24  ARG A CZ  
373  C  CZ  B ARG A 24 ? 0.26580 0.20257 0.14379 0.02482  -0.05149 0.04133  24  ARG A CZ  
374  N  NH1 A ARG A 24 ? 0.23026 0.21381 0.18542 0.02821  -0.03232 0.06465  24  ARG A NH1 
375  N  NH1 B ARG A 24 ? 0.26126 0.21291 0.13938 0.02797  -0.06332 0.06363  24  ARG A NH1 
376  N  NH2 A ARG A 24 ? 0.22945 0.21723 0.18995 0.02421  -0.04678 0.04780  24  ARG A NH2 
377  N  NH2 B ARG A 24 ? 0.27940 0.23251 0.15817 0.00934  -0.04512 0.04493  24  ARG A NH2 
404  N  N   . LEU A 25 ? 0.19997 0.12514 0.11325 0.06000  -0.00012 0.04641  25  LEU A N   
405  C  CA  . LEU A 25 ? 0.19846 0.11362 0.10891 0.05434  0.00171  0.04349  25  LEU A CA  
406  C  C   . LEU A 25 ? 0.18506 0.12864 0.09987 0.04638  -0.00222 0.05074  25  LEU A C   
407  O  O   . LEU A 25 ? 0.21301 0.13193 0.11176 0.05555  -0.00054 0.05014  25  LEU A O   
408  C  CB  . LEU A 25 ? 0.21438 0.13510 0.11308 0.06216  0.00003  0.04813  25  LEU A CB  
409  C  CG  . LEU A 25 ? 0.23556 0.14544 0.10888 0.07025  0.00010  0.04307  25  LEU A CG  
410  C  CD1 . LEU A 25 ? 0.24023 0.15474 0.12372 0.08632  -0.00795 0.03830  25  LEU A CD1 
411  C  CD2 . LEU A 25 ? 0.26384 0.13234 0.11758 0.07203  -0.00099 0.03619  25  LEU A CD2 
423  N  N   . TRP A 26 ? 0.16565 0.10933 0.09944 0.03831  -0.00788 0.04830  26  TRP A N   
424  C  CA  . TRP A 26 ? 0.14991 0.10575 0.10349 0.04355  -0.00988 0.04526  26  TRP A CA  
425  C  C   . TRP A 26 ? 0.14290 0.10617 0.11739 0.03731  -0.00484 0.05572  26  TRP A C   
426  O  O   . TRP A 26 ? 0.14641 0.11530 0.13468 0.03663  -0.01926 0.06043  26  TRP A O   
427  C  CB  . TRP A 26 ? 0.15002 0.10986 0.10222 0.04157  -0.01495 0.04433  26  TRP A CB  
428  C  CG  . TRP A 26 ? 0.14443 0.12072 0.10068 0.03403  -0.02139 0.04312  26  TRP A CG  
429  C  CD1 . TRP A 26 ? 0.14924 0.13569 0.11145 0.03660  -0.02171 0.04669  26  TRP A CD1 
430  C  CD2 . TRP A 26 ? 0.14397 0.12740 0.11543 0.03938  -0.01815 0.03584  26  TRP A CD2 
431  N  NE1 . TRP A 26 ? 0.15700 0.13108 0.11057 0.03789  -0.03744 0.03656  26  TRP A NE1 
432  C  CE2 . TRP A 26 ? 0.14911 0.13141 0.10934 0.03926  -0.03006 0.03163  26  TRP A CE2 
433  C  CE3 . TRP A 26 ? 0.14936 0.13417 0.14715 0.04360  -0.02327 0.03430  26  TRP A CE3 
434  C  CZ2 . TRP A 26 ? 0.15914 0.14626 0.12460 0.03945  -0.03662 0.02489  26  TRP A CZ2 
435  C  CZ3 . TRP A 26 ? 0.15474 0.13637 0.16413 0.05162  -0.03093 0.02625  26  TRP A CZ3 
436  C  CH2 . TRP A 26 ? 0.15639 0.15540 0.14846 0.04145  -0.04074 0.03386  26  TRP A CH2 
447  N  N   . ALA A 27 ? 0.14037 0.11310 0.10885 0.03623  -0.01632 0.05311  27  ALA A N   
448  C  CA  . ALA A 27 ? 0.13796 0.12579 0.11322 0.03187  -0.02364 0.05786  27  ALA A CA  
449  C  C   . ALA A 27 ? 0.12841 0.11897 0.10942 0.03354  -0.03220 0.04844  27  ALA A C   
450  O  O   . ALA A 27 ? 0.12490 0.12810 0.11132 0.03466  -0.03104 0.04999  27  ALA A O   
451  C  CB  . ALA A 27 ? 0.14199 0.13764 0.12660 0.02139  -0.02446 0.05532  27  ALA A CB  
457  N  N   . PHE A 28 ? 0.13125 0.13450 0.11173 0.03360  -0.01698 0.06030  28  PHE A N   
458  C  CA  . PHE A 28 ? 0.12470 0.13345 0.11958 0.03171  -0.01250 0.06187  28  PHE A CA  
459  C  C   . PHE A 28 ? 0.12438 0.13461 0.11726 0.02743  -0.02508 0.05990  28  PHE A C   
460  O  O   . PHE A 28 ? 0.12412 0.14418 0.12941 0.03053  -0.02614 0.06001  28  PHE A O   
461  C  CB  . PHE A 28 ? 0.12738 0.12381 0.13476 0.02964  -0.01841 0.06518  28  PHE A CB  
462  C  CG  . PHE A 28 ? 0.13330 0.11367 0.12967 0.02963  -0.01992 0.06088  28  PHE A CG  
463  C  CD1 . PHE A 28 ? 0.13178 0.11830 0.13089 0.02768  -0.02303 0.05849  28  PHE A CD1 
464  C  CD2 . PHE A 28 ? 0.13675 0.15060 0.14085 0.03110  -0.01886 0.07486  28  PHE A CD2 
465  C  CE1 . PHE A 28 ? 0.14414 0.11558 0.12884 0.02545  -0.02192 0.04530  28  PHE A CE1 
466  C  CE2 . PHE A 28 ? 0.15857 0.14802 0.11837 0.03491  -0.02601 0.06419  28  PHE A CE2 
467  C  CZ  . PHE A 28 ? 0.15867 0.11418 0.11689 0.03837  -0.02070 0.05251  28  PHE A CZ  
477  N  N   . CYS A 29 ? 0.12479 0.13375 0.10648 0.02269  -0.01593 0.05639  29  CYS A N   
478  C  CA  . CYS A 29 ? 0.13052 0.13508 0.11311 0.02342  -0.03024 0.04730  29  CYS A CA  
479  C  C   . CYS A 29 ? 0.12548 0.14460 0.12356 0.02916  -0.03534 0.05777  29  CYS A C   
480  O  O   . CYS A 29 ? 0.15182 0.13105 0.10579 0.01844  -0.04139 0.05313  29  CYS A O   
481  C  CB  . CYS A 29 ? 0.14909 0.12369 0.11892 0.02187  -0.02759 0.04599  29  CYS A CB  
482  S  SG  . CYS A 29 ? 0.15503 0.13761 0.10219 0.02036  -0.03680 0.05536  29  CYS A SG  
487  N  N   . CYS A 30 ? 0.12937 0.17370 0.10459 0.02842  -0.03321 0.04972  30  CYS A N   
488  C  CA  . CYS A 30 ? 0.13861 0.18644 0.10813 0.02967  -0.02778 0.04708  30  CYS A CA  
489  C  C   . CYS A 30 ? 0.14066 0.21107 0.10371 0.01134  -0.02416 0.04767  30  CYS A C   
490  O  O   . CYS A 30 ? 0.16959 0.24456 0.13101 -0.00962 -0.01532 0.01808  30  CYS A O   
491  C  CB  . CYS A 30 ? 0.16416 0.20159 0.11067 0.04059  -0.03379 0.05407  30  CYS A CB  
492  S  SG  . CYS A 30 ? 0.17632 0.17481 0.12022 0.05754  -0.03818 0.04747  30  CYS A SG  
493  O  OXT . CYS A 30 ? 0.14762 0.19805 0.13029 0.01542  -0.01937 0.03978  30  CYS A OXT 
498  N  N   . ALA B 1  ? 0.20001 0.14467 0.20376 0.04633  -0.00419 0.03288  1   ALA B N   
499  C  CA  . ALA B 1  ? 0.17803 0.13567 0.15321 0.03990  -0.00763 0.05626  1   ALA B CA  
500  C  C   . ALA B 1  ? 0.17332 0.12624 0.14530 0.03042  -0.02186 0.06823  1   ALA B C   
501  O  O   . ALA B 1  ? 0.18984 0.13726 0.16666 0.02961  -0.00724 0.06839  1   ALA B O   
502  C  CB  . ALA B 1  ? 0.18209 0.15977 0.15615 0.03657  -0.01913 0.05334  1   ALA B CB  
510  N  N   . CYS B 2  ? 0.16468 0.10424 0.13216 0.03104  -0.02468 0.05880  2   CYS B N   
511  C  CA  . CYS B 2  ? 0.15726 0.10810 0.12181 0.02667  -0.03305 0.05437  2   CYS B CA  
512  C  C   . CYS B 2  ? 0.15651 0.09834 0.11367 0.01847  -0.03272 0.04740  2   CYS B C   
513  O  O   . CYS B 2  ? 0.15353 0.11232 0.12945 0.01946  -0.02111 0.04611  2   CYS B O   
514  C  CB  . CYS B 2  ? 0.18502 0.11671 0.13637 0.01349  -0.04856 0.05687  2   CYS B CB  
515  S  SG  . CYS B 2  ? 0.21174 0.12166 0.17277 0.01345  -0.07267 0.05320  2   CYS B SG  
520  N  N   . TYR B 3  ? 0.13152 0.10432 0.12540 0.02246  -0.03301 0.05219  3   TYR B N   
521  C  CA  . TYR B 3  ? 0.13688 0.11899 0.11884 0.02750  -0.02544 0.04063  3   TYR B CA  
522  C  C   . TYR B 3  ? 0.13461 0.10795 0.10877 0.02304  -0.02441 0.04145  3   TYR B C   
523  O  O   . TYR B 3  ? 0.13945 0.11529 0.11831 0.02273  -0.03269 0.03852  3   TYR B O   
524  C  CB  . TYR B 3  ? 0.14778 0.14708 0.12283 0.04819  -0.03220 0.04811  3   TYR B CB  
525  C  CG  . TYR B 3  ? 0.17137 0.14857 0.12719 0.05092  -0.03252 0.03821  3   TYR B CG  
526  C  CD1 . TYR B 3  ? 0.19381 0.17257 0.14144 0.05738  -0.04239 0.01738  3   TYR B CD1 
527  C  CD2 . TYR B 3  ? 0.16870 0.15993 0.15572 0.05277  -0.01744 0.04581  3   TYR B CD2 
528  C  CE1 . TYR B 3  ? 0.20868 0.19111 0.13984 0.05930  -0.05237 0.01872  3   TYR B CE1 
529  C  CE2 . TYR B 3  ? 0.19446 0.16249 0.16999 0.05725  -0.01223 0.02947  3   TYR B CE2 
530  C  CZ  . TYR B 3  ? 0.20529 0.19128 0.15481 0.05797  -0.02691 0.02332  3   TYR B CZ  
531  O  OH  . TYR B 3  ? 0.22845 0.20866 0.16994 0.05751  -0.02460 0.00847  3   TYR B OH  
541  N  N   . CYS B 4  ? 0.12987 0.10614 0.10383 0.01930  -0.02753 0.04886  4   CYS B N   
542  C  CA  . CYS B 4  ? 0.13719 0.09571 0.10365 0.02626  -0.02588 0.03496  4   CYS B CA  
543  C  C   . CYS B 4  ? 0.14170 0.10037 0.08930 0.02269  -0.02189 0.04610  4   CYS B C   
544  O  O   . CYS B 4  ? 0.14604 0.11271 0.09573 0.01493  -0.02792 0.05044  4   CYS B O   
545  C  CB  . CYS B 4  ? 0.13956 0.10054 0.10168 0.02475  -0.02885 0.04034  4   CYS B CB  
546  S  SG  . CYS B 4  ? 0.13460 0.10705 0.10420 0.02309  -0.01904 0.04812  4   CYS B SG  
551  N  N   A ARG B 5  ? 0.14537 0.10275 0.09414 0.01882  -0.02576 0.04972  5   ARG B N   
552  N  N   B ARG B 5  ? 0.13607 0.09887 0.09314 0.02793  -0.02414 0.04441  5   ARG B N   
553  C  CA  A ARG B 5  ? 0.14449 0.11204 0.10540 0.01958  -0.02659 0.05100  5   ARG B CA  
554  C  CA  B ARG B 5  ? 0.14573 0.10466 0.10113 0.02779  -0.02266 0.04761  5   ARG B CA  
555  C  C   A ARG B 5  ? 0.13709 0.12044 0.10849 0.01690  -0.02267 0.06152  5   ARG B C   
556  C  C   B ARG B 5  ? 0.13944 0.10662 0.09653 0.01951  -0.01536 0.05566  5   ARG B C   
557  O  O   A ARG B 5  ? 0.14279 0.12232 0.11081 0.01197  -0.02213 0.06027  5   ARG B O   
558  O  O   B ARG B 5  ? 0.13143 0.09647 0.09201 0.01381  -0.00989 0.05401  5   ARG B O   
559  C  CB  A ARG B 5  ? 0.14011 0.11865 0.11591 0.01788  -0.02712 0.05541  5   ARG B CB  
560  C  CB  B ARG B 5  ? 0.15056 0.11437 0.10970 0.02295  -0.02453 0.04791  5   ARG B CB  
561  C  CG  A ARG B 5  ? 0.11977 0.12626 0.11916 0.02396  -0.03489 0.05460  5   ARG B CG  
562  C  CG  B ARG B 5  ? 0.15006 0.10114 0.12559 0.02513  -0.01609 0.05657  5   ARG B CG  
563  C  CD  A ARG B 5  ? 0.12694 0.12605 0.11767 0.01534  -0.02075 0.06636  5   ARG B CD  
564  C  CD  B ARG B 5  ? 0.14897 0.11799 0.10905 0.02370  -0.01611 0.06018  5   ARG B CD  
565  N  NE  A ARG B 5  ? 0.13803 0.13164 0.13397 0.02260  -0.02820 0.06785  5   ARG B NE  
566  N  NE  B ARG B 5  ? 0.13395 0.12379 0.11642 0.03566  -0.01419 0.05594  5   ARG B NE  
567  C  CZ  A ARG B 5  ? 0.13630 0.14266 0.13676 0.02852  -0.03403 0.06366  5   ARG B CZ  
568  C  CZ  B ARG B 5  ? 0.12807 0.13686 0.12619 0.03606  -0.01747 0.05007  5   ARG B CZ  
569  N  NH1 A ARG B 5  ? 0.14700 0.15196 0.14369 0.02973  -0.03209 0.06443  5   ARG B NH1 
570  N  NH1 B ARG B 5  ? 0.11728 0.13932 0.11950 0.03399  -0.01529 0.05602  5   ARG B NH1 
571  N  NH2 A ARG B 5  ? 0.12769 0.16361 0.15054 0.03090  -0.03407 0.07005  5   ARG B NH2 
572  N  NH2 B ARG B 5  ? 0.13364 0.15411 0.11422 0.03268  -0.01644 0.03751  5   ARG B NH2 
599  N  N   . ILE B 6  ? 0.14340 0.11501 0.10662 0.02325  -0.02057 0.05235  6   ILE B N   
600  C  CA  . ILE B 6  ? 0.14575 0.11379 0.10382 0.02991  -0.02201 0.04782  6   ILE B CA  
601  C  C   . ILE B 6  ? 0.14593 0.11388 0.11400 0.02906  -0.02044 0.05320  6   ILE B C   
602  O  O   . ILE B 6  ? 0.17470 0.11363 0.10723 0.02343  -0.02132 0.05463  6   ILE B O   
603  C  CB  . ILE B 6  ? 0.15614 0.13131 0.11511 0.02922  -0.01798 0.06468  6   ILE B CB  
604  C  CG1 . ILE B 6  ? 0.14670 0.14932 0.14964 0.03577  -0.00555 0.07953  6   ILE B CG1 
605  C  CG2 . ILE B 6  ? 0.15810 0.12483 0.14480 0.04103  -0.01547 0.06596  6   ILE B CG2 
606  C  CD1 . ILE B 6  ? 0.15048 0.13505 0.17802 0.03910  0.00655  0.08242  6   ILE B CD1 
619  N  N   . PRO B 7  ? 0.17150 0.10921 0.11029 0.02412  -0.01590 0.05204  7   PRO B N   
620  C  CA  . PRO B 7  ? 0.17819 0.12342 0.11679 0.03235  -0.01514 0.04209  7   PRO B CA  
621  C  C   . PRO B 7  ? 0.17536 0.12875 0.10746 0.03072  -0.01819 0.03677  7   PRO B C   
622  O  O   . PRO B 7  ? 0.18122 0.19250 0.11556 0.04205  -0.01412 0.03530  7   PRO B O   
623  C  CB  . PRO B 7  ? 0.20019 0.12256 0.13014 0.03435  -0.01054 0.03541  7   PRO B CB  
624  C  CG  . PRO B 7  ? 0.20391 0.11233 0.14638 0.02678  -0.00713 0.03611  7   PRO B CG  
625  C  CD  . PRO B 7  ? 0.19112 0.10656 0.13895 0.01855  -0.01646 0.04251  7   PRO B CD  
633  N  N   . ALA B 8  ? 0.16526 0.12894 0.11677 0.02369  -0.02428 0.03547  8   ALA B N   
634  C  CA  . ALA B 8  ? 0.17065 0.12071 0.12137 0.01989  -0.01971 0.03488  8   ALA B CA  
635  C  C   . ALA B 8  ? 0.15476 0.11942 0.11572 0.02295  -0.01573 0.04429  8   ALA B C   
636  O  O   . ALA B 8  ? 0.16363 0.15031 0.12717 0.02718  -0.02052 0.03026  8   ALA B O   
637  C  CB  . ALA B 8  ? 0.16774 0.13415 0.16965 0.02351  -0.02436 0.03795  8   ALA B CB  
643  N  N   . CYS B 9  ? 0.15219 0.12475 0.12091 0.02418  -0.01355 0.04252  9   CYS B N   
644  C  CA  . CYS B 9  ? 0.15917 0.12422 0.12379 0.02114  -0.01915 0.05677  9   CYS B CA  
645  C  C   . CYS B 9  ? 0.15980 0.10425 0.12476 0.02835  -0.03479 0.03946  9   CYS B C   
646  O  O   . CYS B 9  ? 0.18563 0.10635 0.12874 0.02066  -0.01303 0.04121  9   CYS B O   
647  C  CB  . CYS B 9  ? 0.15535 0.11683 0.13987 0.01646  -0.01699 0.04963  9   CYS B CB  
648  S  SG  . CYS B 9  ? 0.15378 0.11299 0.11766 0.01676  -0.01758 0.04797  9   CYS B SG  
653  N  N   . ILE B 10 ? 0.15029 0.10358 0.11181 0.01533  -0.03077 0.04213  10  ILE B N   
654  C  CA  . ILE B 10 ? 0.14333 0.10794 0.12365 0.02307  -0.02964 0.05161  10  ILE B CA  
655  C  C   . ILE B 10 ? 0.14748 0.12053 0.11602 0.01590  -0.03019 0.05417  10  ILE B C   
656  O  O   . ILE B 10 ? 0.14484 0.10915 0.13549 0.01998  -0.03233 0.05172  10  ILE B O   
657  C  CB  . ILE B 10 ? 0.13992 0.13425 0.12621 0.02349  -0.03615 0.05481  10  ILE B CB  
658  C  CG1 . ILE B 10 ? 0.15443 0.14993 0.12097 0.01976  -0.02753 0.03252  10  ILE B CG1 
659  C  CG2 . ILE B 10 ? 0.14554 0.16402 0.16196 0.02999  -0.05055 0.06037  10  ILE B CG2 
660  C  CD1 . ILE B 10 ? 0.16354 0.18889 0.14282 0.01279  -0.03238 0.05581  10  ILE B CD1 
672  N  N   . ALA B 11 ? 0.13674 0.11435 0.11509 0.01558  -0.03142 0.04554  11  ALA B N   
673  C  CA  . ALA B 11 ? 0.13960 0.11517 0.11565 0.02189  -0.02613 0.04549  11  ALA B CA  
674  C  C   . ALA B 11 ? 0.13245 0.12936 0.10794 0.00919  -0.02480 0.04900  11  ALA B C   
675  O  O   . ALA B 11 ? 0.14478 0.14567 0.11411 0.00505  -0.03178 0.05151  11  ALA B O   
676  C  CB  . ALA B 11 ? 0.14477 0.14271 0.11795 0.02339  -0.02601 0.05700  11  ALA B CB  
682  N  N   . GLY B 12 ? 0.13278 0.11847 0.11528 0.02398  -0.03376 0.04722  12  GLY B N   
683  C  CA  . GLY B 12 ? 0.12851 0.14027 0.11608 0.02081  -0.03001 0.05550  12  GLY B CA  
684  C  C   . GLY B 12 ? 0.13033 0.12888 0.12403 0.02617  -0.03815 0.05229  12  GLY B C   
685  O  O   . GLY B 12 ? 0.13383 0.13755 0.13320 0.03244  -0.03179 0.06167  12  GLY B O   
689  N  N   . GLU B 13 ? 0.12290 0.12213 0.13104 0.02480  -0.03513 0.05681  13  GLU B N   
690  C  CA  . GLU B 13 ? 0.13276 0.11265 0.12429 0.02044  -0.03645 0.05520  13  GLU B CA  
691  C  C   . GLU B 13 ? 0.12261 0.11738 0.14096 0.02567  -0.03969 0.05094  13  GLU B C   
692  O  O   . GLU B 13 ? 0.14348 0.13207 0.13972 0.01292  -0.04287 0.05122  13  GLU B O   
693  C  CB  . GLU B 13 ? 0.13282 0.12551 0.13236 0.01643  -0.04277 0.05240  13  GLU B CB  
694  C  CG  . GLU B 13 ? 0.14161 0.11143 0.12591 0.02091  -0.03905 0.04797  13  GLU B CG  
695  C  CD  . GLU B 13 ? 0.14831 0.10163 0.12479 0.02195  -0.04660 0.04351  13  GLU B CD  
696  O  OE1 . GLU B 13 ? 0.13308 0.11133 0.14656 0.01665  -0.03707 0.06003  13  GLU B OE1 
697  O  OE2 . GLU B 13 ? 0.14824 0.12908 0.14061 0.02572  -0.03571 0.04437  13  GLU B OE2 
704  N  N   . ARG B 14 ? 0.14319 0.12939 0.12952 0.02382  -0.03041 0.05115  14  ARG B N   
705  C  CA  . ARG B 14 ? 0.14757 0.17347 0.12520 0.01678  -0.04380 0.06206  14  ARG B CA  
706  C  C   . ARG B 14 ? 0.13262 0.15895 0.13299 0.01507  -0.03376 0.05807  14  ARG B C   
707  O  O   . ARG B 14 ? 0.13457 0.17348 0.13485 0.02169  -0.02293 0.03986  14  ARG B O   
708  C  CB  . ARG B 14 ? 0.18041 0.18512 0.14516 0.02894  -0.02857 0.08389  14  ARG B CB  
709  C  CG  . ARG B 14 ? 0.19164 0.23297 0.16104 0.03519  -0.03081 0.09553  14  ARG B CG  
710  C  CD  . ARG B 14 ? 0.21658 0.27087 0.16513 0.02226  -0.04850 0.08058  14  ARG B CD  
711  N  NE  . ARG B 14 ? 0.24925 0.29724 0.16259 0.00631  -0.04939 0.07768  14  ARG B NE  
712  C  CZ  . ARG B 14 ? 0.26647 0.33397 0.14989 -0.00537 -0.04372 0.06784  14  ARG B CZ  
713  N  NH1 . ARG B 14 ? 0.27558 0.31618 0.13646 -0.01444 -0.04357 0.06657  14  ARG B NH1 
714  N  NH2 . ARG B 14 ? 0.28011 0.37165 0.15737 -0.00414 -0.02275 0.07519  14  ARG B NH2 
728  N  N   . ARG B 15 ? 0.14379 0.15043 0.12469 0.00555  -0.03384 0.04936  15  ARG B N   
729  C  CA  . ARG B 15 ? 0.14609 0.14450 0.11972 0.01173  -0.03418 0.04773  15  ARG B CA  
730  C  C   . ARG B 15 ? 0.16783 0.13050 0.12137 0.01562  -0.04783 0.04784  15  ARG B C   
731  O  O   . ARG B 15 ? 0.17916 0.16549 0.12957 0.00132  -0.05288 0.05879  15  ARG B O   
732  C  CB  . ARG B 15 ? 0.15754 0.15259 0.11862 0.01097  -0.03519 0.03936  15  ARG B CB  
733  C  CG  . ARG B 15 ? 0.17078 0.14302 0.13536 0.01424  -0.02776 0.03995  15  ARG B CG  
734  C  CD  . ARG B 15 ? 0.18089 0.14077 0.15688 0.01568  -0.02802 0.04265  15  ARG B CD  
735  N  NE  . ARG B 15 ? 0.19079 0.12562 0.15211 0.01383  -0.02461 0.04203  15  ARG B NE  
736  C  CZ  . ARG B 15 ? 0.20935 0.13145 0.15368 0.02220  -0.01337 0.04650  15  ARG B CZ  
737  N  NH1 . ARG B 15 ? 0.21269 0.13047 0.21948 0.02854  -0.00304 0.05048  15  ARG B NH1 
738  N  NH2 . ARG B 15 ? 0.20347 0.12612 0.16974 0.04669  -0.00876 0.04028  15  ARG B NH2 
752  N  N   . TYR B 16 ? 0.15575 0.12497 0.11132 0.02207  -0.04018 0.05057  16  TYR B N   
753  C  CA  . TYR B 16 ? 0.16774 0.14204 0.12622 0.01769  -0.03560 0.05756  16  TYR B CA  
754  C  C   . TYR B 16 ? 0.17008 0.15540 0.09899 0.00902  -0.03581 0.05557  16  TYR B C   
755  O  O   . TYR B 16 ? 0.16898 0.18099 0.12194 0.00040  -0.02609 0.04951  16  TYR B O   
756  C  CB  . TYR B 16 ? 0.18397 0.12737 0.15531 0.02458  -0.03810 0.04749  16  TYR B CB  
757  C  CG  . TYR B 16 ? 0.19688 0.13548 0.14581 0.03773  -0.04780 0.03817  16  TYR B CG  
758  C  CD1 . TYR B 16 ? 0.19995 0.15297 0.16580 0.04076  -0.05452 0.03617  16  TYR B CD1 
759  C  CD2 . TYR B 16 ? 0.21488 0.13650 0.16445 0.05046  -0.04328 0.03099  16  TYR B CD2 
760  C  CE1 . TYR B 16 ? 0.21299 0.17432 0.16649 0.04139  -0.05189 0.01244  16  TYR B CE1 
761  C  CE2 . TYR B 16 ? 0.23078 0.15055 0.17381 0.05915  -0.06439 0.01228  16  TYR B CE2 
762  C  CZ  . TYR B 16 ? 0.20921 0.17557 0.21581 0.06465  -0.05630 0.00595  16  TYR B CZ  
763  O  OH  . TYR B 16 ? 0.21265 0.21119 0.24633 0.07047  -0.05620 -0.01068 16  TYR B OH  
773  N  N   . GLY B 17 ? 0.14640 0.17724 0.10660 0.01707  -0.03222 0.06284  17  GLY B N   
774  C  CA  . GLY B 17 ? 0.15275 0.17044 0.12502 0.01996  -0.02940 0.06450  17  GLY B CA  
775  C  C   . GLY B 17 ? 0.15777 0.12964 0.10972 0.02747  -0.02575 0.04867  17  GLY B C   
776  O  O   . GLY B 17 ? 0.16046 0.12527 0.11337 0.02331  -0.02383 0.05098  17  GLY B O   
780  N  N   . THR B 18 ? 0.16250 0.12789 0.10216 0.02487  -0.02417 0.05841  18  THR B N   
781  C  CA  . THR B 18 ? 0.16445 0.11784 0.10547 0.03020  -0.02293 0.04532  18  THR B CA  
782  C  C   . THR B 18 ? 0.14271 0.12390 0.10510 0.03535  -0.02668 0.04832  18  THR B C   
783  O  O   . THR B 18 ? 0.17003 0.15214 0.09447 0.02386  -0.02767 0.05645  18  THR B O   
784  C  CB  . THR B 18 ? 0.18618 0.12561 0.10061 0.03144  -0.02415 0.03546  18  THR B CB  
785  O  OG1 . THR B 18 ? 0.19259 0.13677 0.13955 0.03425  -0.02273 0.02886  18  THR B OG1 
786  C  CG2 . THR B 18 ? 0.18175 0.14014 0.12255 0.04366  -0.02451 0.04255  18  THR B CG2 
794  N  N   . CYS B 19 ? 0.13315 0.12078 0.09755 0.03610  -0.01985 0.04898  19  CYS B N   
795  C  CA  . CYS B 19 ? 0.14742 0.11207 0.10126 0.03329  -0.01781 0.05139  19  CYS B CA  
796  C  C   . CYS B 19 ? 0.15293 0.11380 0.11101 0.04288  -0.01324 0.05078  19  CYS B C   
797  O  O   . CYS B 19 ? 0.14558 0.11784 0.12366 0.04722  -0.00645 0.05515  19  CYS B O   
798  C  CB  . CYS B 19 ? 0.12128 0.12366 0.10365 0.04436  -0.01934 0.04420  19  CYS B CB  
799  S  SG  . CYS B 19 ? 0.13028 0.12390 0.10264 0.03455  -0.01921 0.04913  19  CYS B SG  
804  N  N   . ILE B 20 ? 0.14372 0.12942 0.10882 0.04253  -0.01478 0.05446  20  ILE B N   
805  C  CA  . ILE B 20 ? 0.14869 0.13400 0.10799 0.04760  -0.01670 0.05114  20  ILE B CA  
806  C  C   . ILE B 20 ? 0.13847 0.13315 0.11844 0.05082  -0.00436 0.05665  20  ILE B C   
807  O  O   . ILE B 20 ? 0.14829 0.13303 0.11927 0.03961  -0.01980 0.05981  20  ILE B O   
808  C  CB  . ILE B 20 ? 0.16652 0.14989 0.11178 0.05229  -0.00929 0.05251  20  ILE B CB  
809  C  CG1 . ILE B 20 ? 0.18821 0.17173 0.10492 0.04588  0.00465  0.04345  20  ILE B CG1 
810  C  CG2 . ILE B 20 ? 0.16477 0.19670 0.12551 0.06538  -0.00628 0.05999  20  ILE B CG2 
811  C  CD1 . ILE B 20 ? 0.20543 0.21307 0.13162 0.03401  0.00717  0.06240  20  ILE B CD1 
823  N  N   . 3CT B 21 ? 0.14156 0.15122 0.11208 0.04793  -0.01090 0.05891  21  3CT B N   
824  C  CA  . 3CT B 21 ? 0.13706 0.15655 0.10712 0.04694  -0.01862 0.05364  21  3CT B CA  
825  C  CB  . 3CT B 21 ? 0.14724 0.14575 0.12265 0.04394  -0.02872 0.05683  21  3CT B CB  
826  C  CG  . 3CT B 21 ? 0.14461 0.14000 0.10660 0.03427  -0.03201 0.05339  21  3CT B CG  
827  C  CD2 . 3CT B 21 ? 0.14064 0.14759 0.11672 0.02905  -0.03350 0.05345  21  3CT B CD2 
828  C  CE2 . 3CT B 21 ? 0.14937 0.15254 0.10516 0.01678  -0.03038 0.04609  21  3CT B CE2 
829  CL CL  . 3CT B 21 ? 0.21106 0.17447 0.12236 -0.01609 0.00063  0.02699  21  3CT B CL  
830  C  CZ  . 3CT B 21 ? 0.14975 0.13933 0.11224 0.03052  -0.03941 0.04820  21  3CT B CZ  
831  O  OH  . 3CT B 21 ? 0.17299 0.13475 0.11403 0.02570  -0.04283 0.04828  21  3CT B OH  
832  C  CE1 . 3CT B 21 ? 0.14175 0.14035 0.12771 0.03394  -0.04334 0.05136  21  3CT B CE1 
833  C  CD1 . 3CT B 21 ? 0.15098 0.14601 0.12330 0.02860  -0.03059 0.06588  21  3CT B CD1 
834  C  C   . 3CT B 21 ? 0.13350 0.16391 0.10738 0.05536  -0.00814 0.05411  21  3CT B C   
835  O  O   . 3CT B 21 ? 0.14295 0.15319 0.11955 0.05141  -0.00486 0.06284  21  3CT B O   
842  N  N   . GLN B 22 ? 0.13220 0.18811 0.10568 0.05018  -0.01005 0.05888  22  GLN B N   
843  C  CA  . GLN B 22 ? 0.15846 0.18818 0.10075 0.05608  -0.01632 0.05151  22  GLN B CA  
844  C  C   . GLN B 22 ? 0.16040 0.19315 0.11444 0.07016  -0.01526 0.05022  22  GLN B C   
845  O  O   . GLN B 22 ? 0.19240 0.19655 0.12117 0.08165  -0.00362 0.05656  22  GLN B O   
846  C  CB  . GLN B 22 ? 0.16374 0.18070 0.11663 0.05716  -0.02595 0.05390  22  GLN B CB  
847  C  CG  . GLN B 22 ? 0.16805 0.18502 0.10808 0.04676  -0.02241 0.05961  22  GLN B CG  
848  C  CD  . GLN B 22 ? 0.18235 0.16664 0.11258 0.05210  -0.03007 0.03558  22  GLN B CD  
849  O  OE1 . GLN B 22 ? 0.20574 0.17247 0.10311 0.03632  -0.01315 0.03928  22  GLN B OE1 
850  N  NE2 . GLN B 22 ? 0.19945 0.19529 0.09923 0.04601  -0.01968 0.03916  22  GLN B NE2 
859  N  N   . GLY B 23 ? 0.15851 0.20146 0.10018 0.06190  -0.01271 0.05034  23  GLY B N   
860  C  CA  . GLY B 23 ? 0.15490 0.20047 0.11916 0.07770  -0.01154 0.04790  23  GLY B CA  
861  C  C   . GLY B 23 ? 0.15998 0.19243 0.11581 0.07838  -0.00890 0.04753  23  GLY B C   
862  O  O   . GLY B 23 ? 0.17343 0.20806 0.14686 0.09999  -0.00698 0.04159  23  GLY B O   
866  N  N   . ARG B 24 ? 0.15865 0.17706 0.10792 0.06359  -0.00423 0.05611  24  ARG B N   
867  C  CA  . ARG B 24 ? 0.15261 0.17026 0.11062 0.06158  0.00086  0.05952  24  ARG B CA  
868  C  C   . ARG B 24 ? 0.15553 0.14884 0.10496 0.05492  0.00149  0.05659  24  ARG B C   
869  O  O   . ARG B 24 ? 0.15786 0.14151 0.10997 0.05209  -0.00640 0.05580  24  ARG B O   
870  C  CB  . ARG B 24 ? 0.15768 0.16293 0.11272 0.06232  -0.00401 0.05637  24  ARG B CB  
871  C  CG  . ARG B 24 ? 0.16795 0.16134 0.11376 0.05497  -0.00449 0.06192  24  ARG B CG  
872  C  CD  . ARG B 24 ? 0.18080 0.16084 0.10254 0.05425  -0.01724 0.05077  24  ARG B CD  
873  N  NE  . ARG B 24 ? 0.16811 0.15408 0.10603 0.05334  -0.01378 0.05347  24  ARG B NE  
874  C  CZ  . ARG B 24 ? 0.16527 0.15378 0.10615 0.04719  -0.02405 0.05255  24  ARG B CZ  
875  N  NH1 . ARG B 24 ? 0.16975 0.13270 0.11921 0.04254  -0.01818 0.05948  24  ARG B NH1 
876  N  NH2 . ARG B 24 ? 0.19299 0.14528 0.11592 0.05137  -0.02147 0.04879  24  ARG B NH2 
890  N  N   . LEU B 25 ? 0.16670 0.14548 0.11891 0.06609  -0.00296 0.05165  25  LEU B N   
891  C  CA  . LEU B 25 ? 0.18177 0.12327 0.11275 0.06681  -0.00945 0.03629  25  LEU B CA  
892  C  C   . LEU B 25 ? 0.18290 0.12509 0.09949 0.05855  -0.00302 0.04172  25  LEU B C   
893  O  O   . LEU B 25 ? 0.18477 0.14274 0.13868 0.06862  0.01017  0.06050  25  LEU B O   
894  C  CB  . LEU B 25 ? 0.18602 0.15464 0.12291 0.05893  -0.00107 0.05237  25  LEU B CB  
895  C  CG  . LEU B 25 ? 0.20043 0.18217 0.12692 0.05611  -0.00028 0.04600  25  LEU B CG  
896  C  CD1 . LEU B 25 ? 0.22934 0.20019 0.13628 0.04929  0.00489  0.02605  25  LEU B CD1 
897  C  CD2 . LEU B 25 ? 0.19845 0.18530 0.14657 0.05897  0.00219  0.06662  25  LEU B CD2 
909  N  N   . TRP B 26 ? 0.16390 0.11820 0.09906 0.04563  -0.00668 0.04751  26  TRP B N   
910  C  CA  . TRP B 26 ? 0.15489 0.12386 0.10061 0.04882  -0.00437 0.04915  26  TRP B CA  
911  C  C   . TRP B 26 ? 0.14739 0.11160 0.10303 0.04068  -0.01707 0.04696  26  TRP B C   
912  O  O   . TRP B 26 ? 0.15258 0.12877 0.10984 0.03575  -0.02036 0.05758  26  TRP B O   
913  C  CB  . TRP B 26 ? 0.15283 0.11914 0.11137 0.04978  -0.01167 0.04643  26  TRP B CB  
914  C  CG  . TRP B 26 ? 0.14450 0.11389 0.11049 0.04777  -0.01746 0.04448  26  TRP B CG  
915  C  CD1 . TRP B 26 ? 0.13826 0.13546 0.10951 0.04910  -0.01504 0.05068  26  TRP B CD1 
916  C  CD2 . TRP B 26 ? 0.15101 0.11761 0.10010 0.03151  -0.02523 0.05087  26  TRP B CD2 
917  N  NE1 . TRP B 26 ? 0.13281 0.13974 0.10929 0.04278  -0.00833 0.05877  26  TRP B NE1 
918  C  CE2 . TRP B 26 ? 0.14079 0.13204 0.10550 0.03398  -0.02000 0.05687  26  TRP B CE2 
919  C  CE3 . TRP B 26 ? 0.15224 0.13157 0.09995 0.03750  -0.01035 0.05615  26  TRP B CE3 
920  C  CZ2 . TRP B 26 ? 0.14730 0.17012 0.11771 0.03071  -0.02783 0.06283  26  TRP B CZ2 
921  C  CZ3 . TRP B 26 ? 0.16371 0.16818 0.11803 0.02916  -0.00623 0.07660  26  TRP B CZ3 
922  C  CH2 . TRP B 26 ? 0.16346 0.17471 0.10078 0.03092  -0.02388 0.06177  26  TRP B CH2 
933  N  N   . ALA B 27 ? 0.14919 0.11655 0.10176 0.03591  -0.01984 0.04953  27  ALA B N   
934  C  CA  . ALA B 27 ? 0.15382 0.11362 0.10749 0.02043  -0.02674 0.04367  27  ALA B CA  
935  C  C   . ALA B 27 ? 0.14129 0.10324 0.11224 0.02526  -0.02466 0.05454  27  ALA B C   
936  O  O   . ALA B 27 ? 0.16384 0.11877 0.10192 0.02471  -0.03223 0.05141  27  ALA B O   
937  C  CB  . ALA B 27 ? 0.16068 0.10392 0.11943 0.02330  -0.01767 0.03668  27  ALA B CB  
943  N  N   . PHE B 28 ? 0.13717 0.10905 0.09840 0.02793  -0.03073 0.04311  28  PHE B N   
944  C  CA  . PHE B 28 ? 0.13252 0.10047 0.10207 0.02723  -0.03329 0.04330  28  PHE B CA  
945  C  C   . PHE B 28 ? 0.13773 0.09932 0.10506 0.02595  -0.02372 0.04649  28  PHE B C   
946  O  O   . PHE B 28 ? 0.14080 0.14852 0.10844 0.02602  -0.03137 0.05289  28  PHE B O   
947  C  CB  . PHE B 28 ? 0.13309 0.11131 0.10110 0.02632  -0.03132 0.04164  28  PHE B CB  
948  C  CG  . PHE B 28 ? 0.13344 0.10410 0.12489 0.02952  -0.02709 0.05044  28  PHE B CG  
949  C  CD1 . PHE B 28 ? 0.13924 0.11662 0.13750 0.02684  -0.02896 0.05245  28  PHE B CD1 
950  C  CD2 . PHE B 28 ? 0.15139 0.12553 0.14585 0.03409  -0.02511 0.05634  28  PHE B CD2 
951  C  CE1 . PHE B 28 ? 0.15209 0.12263 0.13607 0.02056  -0.01837 0.03620  28  PHE B CE1 
952  C  CE2 . PHE B 28 ? 0.15578 0.11999 0.16888 0.03792  -0.00605 0.07120  28  PHE B CE2 
953  C  CZ  . PHE B 28 ? 0.16736 0.12328 0.15675 0.02249  -0.00443 0.04370  28  PHE B CZ  
963  N  N   . CYS B 29 ? 0.13460 0.10627 0.11272 0.02181  -0.02258 0.03724  29  CYS B N   
964  C  CA  . CYS B 29 ? 0.13886 0.10478 0.11633 0.02005  -0.02155 0.04430  29  CYS B CA  
965  C  C   . CYS B 29 ? 0.14079 0.10110 0.13096 0.01935  -0.03509 0.04532  29  CYS B C   
966  O  O   . CYS B 29 ? 0.13075 0.11406 0.12913 0.02547  -0.02514 0.03761  29  CYS B O   
967  C  CB  . CYS B 29 ? 0.13285 0.10291 0.12566 0.02288  -0.01935 0.04751  29  CYS B CB  
968  S  SG  . CYS B 29 ? 0.13959 0.10331 0.12261 0.02598  -0.01898 0.04661  29  CYS B SG  
973  N  N   . CYS B 30 ? 0.14852 0.10706 0.14003 0.03188  -0.04629 0.04123  30  CYS B N   
974  C  CA  . CYS B 30 ? 0.17050 0.11176 0.18063 0.04172  -0.03964 0.04279  30  CYS B CA  
975  C  C   . CYS B 30 ? 0.16594 0.18183 0.19824 0.05334  -0.02095 0.01486  30  CYS B C   
976  O  O   . CYS B 30 ? 0.17093 0.15526 0.23758 0.02790  0.01096  0.03873  30  CYS B O   
977  C  CB  . CYS B 30 ? 0.18133 0.12496 0.16146 0.02682  -0.05463 0.05812  30  CYS B CB  
978  S  SG  . CYS B 30 ? 0.21921 0.12841 0.15163 0.00660  -0.06034 0.06044  30  CYS B SG  
979  O  OXT . CYS B 30 ? 0.18336 0.31275 0.22399 0.05119  -0.01271 0.01054  30  CYS B OXT 
984  C  C   . ACT C .  ? 0.63402 0.34668 0.31129 -0.15253 -0.04737 0.02561  101 ACT A C   
985  O  O   . ACT C .  ? 0.63019 0.35087 0.37035 -0.14753 -0.04547 0.03418  101 ACT A O   
986  O  OXT . ACT C .  ? 0.64489 0.31640 0.23561 -0.16272 -0.04858 0.01248  101 ACT A OXT 
987  C  CH3 . ACT C .  ? 0.63172 0.37376 0.30055 -0.15443 -0.04462 0.02801  101 ACT A CH3 
991  C  C   . ACT D .  ? 0.31471 0.30510 0.24206 0.07638  0.06427  0.10793  102 ACT A C   
992  O  O   . ACT D .  ? 0.27483 0.21773 0.16005 0.07828  0.04254  0.09133  102 ACT A O   
993  O  OXT . ACT D .  ? 0.31728 0.36863 0.30014 0.07486  0.06772  0.11328  102 ACT A OXT 
994  C  CH3 . ACT D .  ? 0.33630 0.33393 0.26593 0.07118  0.06397  0.09992  102 ACT A CH3 
998  C  C   . ACT E .  ? 0.16832 0.11853 0.12445 0.02794  -0.02027 0.04831  101 ACT B C   
999  O  O   . ACT E .  ? 0.15936 0.12579 0.11724 0.02153  -0.02515 0.04253  101 ACT B O   
1000 O  OXT . ACT E .  ? 0.19703 0.12733 0.13819 0.04386  -0.02459 0.04620  101 ACT B OXT 
1001 C  CH3 . ACT E .  ? 0.17102 0.12912 0.15143 0.01848  -0.02468 0.03479  101 ACT B CH3 
1005 C  C   . ACT F .  ? 0.31743 0.26657 0.39505 0.08166  -0.00973 0.16160  102 ACT B C   
1006 O  O   . ACT F .  ? 0.29329 0.33151 0.43471 0.07129  0.00519  0.20562  102 ACT B O   
1007 O  OXT . ACT F .  ? 0.33225 0.22397 0.35266 0.10506  -0.02913 0.11329  102 ACT B OXT 
1008 C  CH3 . ACT F .  ? 0.33701 0.25181 0.38103 0.06921  -0.01088 0.16087  102 ACT B CH3 
1012 O  O   . HOH G .  ? 0.55951 0.52839 0.28126 -0.03489 -0.14589 0.00244  201 HOH A O   
1013 O  O   . HOH G .  ? 0.15957 0.12888 0.10985 0.02321  -0.03022 0.06066  202 HOH A O   
1014 O  O   . HOH G .  ? 0.31366 0.16313 0.23508 0.05490  -0.06474 0.02367  203 HOH A O   
1015 O  O   . HOH G .  ? 0.23895 0.18906 0.32195 0.04559  -0.12200 0.04793  204 HOH A O   
1016 O  O   . HOH G .  ? 0.17692 0.16949 0.14121 0.03385  -0.05329 0.06502  205 HOH A O   
1017 O  O   . HOH G .  ? 0.28537 0.54713 0.33415 0.09425  -0.05425 0.17222  206 HOH A O   
1018 O  O   . HOH G .  ? 0.21765 0.36709 0.39614 -0.06417 -0.09814 0.18665  207 HOH A O   
1019 O  O   . HOH G .  ? 0.51204 0.62759 0.26058 -0.15564 0.08686  -0.06328 208 HOH A O   
1020 O  O   . HOH G .  ? 0.21323 0.28936 0.14687 0.04460  -0.02206 0.05504  209 HOH A O   
1021 O  O   . HOH G .  ? 0.65261 0.23409 0.34998 -0.00323 0.13322  0.08803  210 HOH A O   
1022 O  O   . HOH G .  ? 0.34066 0.26394 0.27616 0.05605  0.00867  0.11187  211 HOH A O   
1023 O  O   . HOH G .  ? 0.17764 0.11646 0.19574 0.00640  0.00847  0.02799  212 HOH A O   
1024 O  O   . HOH G .  ? 0.16372 0.13002 0.15820 0.03771  -0.01994 0.06794  213 HOH A O   
1025 O  O   . HOH G .  ? 0.51910 0.70710 0.30546 0.10458  0.12159  -0.09114 214 HOH A O   
1026 O  O   . HOH G .  ? 0.18798 0.20493 0.22169 -0.02397 -0.00455 0.00893  215 HOH A O   
1027 O  O   . HOH G .  ? 0.24679 0.32200 0.63902 0.00751  0.02356  0.24017  216 HOH A O   
1028 O  O   . HOH G .  ? 0.29636 0.78189 0.30311 0.09751  -0.07452 0.06702  217 HOH A O   
1029 O  O   . HOH G .  ? 0.36435 0.25028 0.15222 -0.06117 -0.04184 0.03748  218 HOH A O   
1030 O  O   . HOH G .  ? 0.34887 0.23878 0.50193 0.02804  -0.18591 -0.04435 219 HOH A O   
1031 O  O   . HOH G .  ? 0.22665 0.31444 0.19321 -0.06247 0.00948  0.05881  220 HOH A O   
1032 O  O   . HOH G .  ? 0.58555 0.47754 0.49040 -0.22962 -0.06109 0.21534  221 HOH A O   
1033 O  O   . HOH G .  ? 0.16537 0.13120 0.13208 0.04601  -0.03520 0.02240  222 HOH A O   
1034 O  O   . HOH G .  ? 0.36139 0.35451 0.20258 0.18591  0.07896  0.10370  223 HOH A O   
1035 O  O   . HOH G .  ? 0.15535 0.13827 0.11217 0.04748  -0.03905 0.04045  224 HOH A O   
1036 O  O   . HOH G .  ? 0.40353 0.18994 0.37305 0.06537  0.20642  0.08289  225 HOH A O   
1037 O  O   . HOH G .  ? 0.72104 0.32302 0.26289 -0.19081 0.13697  -0.02191 226 HOH A O   
1038 O  O   . HOH G .  ? 0.45494 0.63560 0.55071 -0.08851 -0.01719 0.11652  227 HOH A O   
1039 O  O   . HOH G .  ? 0.76530 0.50652 0.55149 -0.10331 0.07325  0.07684  228 HOH A O   
1040 O  O   . HOH G .  ? 0.64385 0.24357 0.34027 0.04439  0.01345  0.05293  229 HOH A O   
1041 O  O   . HOH G .  ? 0.49421 0.24623 0.43127 0.05580  -0.15911 -0.01382 230 HOH A O   
1042 O  O   . HOH G .  ? 0.20346 0.27994 0.30753 0.09821  0.08656  0.15196  231 HOH A O   
1043 O  O   . HOH G .  ? 0.47028 0.64521 0.29220 0.17663  -0.10289 -0.15488 232 HOH A O   
1044 O  O   . HOH G .  ? 0.43014 0.26387 0.34032 -0.11727 0.08225  0.01136  233 HOH A O   
1045 O  O   . HOH G .  ? 0.55937 0.30999 0.66501 0.10983  -0.19843 -0.08935 234 HOH A O   
1046 O  O   . HOH G .  ? 0.57894 0.63577 0.73994 -0.00912 -0.00526 0.03477  235 HOH A O   
1047 O  O   . HOH G .  ? 0.38210 0.38294 0.74005 -0.08472 0.13653  0.10101  236 HOH A O   
1048 O  O   . HOH G .  ? 0.26939 0.20413 0.22616 0.01143  0.02588  0.05848  237 HOH A O   
1049 O  O   . HOH G .  ? 0.19426 0.17306 0.16390 0.00859  -0.01464 0.09573  238 HOH A O   
1050 O  O   . HOH G .  ? 0.45716 0.45572 0.80654 0.23063  0.07253  0.08704  239 HOH A O   
1051 O  O   . HOH G .  ? 0.41411 1.00215 0.36091 0.25397  -0.07700 -0.06391 240 HOH A O   
1052 O  O   . HOH H .  ? 0.21602 0.12698 0.13153 0.00881  0.02302  0.05006  201 HOH B O   
1053 O  O   . HOH H .  ? 0.35208 0.25368 0.24216 0.11519  0.08358  0.03505  202 HOH B O   
1054 O  O   . HOH H .  ? 0.33597 0.14440 0.17540 0.01658  0.06848  0.04639  203 HOH B O   
1055 O  O   . HOH H .  ? 0.12975 0.15093 0.10387 0.02508  -0.02205 0.03450  204 HOH B O   
1056 O  O   . HOH H .  ? 0.18104 0.19114 0.12547 0.07085  -0.02083 0.05025  205 HOH B O   
1057 O  O   . HOH H .  ? 0.32344 0.14285 0.22933 0.04061  0.03144  0.07729  206 HOH B O   
1058 O  O   . HOH H .  ? 0.29055 0.54035 0.49589 0.00043  -0.02692 -0.20266 207 HOH B O   
1059 O  O   . HOH H .  ? 0.27749 0.24854 0.19145 0.04571  -0.06710 0.02606  208 HOH B O   
1060 O  O   . HOH H .  ? 0.15633 0.13574 0.51855 0.00615  0.07027  0.02904  209 HOH B O   
1061 O  O   . HOH H .  ? 0.25523 0.42070 0.16694 -0.06955 -0.04715 0.00890  210 HOH B O   
1062 O  O   . HOH H .  ? 0.16613 0.13796 0.16498 0.03013  -0.00837 0.04369  211 HOH B O   
1063 O  O   . HOH H .  ? 0.51242 0.23612 0.28679 -0.07393 -0.10184 -0.03799 212 HOH B O   
1064 O  O   . HOH H .  ? 0.24654 0.23707 0.28390 0.04785  0.02345  0.00461  213 HOH B O   
1065 O  O   . HOH H .  ? 0.69401 0.67173 0.44999 0.06824  -0.03181 -0.02138 214 HOH B O   
1066 O  O   . HOH H .  ? 0.27095 0.21252 0.11928 -0.06911 -0.02824 0.03672  215 HOH B O   
1067 O  O   . HOH H .  ? 0.37657 0.72621 0.39779 -0.20301 0.14760  -0.23320 216 HOH B O   
1068 O  O   . HOH H .  ? 0.23251 0.13238 0.12872 -0.01989 0.00441  0.02715  217 HOH B O   
1069 O  O   . HOH H .  ? 0.23001 0.28957 0.21511 0.06119  0.05501  0.08196  218 HOH B O   
1070 O  O   . HOH H .  ? 0.13652 0.11275 0.12214 0.01357  -0.02445 0.04108  219 HOH B O   
1071 O  O   . HOH H .  ? 0.42559 0.34328 0.17662 0.09141  -0.10659 0.00133  220 HOH B O   
1072 O  O   . HOH H .  ? 0.26842 0.58687 0.46458 0.03230  -0.13175 -0.15435 221 HOH B O   
1073 O  O   . HOH H .  ? 0.30811 0.23207 0.20945 0.01004  -0.10018 0.07536  222 HOH B O   
1074 O  O   . HOH H .  ? 0.26414 0.24357 0.19156 -0.02619 -0.03584 0.02317  223 HOH B O   
1075 O  O   . HOH H .  ? 0.16416 0.10908 0.25907 0.01799  -0.06899 0.04842  224 HOH B O   
1076 O  O   . HOH H .  ? 0.19949 0.34633 0.77291 -0.00742 -0.01438 -0.09556 225 HOH B O   
1077 O  O   . HOH H .  ? 0.19588 0.18152 0.13490 -0.00122 -0.01125 0.09062  226 HOH B O   
1078 O  O   . HOH H .  ? 0.37949 0.19063 0.18977 -0.02813 -0.09193 0.07373  227 HOH B O   
1079 O  O   . HOH H .  ? 0.14193 0.10946 0.15603 0.02816  -0.04625 0.03770  228 HOH B O   
1080 O  O   . HOH H .  ? 0.21712 0.13358 0.25222 0.01330  -0.00017 0.04544  229 HOH B O   
1081 O  O   . HOH H .  ? 0.58321 0.56643 0.31132 0.03761  -0.09039 0.02895  230 HOH B O   
1082 O  O   . HOH H .  ? 0.31818 0.52286 0.90892 0.01877  0.09204  -0.07850 231 HOH B O   
1083 O  O   . HOH H .  ? 0.17910 0.36277 0.25386 0.04619  0.01027  0.07983  232 HOH B O   
1084 O  O   . HOH H .  ? 0.27679 0.21720 0.23635 0.07071  0.05390  0.07351  233 HOH B O   
1085 O  O   . HOH H .  ? 0.57922 0.53363 0.35203 0.03269  -0.15792 -0.07825 234 HOH B O   
1086 O  O   . HOH H .  ? 0.19411 0.20511 0.47836 0.00164  -0.06305 0.01711  235 HOH B O   
1087 O  O   . HOH H .  ? 0.46054 0.29686 0.18527 -0.00052 -0.06763 0.02931  236 HOH B O   
1088 O  O   . HOH H .  ? 0.21866 0.22580 0.23939 0.02610  0.03895  0.02117  237 HOH B O   
1089 O  O   . HOH H .  ? 0.33097 0.32799 0.30739 0.04405  -0.01567 -0.09144 238 HOH B O   
1090 O  O   . HOH H .  ? 0.51706 0.50324 0.35678 0.21602  0.14020  0.07811  239 HOH B O   
1091 O  O   . HOH H .  ? 0.35325 0.54890 0.39676 0.04870  -0.04633 -0.19789 240 HOH B O   
1092 O  O   . HOH H .  ? 0.60112 0.71334 0.63373 -0.13798 -0.04863 -0.03642 241 HOH B O   
1093 O  O   . HOH H .  ? 0.71313 0.30617 0.65647 0.02486  0.01511  -0.05872 242 HOH B O   
1094 O  O   . HOH H .  ? 0.53581 0.55374 0.55440 0.00431  -0.25324 0.04161  243 HOH B O   
1095 O  O   . HOH H .  ? 0.38146 0.25904 0.17134 0.13542  0.01133  0.06399  244 HOH B O   
# 
